data_2OZ9
# 
_entry.id   2OZ9 
# 
_audit_conform.dict_name       mmcif_pdbx.dic 
_audit_conform.dict_version    5.377 
_audit_conform.dict_location   http://mmcif.pdb.org/dictionaries/ascii/mmcif_pdbx.dic 
# 
loop_
_database_2.database_id 
_database_2.database_code 
_database_2.pdbx_database_accession 
_database_2.pdbx_DOI 
PDB   2OZ9         pdb_00002oz9 10.2210/pdb2oz9/pdb 
RCSB  RCSB041769   ?            ?                   
WWPDB D_1000041769 ?            ?                   
# 
_pdbx_database_PDB_obs_spr.id               SPRSDE 
_pdbx_database_PDB_obs_spr.pdb_id           2OZ9 
_pdbx_database_PDB_obs_spr.replace_pdb_id   2WRP 
_pdbx_database_PDB_obs_spr.date             2007-03-06 
_pdbx_database_PDB_obs_spr.details          ? 
# 
_pdbx_database_related.db_name        PDB 
_pdbx_database_related.db_id          1WRP 
_pdbx_database_related.details        'E. coli trp holorepressor, trigonal crystal form' 
_pdbx_database_related.content_type   unspecified 
# 
_pdbx_database_status.status_code                     REL 
_pdbx_database_status.entry_id                        2OZ9 
_pdbx_database_status.recvd_initial_deposition_date   2007-02-25 
_pdbx_database_status.deposit_site                    RCSB 
_pdbx_database_status.process_site                    RCSB 
_pdbx_database_status.SG_entry                        ? 
_pdbx_database_status.status_code_sf                  ? 
_pdbx_database_status.status_code_mr                  ? 
_pdbx_database_status.status_code_cs                  ? 
_pdbx_database_status.pdb_format_compatible           Y 
_pdbx_database_status.status_code_nmr_data            ? 
_pdbx_database_status.methods_development_category    ? 
# 
loop_
_audit_author.name 
_audit_author.pdbx_ordinal 
'Lawson, C.L.' 1 
'Sigler, P.B.' 2 
# 
loop_
_citation.id 
_citation.title 
_citation.journal_abbrev 
_citation.journal_volume 
_citation.page_first 
_citation.page_last 
_citation.year 
_citation.journal_id_ASTM 
_citation.country 
_citation.journal_id_ISSN 
_citation.journal_id_CSD 
_citation.book_publisher 
_citation.pdbx_database_id_PubMed 
_citation.pdbx_database_id_DOI 
primary 'Flexibility of the DNA-binding domains of trp repressor.'                                                      Proteins 3 
18    31 1988 PSFGEY US 0887-3585 0867 ? 3375234 10.1002/prot.340030103 
1       'The Crystal Structure of Trp Aporepressor at 1.8 Angstroms Shows How Binding Tryptophan Enhances DNA Affinity' Nature 327 
891   ?  1987 NATUAS UK 0028-0836 0006 ? ?       ?                      
2       'The Three-Dimensional Structure of Trp Repressor'                                                              Nature 317 
782   ?  1985 NATUAS UK 0028-0836 0006 ? ?       ?                      
3       'Functional Inferences from Crystals of Escherichia Coli Trp Repressor'                                         
J.Biol.Chem.           258 12641 ?  1983 JBCHA3 US 0021-9258 0071 ? ?       ?                      
4       'Purification and Characterization of Trp Repressor'                                                            
Proc.Natl.Acad.Sci.USA 80  668   ?  1983 PNASA6 US 0027-8424 0040 ? ?       ?                      
5       'Nucleotide Sequence and Expression of Escherichia Coli Trpr, the Structural Gene for the Trp Aporepressor'     
Proc.Natl.Acad.Sci.USA 77  7117  ?  1980 PNASA6 US 0027-8424 0040 ? ?       ?                      
# 
loop_
_citation_author.citation_id 
_citation_author.name 
_citation_author.ordinal 
_citation_author.identifier_ORCID 
primary 'Lawson, C.L.'   1  ? 
primary 'Zhang, R.G.'    2  ? 
primary 'Schevitz, R.W.' 3  ? 
primary 'Otwinowski, Z.' 4  ? 
primary 'Joachimiak, A.' 5  ? 
primary 'Sigler, P.B.'   6  ? 
1       'Zhang, R.G.'    7  ? 
1       'Joachimiak, A.' 8  ? 
1       'Lawson, C.L.'   9  ? 
1       'Schevitz, R.W.' 10 ? 
1       'Otwinowski, Z.' 11 ? 
1       'Sigler, P.B.'   12 ? 
2       'Schevitz, R.W.' 13 ? 
2       'Otwinowski, Z.' 14 ? 
2       'Joachimiak, A.' 15 ? 
2       'Lawson, C.L.'   16 ? 
2       'Sigler, P.B.'   17 ? 
3       'Joachimiak, A.' 18 ? 
3       'Schevitz, R.W.' 19 ? 
3       'Kelley, R.L.'   20 ? 
3       'Yanofsky, C.'   21 ? 
3       'Sigler, P.B.'   22 ? 
4       'Joachimiak, A.' 23 ? 
4       'Kelley, R.L.'   24 ? 
4       'Gunsalus, R.P.' 25 ? 
4       'Yanofsky, C.'   26 ? 
4       'Sigler, P.B.'   27 ? 
5       'Gunsalus, R.P.' 28 ? 
5       'Yanofsky, C.'   29 ? 
# 
_cell.length_a           53.300 
_cell.length_b           53.600 
_cell.length_c           33.100 
_cell.angle_alpha        90.000 
_cell.angle_beta         90.000 
_cell.angle_gamma        90.000 
_cell.entry_id           2OZ9 
_cell.Z_PDB              4 
_cell.pdbx_unique_axis   ? 
_cell.length_a_esd       ? 
_cell.length_b_esd       ? 
_cell.length_c_esd       ? 
_cell.angle_alpha_esd    ? 
_cell.angle_beta_esd     ? 
_cell.angle_gamma_esd    ? 
# 
_symmetry.space_group_name_H-M             'P 21 21 2' 
_symmetry.entry_id                         2OZ9 
_symmetry.pdbx_full_space_group_name_H-M   ? 
_symmetry.cell_setting                     ? 
_symmetry.Int_Tables_number                18 
_symmetry.space_group_name_Hall            ? 
# 
loop_
_entity.id 
_entity.type 
_entity.src_method 
_entity.pdbx_description 
_entity.formula_weight 
_entity.pdbx_number_of_molecules 
_entity.pdbx_ec 
_entity.pdbx_mutation 
_entity.pdbx_fragment 
_entity.details 
1 polymer     man 'Trp operon repressor' 12238.934 1  ? ? ? ? 
2 non-polymer syn 'SODIUM ION'           22.990    1  ? ? ? ? 
3 non-polymer syn 'SULFATE ION'          96.063    1  ? ? ? ? 
4 non-polymer syn TRYPTOPHAN             204.225   1  ? ? ? ? 
5 water       nat water                  18.015    85 ? ? ? ? 
# 
_entity_poly.entity_id                      1 
_entity_poly.type                           'polypeptide(L)' 
_entity_poly.nstd_linkage                   no 
_entity_poly.nstd_monomer                   no 
_entity_poly.pdbx_seq_one_letter_code       
;AQQSPYSAAMAEQRHQEWLRFVDLLKNAYQNDLHLPLLNLMLTPDEREALGTRVRIVEELLRGEMSQRELKNELGAGIAT
ITRGSNSLKAAPVELRQWLEEVLLKSD
;
_entity_poly.pdbx_seq_one_letter_code_can   
;AQQSPYSAAMAEQRHQEWLRFVDLLKNAYQNDLHLPLLNLMLTPDEREALGTRVRIVEELLRGEMSQRELKNELGAGIAT
ITRGSNSLKAAPVELRQWLEEVLLKSD
;
_entity_poly.pdbx_strand_id                 R 
_entity_poly.pdbx_target_identifier         ? 
# 
loop_
_entity_poly_seq.entity_id 
_entity_poly_seq.num 
_entity_poly_seq.mon_id 
_entity_poly_seq.hetero 
1 1   ALA n 
1 2   GLN n 
1 3   GLN n 
1 4   SER n 
1 5   PRO n 
1 6   TYR n 
1 7   SER n 
1 8   ALA n 
1 9   ALA n 
1 10  MET n 
1 11  ALA n 
1 12  GLU n 
1 13  GLN n 
1 14  ARG n 
1 15  HIS n 
1 16  GLN n 
1 17  GLU n 
1 18  TRP n 
1 19  LEU n 
1 20  ARG n 
1 21  PHE n 
1 22  VAL n 
1 23  ASP n 
1 24  LEU n 
1 25  LEU n 
1 26  LYS n 
1 27  ASN n 
1 28  ALA n 
1 29  TYR n 
1 30  GLN n 
1 31  ASN n 
1 32  ASP n 
1 33  LEU n 
1 34  HIS n 
1 35  LEU n 
1 36  PRO n 
1 37  LEU n 
1 38  LEU n 
1 39  ASN n 
1 40  LEU n 
1 41  MET n 
1 42  LEU n 
1 43  THR n 
1 44  PRO n 
1 45  ASP n 
1 46  GLU n 
1 47  ARG n 
1 48  GLU n 
1 49  ALA n 
1 50  LEU n 
1 51  GLY n 
1 52  THR n 
1 53  ARG n 
1 54  VAL n 
1 55  ARG n 
1 56  ILE n 
1 57  VAL n 
1 58  GLU n 
1 59  GLU n 
1 60  LEU n 
1 61  LEU n 
1 62  ARG n 
1 63  GLY n 
1 64  GLU n 
1 65  MET n 
1 66  SER n 
1 67  GLN n 
1 68  ARG n 
1 69  GLU n 
1 70  LEU n 
1 71  LYS n 
1 72  ASN n 
1 73  GLU n 
1 74  LEU n 
1 75  GLY n 
1 76  ALA n 
1 77  GLY n 
1 78  ILE n 
1 79  ALA n 
1 80  THR n 
1 81  ILE n 
1 82  THR n 
1 83  ARG n 
1 84  GLY n 
1 85  SER n 
1 86  ASN n 
1 87  SER n 
1 88  LEU n 
1 89  LYS n 
1 90  ALA n 
1 91  ALA n 
1 92  PRO n 
1 93  VAL n 
1 94  GLU n 
1 95  LEU n 
1 96  ARG n 
1 97  GLN n 
1 98  TRP n 
1 99  LEU n 
1 100 GLU n 
1 101 GLU n 
1 102 VAL n 
1 103 LEU n 
1 104 LEU n 
1 105 LYS n 
1 106 SER n 
1 107 ASP n 
# 
_entity_src_gen.entity_id                          1 
_entity_src_gen.pdbx_src_id                        1 
_entity_src_gen.pdbx_alt_source_flag               sample 
_entity_src_gen.pdbx_seq_type                      ? 
_entity_src_gen.pdbx_beg_seq_num                   ? 
_entity_src_gen.pdbx_end_seq_num                   ? 
_entity_src_gen.gene_src_common_name               ? 
_entity_src_gen.gene_src_genus                     Escherichia 
_entity_src_gen.pdbx_gene_src_gene                 'trpR, rtrY' 
_entity_src_gen.gene_src_species                   ? 
_entity_src_gen.gene_src_strain                    ? 
_entity_src_gen.gene_src_tissue                    ? 
_entity_src_gen.gene_src_tissue_fraction           ? 
_entity_src_gen.gene_src_details                   ? 
_entity_src_gen.pdbx_gene_src_fragment             ? 
_entity_src_gen.pdbx_gene_src_scientific_name      'Escherichia coli' 
_entity_src_gen.pdbx_gene_src_ncbi_taxonomy_id     562 
_entity_src_gen.pdbx_gene_src_variant              ? 
_entity_src_gen.pdbx_gene_src_cell_line            ? 
_entity_src_gen.pdbx_gene_src_atcc                 ? 
_entity_src_gen.pdbx_gene_src_organ                ? 
_entity_src_gen.pdbx_gene_src_organelle            ? 
_entity_src_gen.pdbx_gene_src_cell                 ? 
_entity_src_gen.pdbx_gene_src_cellular_location    ? 
_entity_src_gen.host_org_common_name               ? 
_entity_src_gen.pdbx_host_org_scientific_name      'Escherichia coli' 
_entity_src_gen.pdbx_host_org_ncbi_taxonomy_id     562 
_entity_src_gen.host_org_genus                     Escherichia 
_entity_src_gen.pdbx_host_org_gene                 ? 
_entity_src_gen.pdbx_host_org_organ                ? 
_entity_src_gen.host_org_species                   ? 
_entity_src_gen.pdbx_host_org_tissue               ? 
_entity_src_gen.pdbx_host_org_tissue_fraction      ? 
_entity_src_gen.pdbx_host_org_strain               ? 
_entity_src_gen.pdbx_host_org_variant              ? 
_entity_src_gen.pdbx_host_org_cell_line            ? 
_entity_src_gen.pdbx_host_org_atcc                 ? 
_entity_src_gen.pdbx_host_org_culture_collection   ? 
_entity_src_gen.pdbx_host_org_cell                 ? 
_entity_src_gen.pdbx_host_org_organelle            ? 
_entity_src_gen.pdbx_host_org_cellular_location    ? 
_entity_src_gen.pdbx_host_org_vector_type          plasmid 
_entity_src_gen.pdbx_host_org_vector               ? 
_entity_src_gen.host_org_details                   ? 
_entity_src_gen.expression_system_id               ? 
_entity_src_gen.plasmid_name                       'pRLK18 (modified pBR322)' 
_entity_src_gen.plasmid_details                    ? 
_entity_src_gen.pdbx_description                   ? 
# 
_struct_ref.id                         1 
_struct_ref.db_name                    UNP 
_struct_ref.db_code                    TRPR_ECOLI 
_struct_ref.entity_id                  1 
_struct_ref.pdbx_db_accession          P0A881 
_struct_ref.pdbx_align_begin           2 
_struct_ref.pdbx_seq_one_letter_code   
;AQQSPYSAAMAEQRHQEWLRFVDLLKNAYQNDLHLPLLNLMLTPDEREALGTRVRIVEELLRGEMSQRELKNELGAGIAT
ITRGSNSLKAAPVELRQWLEEVLLKSD
;
_struct_ref.pdbx_db_isoform            ? 
# 
_struct_ref_seq.align_id                      1 
_struct_ref_seq.ref_id                        1 
_struct_ref_seq.pdbx_PDB_id_code              2OZ9 
_struct_ref_seq.pdbx_strand_id                R 
_struct_ref_seq.seq_align_beg                 1 
_struct_ref_seq.pdbx_seq_align_beg_ins_code   ? 
_struct_ref_seq.seq_align_end                 107 
_struct_ref_seq.pdbx_seq_align_end_ins_code   ? 
_struct_ref_seq.pdbx_db_accession             P0A881 
_struct_ref_seq.db_align_beg                  2 
_struct_ref_seq.pdbx_db_align_beg_ins_code    ? 
_struct_ref_seq.db_align_end                  108 
_struct_ref_seq.pdbx_db_align_end_ins_code    ? 
_struct_ref_seq.pdbx_auth_seq_align_beg       2 
_struct_ref_seq.pdbx_auth_seq_align_end       108 
# 
loop_
_chem_comp.id 
_chem_comp.type 
_chem_comp.mon_nstd_flag 
_chem_comp.name 
_chem_comp.pdbx_synonyms 
_chem_comp.formula 
_chem_comp.formula_weight 
ALA 'L-peptide linking' y ALANINE         ? 'C3 H7 N O2'     89.093  
ARG 'L-peptide linking' y ARGININE        ? 'C6 H15 N4 O2 1' 175.209 
ASN 'L-peptide linking' y ASPARAGINE      ? 'C4 H8 N2 O3'    132.118 
ASP 'L-peptide linking' y 'ASPARTIC ACID' ? 'C4 H7 N O4'     133.103 
GLN 'L-peptide linking' y GLUTAMINE       ? 'C5 H10 N2 O3'   146.144 
GLU 'L-peptide linking' y 'GLUTAMIC ACID' ? 'C5 H9 N O4'     147.129 
GLY 'peptide linking'   y GLYCINE         ? 'C2 H5 N O2'     75.067  
HIS 'L-peptide linking' y HISTIDINE       ? 'C6 H10 N3 O2 1' 156.162 
HOH non-polymer         . WATER           ? 'H2 O'           18.015  
ILE 'L-peptide linking' y ISOLEUCINE      ? 'C6 H13 N O2'    131.173 
LEU 'L-peptide linking' y LEUCINE         ? 'C6 H13 N O2'    131.173 
LYS 'L-peptide linking' y LYSINE          ? 'C6 H15 N2 O2 1' 147.195 
MET 'L-peptide linking' y METHIONINE      ? 'C5 H11 N O2 S'  149.211 
NA  non-polymer         . 'SODIUM ION'    ? 'Na 1'           22.990  
PHE 'L-peptide linking' y PHENYLALANINE   ? 'C9 H11 N O2'    165.189 
PRO 'L-peptide linking' y PROLINE         ? 'C5 H9 N O2'     115.130 
SER 'L-peptide linking' y SERINE          ? 'C3 H7 N O3'     105.093 
SO4 non-polymer         . 'SULFATE ION'   ? 'O4 S -2'        96.063  
THR 'L-peptide linking' y THREONINE       ? 'C4 H9 N O3'     119.119 
TRP 'L-peptide linking' y TRYPTOPHAN      ? 'C11 H12 N2 O2'  204.225 
TYR 'L-peptide linking' y TYROSINE        ? 'C9 H11 N O3'    181.189 
VAL 'L-peptide linking' y VALINE          ? 'C5 H11 N O2'    117.146 
# 
_exptl.entry_id          2OZ9 
_exptl.method            'X-RAY DIFFRACTION' 
_exptl.crystals_number   1 
# 
_exptl_crystal.id                    1 
_exptl_crystal.density_meas          ? 
_exptl_crystal.density_Matthews      1.93 
_exptl_crystal.density_percent_sol   36.30 
_exptl_crystal.description           ? 
_exptl_crystal.F_000                 ? 
_exptl_crystal.preparation           ? 
# 
_exptl_crystal_grow.crystal_id      1 
_exptl_crystal_grow.method          'VAPOR DIFFUSION' 
_exptl_crystal_grow.pH              5.0 
_exptl_crystal_grow.temp            298 
_exptl_crystal_grow.temp_details    ? 
_exptl_crystal_grow.pdbx_details    
;crystallization conditions:  
2.5 M sodium phosphate, 0.6 M ammonium chloride, 2.5 mM L-tryptophan.  Prior 
to data collection the crystal was equilibrated to 2.4 M ammonium sulfate, 0.4 M sodium chloride, 2.4 mM L-tryptophan, 50 mM sodium acetate., pH 5.0, VAPOR DIFFUSION, temperature 298K
;
_exptl_crystal_grow.pdbx_pH_range   . 
# 
_diffrn.id                     1 
_diffrn.ambient_temp           298 
_diffrn.ambient_temp_details   ? 
_diffrn.crystal_id             1 
# 
_diffrn_detector.diffrn_id              1 
_diffrn_detector.detector               FILM 
_diffrn_detector.type                   KODAK 
_diffrn_detector.pdbx_collection_date   ? 
_diffrn_detector.details                'graphite monochromator' 
# 
_diffrn_radiation.diffrn_id                        1 
_diffrn_radiation.wavelength_id                    1 
_diffrn_radiation.pdbx_diffrn_protocol             'SINGLE WAVELENGTH' 
_diffrn_radiation.monochromator                    graphite 
_diffrn_radiation.pdbx_monochromatic_or_laue_m_l   M 
_diffrn_radiation.pdbx_scattering_type             x-ray 
# 
_diffrn_radiation_wavelength.id           1 
_diffrn_radiation_wavelength.wavelength   1.5418 
_diffrn_radiation_wavelength.wt           1.0 
# 
_diffrn_source.diffrn_id                   1 
_diffrn_source.source                      'ROTATING ANODE' 
_diffrn_source.type                        'ELLIOTT GX-6' 
_diffrn_source.pdbx_wavelength             ? 
_diffrn_source.pdbx_wavelength_list        1.5418 
_diffrn_source.pdbx_synchrotron_site       ? 
_diffrn_source.pdbx_synchrotron_beamline   ? 
# 
_reflns.entry_id                     2OZ9 
_reflns.observed_criterion_sigma_F   2.0 
_reflns.observed_criterion_sigma_I   ? 
_reflns.d_resolution_high            1.65 
_reflns.d_resolution_low             20 
_reflns.number_all                   10945 
_reflns.number_obs                   10945 
_reflns.percent_possible_obs         ? 
_reflns.pdbx_Rmerge_I_obs            ? 
_reflns.pdbx_Rsym_value              ? 
_reflns.pdbx_netI_over_sigmaI        ? 
_reflns.B_iso_Wilson_estimate        ? 
_reflns.pdbx_redundancy              ? 
_reflns.R_free_details               ? 
_reflns.limit_h_max                  ? 
_reflns.limit_h_min                  ? 
_reflns.limit_k_max                  ? 
_reflns.limit_k_min                  ? 
_reflns.limit_l_max                  ? 
_reflns.limit_l_min                  ? 
_reflns.observed_criterion_F_max     ? 
_reflns.observed_criterion_F_min     ? 
_reflns.pdbx_chi_squared             ? 
_reflns.pdbx_scaling_rejects         ? 
_reflns.pdbx_ordinal                 1 
_reflns.pdbx_diffrn_id               1 
# 
_refine.entry_id                                 2OZ9 
_refine.ls_number_reflns_obs                     10699 
_refine.ls_number_reflns_all                     ? 
_refine.pdbx_ls_sigma_I                          ? 
_refine.pdbx_ls_sigma_F                          2.0 
_refine.pdbx_data_cutoff_high_absF               ? 
_refine.pdbx_data_cutoff_low_absF                ? 
_refine.pdbx_data_cutoff_high_rms_absF           ? 
_refine.ls_d_res_low                             5 
_refine.ls_d_res_high                            1.65 
_refine.ls_percent_reflns_obs                    ? 
_refine.ls_R_factor_obs                          0.18 
_refine.ls_R_factor_all                          ? 
_refine.ls_R_factor_R_work                       ? 
_refine.ls_R_factor_R_free                       ? 
_refine.ls_R_factor_R_free_error                 ? 
_refine.ls_R_factor_R_free_error_details         ? 
_refine.ls_percent_reflns_R_free                 ? 
_refine.ls_number_reflns_R_free                  ? 
_refine.ls_number_parameters                     ? 
_refine.ls_number_restraints                     ? 
_refine.occupancy_min                            ? 
_refine.occupancy_max                            ? 
_refine.B_iso_mean                               17.284 
_refine.aniso_B[1][1]                            ? 
_refine.aniso_B[2][2]                            ? 
_refine.aniso_B[3][3]                            ? 
_refine.aniso_B[1][2]                            ? 
_refine.aniso_B[1][3]                            ? 
_refine.aniso_B[2][3]                            ? 
_refine.solvent_model_details                    ? 
_refine.solvent_model_param_ksol                 ? 
_refine.solvent_model_param_bsol                 ? 
_refine.pdbx_ls_cross_valid_method               NONE 
_refine.details                                  
;REFINEMENT. BY THE RESTRAINED LEAST-SQUARES PROCEDURE OF
 J. KONNERT AND W. HENDRICKSON (PROGRAM *PROLSQ*) AS
 MODIFIED BY B. FINZEL (PROGRAM *PROFFT*) AND USE OF
 PROGRAM *FRODO* OF T. A. JONES.  THE R VALUE IS 0.180.
 THE RMS DEVIATION FROM IDEALITY OF THE BOND LENGTHS IS
 0.012 ANGSTROMS.  THE RMS DEVIATION FROM IDEALITY OF THE
 BOND ANGLES IS 2.0 DEGREES.
;
_refine.pdbx_starting_model                      '1wrp dimer' 
_refine.pdbx_method_to_determine_struct          'MOLECULAR REPLACEMENT' 
_refine.pdbx_isotropic_thermal_model             isotropic 
_refine.pdbx_stereochemistry_target_values       'Hendrickson & Konnert' 
_refine.pdbx_stereochem_target_val_spec_case     ? 
_refine.pdbx_R_Free_selection_details            ? 
_refine.pdbx_overall_ESU_R                       ? 
_refine.pdbx_overall_ESU_R_Free                  ? 
_refine.overall_SU_ML                            ? 
_refine.overall_SU_B                             ? 
_refine.ls_redundancy_reflns_obs                 ? 
_refine.B_iso_min                                ? 
_refine.B_iso_max                                ? 
_refine.correlation_coeff_Fo_to_Fc               ? 
_refine.correlation_coeff_Fo_to_Fc_free          ? 
_refine.pdbx_solvent_vdw_probe_radii             ? 
_refine.pdbx_solvent_ion_probe_radii             ? 
_refine.pdbx_solvent_shrinkage_radii             ? 
_refine.overall_SU_R_Cruickshank_DPI             ? 
_refine.overall_SU_R_free                        ? 
_refine.ls_wR_factor_R_free                      ? 
_refine.ls_wR_factor_R_work                      ? 
_refine.overall_FOM_free_R_set                   ? 
_refine.overall_FOM_work_R_set                   ? 
_refine.pdbx_refine_id                           'X-RAY DIFFRACTION' 
_refine.pdbx_diffrn_id                           1 
_refine.pdbx_TLS_residual_ADP_flag               ? 
_refine.pdbx_overall_phase_error                 ? 
_refine.pdbx_overall_SU_R_free_Cruickshank_DPI   ? 
_refine.pdbx_overall_SU_R_Blow_DPI               ? 
_refine.pdbx_overall_SU_R_free_Blow_DPI          ? 
# 
_refine_analyze.entry_id                        2OZ9 
_refine_analyze.Luzzati_coordinate_error_obs    0.20 
_refine_analyze.Luzzati_sigma_a_obs             ? 
_refine_analyze.Luzzati_d_res_low_obs           ? 
_refine_analyze.Luzzati_coordinate_error_free   ? 
_refine_analyze.Luzzati_sigma_a_free            ? 
_refine_analyze.Luzzati_d_res_low_free          ? 
_refine_analyze.number_disordered_residues      ? 
_refine_analyze.occupancy_sum_non_hydrogen      ? 
_refine_analyze.occupancy_sum_hydrogen          ? 
_refine_analyze.pdbx_Luzzati_d_res_high_obs     ? 
_refine_analyze.pdbx_refine_id                  'X-RAY DIFFRACTION' 
# 
_refine_hist.pdbx_refine_id                   'X-RAY DIFFRACTION' 
_refine_hist.cycle_id                         LAST 
_refine_hist.pdbx_number_atoms_protein        828 
_refine_hist.pdbx_number_atoms_nucleic_acid   0 
_refine_hist.pdbx_number_atoms_ligand         21 
_refine_hist.number_atoms_solvent             85 
_refine_hist.number_atoms_total               934 
_refine_hist.d_res_high                       1.65 
_refine_hist.d_res_low                        5 
# 
loop_
_refine_ls_restr.type 
_refine_ls_restr.dev_ideal 
_refine_ls_restr.dev_ideal_target 
_refine_ls_restr.weight 
_refine_ls_restr.number 
_refine_ls_restr.pdbx_refine_id 
_refine_ls_restr.pdbx_restraint_function 
p_bond_d    0.012 ? ? ? 'X-RAY DIFFRACTION' ? 
p_angle_deg 2.0   ? ? ? 'X-RAY DIFFRACTION' ? 
# 
_struct.entry_id                  2OZ9 
_struct.title                     'E. coli TRP holorepressor, orthorhombic crystal form' 
_struct.pdbx_model_details        ? 
_struct.pdbx_CASP_flag            ? 
_struct.pdbx_model_type_details   ? 
# 
_struct_keywords.entry_id        2OZ9 
_struct_keywords.pdbx_keywords   'DNA BINDING PROTEIN' 
_struct_keywords.text            'DNA BINDING REGULATORY PROTEIN, DNA BINDING PROTEIN' 
# 
loop_
_struct_asym.id 
_struct_asym.pdbx_blank_PDB_chainid_flag 
_struct_asym.pdbx_modified 
_struct_asym.entity_id 
_struct_asym.details 
A N N 1 ? 
B N N 2 ? 
C N N 3 ? 
D N N 4 ? 
E N N 5 ? 
# 
_struct_biol.id                    1 
_struct_biol.details               
;The biological assembly is a dimer.  To generate the second half of the assembly apply the crystallographic symmetry operator -x, -y, z.
;
_struct_biol.pdbx_parent_biol_id   ? 
# 
loop_
_struct_conf.conf_type_id 
_struct_conf.id 
_struct_conf.pdbx_PDB_helix_id 
_struct_conf.beg_label_comp_id 
_struct_conf.beg_label_asym_id 
_struct_conf.beg_label_seq_id 
_struct_conf.pdbx_beg_PDB_ins_code 
_struct_conf.end_label_comp_id 
_struct_conf.end_label_asym_id 
_struct_conf.end_label_seq_id 
_struct_conf.pdbx_end_PDB_ins_code 
_struct_conf.beg_auth_comp_id 
_struct_conf.beg_auth_asym_id 
_struct_conf.beg_auth_seq_id 
_struct_conf.end_auth_comp_id 
_struct_conf.end_auth_asym_id 
_struct_conf.end_auth_seq_id 
_struct_conf.pdbx_PDB_helix_class 
_struct_conf.details 
_struct_conf.pdbx_PDB_helix_length 
HELX_P HELX_P1 A ALA A 11 ? GLN A 30  ? ALA R 12 GLN R 31  1 ? 20 
HELX_P HELX_P2 B HIS A 34 ? MET A 41  ? HIS R 35 MET R 42  1 ? 8  
HELX_P HELX_P3 C ASP A 45 ? ARG A 62  ? ASP R 46 ARG R 63  1 ? 18 
HELX_P HELX_P4 D GLN A 67 ? GLU A 73  ? GLN R 68 GLU R 74  1 ? 7  
HELX_P HELX_P5 E ILE A 78 ? ALA A 90  ? ILE R 79 ALA R 91  1 ? 13 
HELX_P HELX_P6 F VAL A 93 ? LEU A 104 ? VAL R 94 LEU R 105 1 ? 12 
# 
_struct_conf_type.id          HELX_P 
_struct_conf_type.criteria    ? 
_struct_conf_type.reference   ? 
# 
loop_
_struct_conn.id 
_struct_conn.conn_type_id 
_struct_conn.pdbx_leaving_atom_flag 
_struct_conn.pdbx_PDB_id 
_struct_conn.ptnr1_label_asym_id 
_struct_conn.ptnr1_label_comp_id 
_struct_conn.ptnr1_label_seq_id 
_struct_conn.ptnr1_label_atom_id 
_struct_conn.pdbx_ptnr1_label_alt_id 
_struct_conn.pdbx_ptnr1_PDB_ins_code 
_struct_conn.pdbx_ptnr1_standard_comp_id 
_struct_conn.ptnr1_symmetry 
_struct_conn.ptnr2_label_asym_id 
_struct_conn.ptnr2_label_comp_id 
_struct_conn.ptnr2_label_seq_id 
_struct_conn.ptnr2_label_atom_id 
_struct_conn.pdbx_ptnr2_label_alt_id 
_struct_conn.pdbx_ptnr2_PDB_ins_code 
_struct_conn.ptnr1_auth_asym_id 
_struct_conn.ptnr1_auth_comp_id 
_struct_conn.ptnr1_auth_seq_id 
_struct_conn.ptnr2_auth_asym_id 
_struct_conn.ptnr2_auth_comp_id 
_struct_conn.ptnr2_auth_seq_id 
_struct_conn.ptnr2_symmetry 
_struct_conn.pdbx_ptnr3_label_atom_id 
_struct_conn.pdbx_ptnr3_label_seq_id 
_struct_conn.pdbx_ptnr3_label_comp_id 
_struct_conn.pdbx_ptnr3_label_asym_id 
_struct_conn.pdbx_ptnr3_label_alt_id 
_struct_conn.pdbx_ptnr3_PDB_ins_code 
_struct_conn.details 
_struct_conn.pdbx_dist_value 
_struct_conn.pdbx_value_order 
_struct_conn.pdbx_role 
metalc1 metalc ? ? A GLU 59 O   ? ? ? 1_555 B NA . NA ? ? R GLU 60 R NA 601 1_555 ? ? ? ? ? ? ? 2.735 ? ? 
metalc2 metalc ? ? A GLU 59 OE1 ? ? ? 1_555 B NA . NA ? ? R GLU 60 R NA 601 1_555 ? ? ? ? ? ? ? 2.747 ? ? 
metalc3 metalc ? ? A MET 65 N   ? ? ? 1_555 B NA . NA ? ? R MET 66 R NA 601 1_555 ? ? ? ? ? ? ? 2.999 ? ? 
# 
_struct_conn_type.id          metalc 
_struct_conn_type.criteria    ? 
_struct_conn_type.reference   ? 
# 
loop_
_struct_site.id 
_struct_site.pdbx_evidence_code 
_struct_site.pdbx_auth_asym_id 
_struct_site.pdbx_auth_comp_id 
_struct_site.pdbx_auth_seq_id 
_struct_site.pdbx_auth_ins_code 
_struct_site.pdbx_num_residues 
_struct_site.details 
HTH Software ? ? ? ? 24 ? 
AC1 Software ? ? ? ? 4  ? 
AC2 Software ? ? ? ? 7  ? 
AC3 Software ? ? ? ? 11 ? 
# 
loop_
_struct_site_gen.id 
_struct_site_gen.site_id 
_struct_site_gen.pdbx_num_res 
_struct_site_gen.label_comp_id 
_struct_site_gen.label_asym_id 
_struct_site_gen.label_seq_id 
_struct_site_gen.pdbx_auth_ins_code 
_struct_site_gen.auth_comp_id 
_struct_site_gen.auth_asym_id 
_struct_site_gen.auth_seq_id 
_struct_site_gen.label_atom_id 
_struct_site_gen.label_alt_id 
_struct_site_gen.symmetry 
_struct_site_gen.details 
1  HTH 24 GLN A 67  ? GLN R 68  . ? 1_555 ? 
2  HTH 24 ARG A 68  ? ARG R 69  . ? 1_555 ? 
3  HTH 24 GLU A 69  ? GLU R 70  . ? 1_555 ? 
4  HTH 24 LEU A 70  ? LEU R 71  . ? 1_555 ? 
5  HTH 24 LYS A 71  ? LYS R 72  . ? 1_555 ? 
6  HTH 24 ASN A 72  ? ASN R 73  . ? 1_555 ? 
7  HTH 24 GLU A 73  ? GLU R 74  . ? 1_555 ? 
8  HTH 24 LEU A 74  ? LEU R 75  . ? 1_555 ? 
9  HTH 24 GLY A 75  ? GLY R 76  . ? 1_555 ? 
10 HTH 24 ALA A 76  ? ALA R 77  . ? 1_555 ? 
11 HTH 24 GLY A 77  ? GLY R 78  . ? 1_555 ? 
12 HTH 24 ILE A 78  ? ILE R 79  . ? 1_555 ? 
13 HTH 24 ALA A 79  ? ALA R 80  . ? 1_555 ? 
14 HTH 24 THR A 80  ? THR R 81  . ? 1_555 ? 
15 HTH 24 ILE A 81  ? ILE R 82  . ? 1_555 ? 
16 HTH 24 THR A 82  ? THR R 83  . ? 1_555 ? 
17 HTH 24 ARG A 83  ? ARG R 84  . ? 1_555 ? 
18 HTH 24 GLY A 84  ? GLY R 85  . ? 1_555 ? 
19 HTH 24 SER A 85  ? SER R 86  . ? 1_555 ? 
20 HTH 24 ASN A 86  ? ASN R 87  . ? 1_555 ? 
21 HTH 24 SER A 87  ? SER R 88  . ? 1_555 ? 
22 HTH 24 LEU A 88  ? LEU R 89  . ? 1_555 ? 
23 HTH 24 LYS A 89  ? LYS R 90  . ? 1_555 ? 
24 HTH 24 ALA A 90  ? ALA R 91  . ? 1_555 ? 
25 AC1 4  GLU A 59  ? GLU R 60  . ? 1_555 ? 
26 AC1 4  GLY A 63  ? GLY R 64  . ? 1_555 ? 
27 AC1 4  GLU A 64  ? GLU R 65  . ? 1_555 ? 
28 AC1 4  MET A 65  ? MET R 66  . ? 1_555 ? 
29 AC2 7  HIS A 15  ? HIS R 16  . ? 3_445 ? 
30 AC2 7  TRP A 18  ? TRP R 19  . ? 3_445 ? 
31 AC2 7  LEU A 35  ? LEU R 36  . ? 4_445 ? 
32 AC2 7  ASN A 39  ? ASN R 40  . ? 4_445 ? 
33 AC2 7  ARG A 62  ? ARG R 63  . ? 1_555 ? 
34 AC2 7  LYS A 105 ? LYS R 106 . ? 1_555 ? 
35 AC2 7  ASP A 107 ? ASP R 108 . ? 1_555 ? 
36 AC3 11 ASN A 39  ? ASN R 40  . ? 2_555 ? 
37 AC3 11 LEU A 40  ? LEU R 41  . ? 2_555 ? 
38 AC3 11 LEU A 42  ? LEU R 43  . ? 2_555 ? 
39 AC3 11 THR A 43  ? THR R 44  . ? 2_555 ? 
40 AC3 11 PRO A 44  ? PRO R 45  . ? 2_555 ? 
41 AC3 11 ARG A 53  ? ARG R 54  . ? 1_555 ? 
42 AC3 11 THR A 80  ? THR R 81  . ? 1_555 ? 
43 AC3 11 ARG A 83  ? ARG R 84  . ? 1_555 ? 
44 AC3 11 GLY A 84  ? GLY R 85  . ? 1_555 ? 
45 AC3 11 SER A 87  ? SER R 88  . ? 1_555 ? 
46 AC3 11 HOH E .   ? HOH R 223 . ? 2_555 ? 
# 
_atom_sites.entry_id                    2OZ9 
_atom_sites.fract_transf_matrix[1][1]   0.01815346 
_atom_sites.fract_transf_matrix[1][2]   0.00220292 
_atom_sites.fract_transf_matrix[1][3]   0.00419664 
_atom_sites.fract_transf_matrix[2][1]   0.00470798 
_atom_sites.fract_transf_matrix[2][2]   -0.00915501 
_atom_sites.fract_transf_matrix[2][3]   -0.01555970 
_atom_sites.fract_transf_matrix[3][1]   0.00035761 
_atom_sites.fract_transf_matrix[3][2]   0.02608360 
_atom_sites.fract_transf_matrix[3][3]   -0.01523884 
_atom_sites.fract_transf_vector[1]      -0.141502 
_atom_sites.fract_transf_vector[2]      -0.017132 
_atom_sites.fract_transf_vector[3]      0.147252 
# 
loop_
_atom_type.symbol 
C  
N  
NA 
O  
S  
# 
loop_
_atom_site.group_PDB 
_atom_site.id 
_atom_site.type_symbol 
_atom_site.label_atom_id 
_atom_site.label_alt_id 
_atom_site.label_comp_id 
_atom_site.label_asym_id 
_atom_site.label_entity_id 
_atom_site.label_seq_id 
_atom_site.pdbx_PDB_ins_code 
_atom_site.Cartn_x 
_atom_site.Cartn_y 
_atom_site.Cartn_z 
_atom_site.occupancy 
_atom_site.B_iso_or_equiv 
_atom_site.pdbx_formal_charge 
_atom_site.auth_seq_id 
_atom_site.auth_comp_id 
_atom_site.auth_asym_id 
_atom_site.auth_atom_id 
_atom_site.pdbx_PDB_model_num 
ATOM   1   N  N   . SER A 1 4   ? 13.617  4.871   -25.921 1.00 34.65 ? 5   SER R N   1 
ATOM   2   C  CA  . SER A 1 4   ? 13.843  3.500   -26.423 1.00 34.32 ? 5   SER R CA  1 
ATOM   3   C  C   . SER A 1 4   ? 12.575  2.682   -26.214 1.00 33.70 ? 5   SER R C   1 
ATOM   4   O  O   . SER A 1 4   ? 11.763  2.988   -25.323 1.00 34.01 ? 5   SER R O   1 
ATOM   5   C  CB  . SER A 1 4   ? 15.059  2.936   -25.712 1.00 34.94 ? 5   SER R CB  1 
ATOM   6   O  OG  . SER A 1 4   ? 15.294  1.565   -25.982 1.00 35.87 ? 5   SER R OG  1 
ATOM   7   N  N   . PRO A 1 5   ? 12.394  1.664   -27.037 1.00 32.82 ? 6   PRO R N   1 
ATOM   8   C  CA  . PRO A 1 5   ? 11.230  0.779   -26.937 1.00 32.09 ? 6   PRO R CA  1 
ATOM   9   C  C   . PRO A 1 5   ? 11.274  -0.034  -25.644 1.00 31.17 ? 6   PRO R C   1 
ATOM   10  O  O   . PRO A 1 5   ? 12.333  -0.155  -25.001 1.00 31.17 ? 6   PRO R O   1 
ATOM   11  C  CB  . PRO A 1 5   ? 11.338  -0.090  -28.186 1.00 32.51 ? 6   PRO R CB  1 
ATOM   12  C  CG  . PRO A 1 5   ? 12.834  -0.165  -28.407 1.00 32.87 ? 6   PRO R CG  1 
ATOM   13  C  CD  . PRO A 1 5   ? 13.319  1.258   -28.116 1.00 32.94 ? 6   PRO R CD  1 
ATOM   14  N  N   . TYR A 1 6   ? 10.140  -0.581  -25.255 1.00 29.81 ? 7   TYR R N   1 
ATOM   15  C  CA  . TYR A 1 6   ? 10.038  -1.412  -24.037 1.00 28.65 ? 7   TYR R CA  1 
ATOM   16  C  C   . TYR A 1 6   ? 10.850  -2.687  -24.286 1.00 27.95 ? 7   TYR R C   1 
ATOM   17  O  O   . TYR A 1 6   ? 10.852  -3.180  -25.428 1.00 27.75 ? 7   TYR R O   1 
ATOM   18  C  CB  . TYR A 1 6   ? 8.578   -1.774  -23.773 1.00 28.53 ? 7   TYR R CB  1 
ATOM   19  C  CG  . TYR A 1 6   ? 8.300   -2.690  -22.605 1.00 28.38 ? 7   TYR R CG  1 
ATOM   20  C  CD1 . TYR A 1 6   ? 8.234   -4.083  -22.751 1.00 28.19 ? 7   TYR R CD1 1 
ATOM   21  C  CD2 . TYR A 1 6   ? 8.083   -2.139  -21.345 1.00 28.27 ? 7   TYR R CD2 1 
ATOM   22  C  CE1 . TYR A 1 6   ? 7.949   -4.901  -21.655 1.00 27.99 ? 7   TYR R CE1 1 
ATOM   23  C  CE2 . TYR A 1 6   ? 7.799   -2.938  -20.254 1.00 28.20 ? 7   TYR R CE2 1 
ATOM   24  C  CZ  . TYR A 1 6   ? 7.740   -4.323  -20.416 1.00 27.96 ? 7   TYR R CZ  1 
ATOM   25  O  OH  . TYR A 1 6   ? 7.438   -5.054  -19.299 1.00 28.13 ? 7   TYR R OH  1 
ATOM   26  N  N   . SER A 1 7   ? 11.490  -3.194  -23.252 1.00 26.58 ? 8   SER R N   1 
ATOM   27  C  CA  . SER A 1 7   ? 12.295  -4.411  -23.375 1.00 25.76 ? 8   SER R CA  1 
ATOM   28  C  C   . SER A 1 7   ? 11.847  -5.439  -22.331 1.00 24.84 ? 8   SER R C   1 
ATOM   29  O  O   . SER A 1 7   ? 11.877  -5.119  -21.142 1.00 24.64 ? 8   SER R O   1 
ATOM   30  C  CB  . SER A 1 7   ? 13.788  -4.129  -23.174 1.00 25.94 ? 8   SER R CB  1 
ATOM   31  N  N   . ALA A 1 8   ? 11.449  -6.599  -22.802 1.00 23.71 ? 9   ALA R N   1 
ATOM   32  C  CA  . ALA A 1 8   ? 11.013  -7.710  -21.955 1.00 22.74 ? 9   ALA R CA  1 
ATOM   33  C  C   . ALA A 1 8   ? 12.209  -8.115  -21.095 1.00 21.81 ? 9   ALA R C   1 
ATOM   34  O  O   . ALA A 1 8   ? 12.053  -8.588  -19.966 1.00 20.97 ? 9   ALA R O   1 
ATOM   35  C  CB  . ALA A 1 8   ? 10.570  -8.893  -22.810 1.00 23.19 ? 9   ALA R CB  1 
ATOM   36  N  N   . ALA A 1 9   ? 13.381  -7.941  -21.702 1.00 21.35 ? 10  ALA R N   1 
ATOM   37  C  CA  . ALA A 1 9   ? 14.638  -8.297  -21.007 1.00 20.42 ? 10  ALA R CA  1 
ATOM   38  C  C   . ALA A 1 9   ? 14.846  -7.339  -19.838 1.00 19.97 ? 10  ALA R C   1 
ATOM   39  O  O   . ALA A 1 9   ? 15.221  -7.821  -18.736 1.00 18.91 ? 10  ALA R O   1 
ATOM   40  C  CB  . ALA A 1 9   ? 15.770  -8.398  -22.021 1.00 21.20 ? 10  ALA R CB  1 
ATOM   41  N  N   . MET A 1 10  ? 14.583  -6.047  -20.073 1.00 18.98 ? 11  MET R N   1 
ATOM   42  C  CA  . MET A 1 10  ? 14.741  -5.049  -18.982 1.00 17.50 ? 11  MET R CA  1 
ATOM   43  C  C   . MET A 1 10  ? 13.619  -5.260  -17.946 1.00 16.08 ? 11  MET R C   1 
ATOM   44  O  O   . MET A 1 10  ? 13.848  -5.043  -16.734 1.00 14.67 ? 11  MET R O   1 
ATOM   45  C  CB  . MET A 1 10  ? 14.794  -3.597  -19.391 1.00 17.93 ? 11  MET R CB  1 
ATOM   46  N  N   . ALA A 1 11  ? 12.458  -5.670  -18.430 1.00 14.78 ? 12  ALA R N   1 
ATOM   47  C  CA  . ALA A 1 11  ? 11.354  -5.921  -17.484 1.00 14.60 ? 12  ALA R CA  1 
ATOM   48  C  C   . ALA A 1 11  ? 11.752  -7.058  -16.561 1.00 14.06 ? 12  ALA R C   1 
ATOM   49  O  O   . ALA A 1 11  ? 11.402  -7.034  -15.354 1.00 13.98 ? 12  ALA R O   1 
ATOM   50  C  CB  . ALA A 1 11  ? 10.026  -6.234  -18.169 1.00 14.83 ? 12  ALA R CB  1 
ATOM   51  N  N   . GLU A 1 12  ? 12.443  -8.056  -17.100 1.00 13.64 ? 13  GLU R N   1 
ATOM   52  C  CA  . GLU A 1 12  ? 12.860  -9.209  -16.285 1.00 14.03 ? 13  GLU R CA  1 
ATOM   53  C  C   . GLU A 1 12  ? 13.867  -8.795  -15.218 1.00 13.20 ? 13  GLU R C   1 
ATOM   54  O  O   . GLU A 1 12  ? 13.813  -9.312  -14.077 1.00 12.34 ? 13  GLU R O   1 
ATOM   55  C  CB  . GLU A 1 12  ? 13.374  -10.360 -17.174 1.00 16.32 ? 13  GLU R CB  1 
ATOM   56  C  CG  . GLU A 1 12  ? 12.178  -11.065 -17.881 1.00 18.23 ? 13  GLU R CG  1 
ATOM   57  C  CD  . GLU A 1 12  ? 12.557  -11.896 -19.076 1.00 20.11 ? 13  GLU R CD  1 
ATOM   58  O  OE1 . GLU A 1 12  ? 13.734  -11.950 -19.438 1.00 21.19 ? 13  GLU R OE1 1 
ATOM   59  O  OE2 . GLU A 1 12  ? 11.601  -12.493 -19.635 1.00 20.40 ? 13  GLU R OE2 1 
ATOM   60  N  N   . GLN A 1 13  ? 14.725  -7.885  -15.594 1.00 12.70 ? 14  GLN R N   1 
ATOM   61  C  CA  . GLN A 1 13  ? 15.720  -7.391  -14.625 1.00 13.30 ? 14  GLN R CA  1 
ATOM   62  C  C   . GLN A 1 13  ? 14.985  -6.646  -13.504 1.00 12.06 ? 14  GLN R C   1 
ATOM   63  O  O   . GLN A 1 13  ? 15.250  -6.807  -12.307 1.00 10.95 ? 14  GLN R O   1 
ATOM   64  C  CB  . GLN A 1 13  ? 16.743  -6.471  -15.289 1.00 15.36 ? 14  GLN R CB  1 
ATOM   65  C  CG  . GLN A 1 13  ? 17.781  -5.904  -14.339 1.00 19.41 ? 14  GLN R CG  1 
ATOM   66  C  CD  . GLN A 1 13  ? 18.940  -5.180  -14.973 1.00 21.34 ? 14  GLN R CD  1 
ATOM   67  O  OE1 . GLN A 1 13  ? 19.000  -5.334  -16.217 1.00 22.42 ? 14  GLN R OE1 1 
ATOM   68  N  NE2 . GLN A 1 13  ? 19.690  -4.508  -14.263 1.00 23.52 ? 14  GLN R NE2 1 
ATOM   69  N  N   . ARG A 1 14  ? 14.044  -5.780  -13.911 1.00 11.06 ? 15  ARG R N   1 
ATOM   70  C  CA  . ARG A 1 14  ? 13.296  -5.005  -12.871 1.00 11.04 ? 15  ARG R CA  1 
ATOM   71  C  C   . ARG A 1 14  ? 12.532  -5.922  -11.924 1.00 10.49 ? 15  ARG R C   1 
ATOM   72  O  O   . ARG A 1 14  ? 12.468  -5.717  -10.693 1.00 10.46 ? 15  ARG R O   1 
ATOM   73  C  CB  . ARG A 1 14  ? 12.340  -3.950  -13.444 1.00 12.10 ? 15  ARG R CB  1 
ATOM   74  C  CG  . ARG A 1 14  ? 13.025  -2.743  -14.072 1.00 13.78 ? 15  ARG R CG  1 
ATOM   75  C  CD  . ARG A 1 14  ? 12.028  -1.769  -14.609 1.00 15.83 ? 15  ARG R CD  1 
ATOM   76  N  NE  . ARG A 1 14  ? 11.192  -2.289  -15.693 1.00 17.74 ? 15  ARG R NE  1 
ATOM   77  C  CZ  . ARG A 1 14  ? 11.542  -2.062  -16.979 1.00 18.81 ? 15  ARG R CZ  1 
ATOM   78  N  NH1 . ARG A 1 14  ? 12.678  -1.431  -17.256 1.00 19.91 ? 15  ARG R NH1 1 
ATOM   79  N  NH2 . ARG A 1 14  ? 10.739  -2.412  -17.986 1.00 19.81 ? 15  ARG R NH2 1 
ATOM   80  N  N   . HIS A 1 15  ? 11.943  -6.971  -12.494 1.00 9.99  ? 16  HIS R N   1 
ATOM   81  C  CA  . HIS A 1 15  ? 11.170  -7.904  -11.684 1.00 9.48  ? 16  HIS R CA  1 
ATOM   82  C  C   . HIS A 1 15  ? 12.027  -8.617  -10.646 1.00 9.26  ? 16  HIS R C   1 
ATOM   83  O  O   . HIS A 1 15  ? 11.629  -8.790  -9.492  1.00 9.17  ? 16  HIS R O   1 
ATOM   84  C  CB  . HIS A 1 15  ? 10.406  -8.914  -12.594 1.00 9.58  ? 16  HIS R CB  1 
ATOM   85  C  CG  . HIS A 1 15  ? 9.513   -9.708  -11.701 1.00 10.78 ? 16  HIS R CG  1 
ATOM   86  N  ND1 . HIS A 1 15  ? 9.744   -10.965 -11.256 1.00 12.54 ? 16  HIS R ND1 1 
ATOM   87  C  CD2 . HIS A 1 15  ? 8.340   -9.294  -11.146 1.00 11.15 ? 16  HIS R CD2 1 
ATOM   88  C  CE1 . HIS A 1 15  ? 8.718   -11.344 -10.473 1.00 11.98 ? 16  HIS R CE1 1 
ATOM   89  N  NE2 . HIS A 1 15  ? 7.873   -10.332 -10.397 1.00 11.87 ? 16  HIS R NE2 1 
ATOM   90  N  N   . GLN A 1 16  ? 13.218  -9.031  -11.062 1.00 9.14  ? 17  GLN R N   1 
ATOM   91  C  CA  . GLN A 1 16  ? 14.151  -9.715  -10.124 1.00 9.59  ? 17  GLN R CA  1 
ATOM   92  C  C   . GLN A 1 16  ? 14.582  -8.743  -9.027  1.00 8.71  ? 17  GLN R C   1 
ATOM   93  O  O   . GLN A 1 16  ? 14.717  -9.155  -7.854  1.00 8.97  ? 17  GLN R O   1 
ATOM   94  C  CB  . GLN A 1 16  ? 15.336  -10.311 -10.928 1.00 11.27 ? 17  GLN R CB  1 
ATOM   95  C  CG  . GLN A 1 16  ? 16.382  -10.989 -10.082 1.00 13.10 ? 17  GLN R CG  1 
ATOM   96  C  CD  . GLN A 1 16  ? 17.665  -11.396 -10.818 1.00 14.33 ? 17  GLN R CD  1 
ATOM   97  O  OE1 . GLN A 1 16  ? 18.055  -12.561 -10.665 1.00 16.60 ? 17  GLN R OE1 1 
ATOM   98  N  NE2 . GLN A 1 16  ? 18.295  -10.473 -11.488 1.00 13.77 ? 17  GLN R NE2 1 
ATOM   99  N  N   . GLU A 1 17  ? 14.834  -7.491  -9.366  1.00 8.60  ? 18  GLU R N   1 
ATOM   100 C  CA  . GLU A 1 17  ? 15.257  -6.497  -8.370  1.00 9.39  ? 18  GLU R CA  1 
ATOM   101 C  C   . GLU A 1 17  ? 14.142  -6.242  -7.357  1.00 9.10  ? 18  GLU R C   1 
ATOM   102 O  O   . GLU A 1 17  ? 14.447  -6.109  -6.164  1.00 7.72  ? 18  GLU R O   1 
ATOM   103 C  CB  . GLU A 1 17  ? 15.631  -5.163  -9.019  1.00 11.45 ? 18  GLU R CB  1 
ATOM   104 C  CG  . GLU A 1 17  ? 17.011  -5.217  -9.705  1.00 14.40 ? 18  GLU R CG  1 
ATOM   105 C  CD  . GLU A 1 17  ? 17.398  -4.143  -10.661 1.00 17.10 ? 18  GLU R CD  1 
ATOM   106 O  OE1 . GLU A 1 17  ? 18.425  -4.278  -11.353 1.00 18.53 ? 18  GLU R OE1 1 
ATOM   107 O  OE2 . GLU A 1 17  ? 16.659  -3.119  -10.732 1.00 19.16 ? 18  GLU R OE2 1 
ATOM   108 N  N   . TRP A 1 18  ? 12.909  -6.230  -7.833  1.00 8.63  ? 19  TRP R N   1 
ATOM   109 C  CA  . TRP A 1 18  ? 11.758  -6.003  -6.918  1.00 8.88  ? 19  TRP R CA  1 
ATOM   110 C  C   . TRP A 1 18  ? 11.635  -7.178  -5.976  1.00 8.54  ? 19  TRP R C   1 
ATOM   111 O  O   . TRP A 1 18  ? 11.498  -7.003  -4.740  1.00 7.90  ? 19  TRP R O   1 
ATOM   112 C  CB  . TRP A 1 18  ? 10.496  -5.738  -7.751  1.00 10.55 ? 19  TRP R CB  1 
ATOM   113 C  CG  . TRP A 1 18  ? 9.225   -5.890  -6.959  1.00 11.16 ? 19  TRP R CG  1 
ATOM   114 C  CD1 . TRP A 1 18  ? 8.234   -6.810  -7.145  1.00 12.16 ? 19  TRP R CD1 1 
ATOM   115 C  CD2 . TRP A 1 18  ? 8.847   -5.082  -5.828  1.00 12.04 ? 19  TRP R CD2 1 
ATOM   116 N  NE1 . TRP A 1 18  ? 7.225   -6.619  -6.191  1.00 12.55 ? 19  TRP R NE1 1 
ATOM   117 C  CE2 . TRP A 1 18  ? 7.600   -5.587  -5.394  1.00 12.19 ? 19  TRP R CE2 1 
ATOM   118 C  CE3 . TRP A 1 18  ? 9.469   -4.033  -5.176  1.00 12.36 ? 19  TRP R CE3 1 
ATOM   119 C  CZ2 . TRP A 1 18  ? 6.943   -5.025  -4.291  1.00 13.00 ? 19  TRP R CZ2 1 
ATOM   120 C  CZ3 . TRP A 1 18  ? 8.821   -3.484  -4.069  1.00 13.53 ? 19  TRP R CZ3 1 
ATOM   121 C  CH2 . TRP A 1 18  ? 7.588   -3.995  -3.675  1.00 13.05 ? 19  TRP R CH2 1 
ATOM   122 N  N   . LEU A 1 19  ? 11.680  -8.403  -6.488  1.00 8.31  ? 20  LEU R N   1 
ATOM   123 C  CA  . LEU A 1 19  ? 11.575  -9.576  -5.632  1.00 9.39  ? 20  LEU R CA  1 
ATOM   124 C  C   . LEU A 1 19  ? 12.731  -9.599  -4.642  1.00 9.21  ? 20  LEU R C   1 
ATOM   125 O  O   . LEU A 1 19  ? 12.564  -10.118 -3.550  1.00 8.90  ? 20  LEU R O   1 
ATOM   126 C  CB  . LEU A 1 19  ? 11.560  -10.861 -6.460  1.00 11.42 ? 20  LEU R CB  1 
ATOM   127 C  CG  . LEU A 1 19  ? 10.255  -11.315 -7.061  1.00 14.06 ? 20  LEU R CG  1 
ATOM   128 C  CD1 . LEU A 1 19  ? 10.589  -12.612 -7.786  1.00 15.19 ? 20  LEU R CD1 1 
ATOM   129 C  CD2 . LEU A 1 19  ? 9.199   -11.498 -5.977  1.00 14.82 ? 20  LEU R CD2 1 
ATOM   130 N  N   . ARG A 1 20  ? 13.896  -9.076  -5.036  1.00 9.21  ? 21  ARG R N   1 
ATOM   131 C  CA  . ARG A 1 20  ? 15.046  -9.085  -4.088  1.00 9.96  ? 21  ARG R CA  1 
ATOM   132 C  C   . ARG A 1 20  ? 14.652  -8.234  -2.871  1.00 8.30  ? 21  ARG R C   1 
ATOM   133 O  O   . ARG A 1 20  ? 14.934  -8.679  -1.764  1.00 8.84  ? 21  ARG R O   1 
ATOM   134 C  CB  . ARG A 1 20  ? 16.322  -8.563  -4.756  1.00 12.57 ? 21  ARG R CB  1 
ATOM   135 C  CG  . ARG A 1 20  ? 17.572  -8.721  -3.889  1.00 16.41 ? 21  ARG R CG  1 
ATOM   136 C  CD  . ARG A 1 20  ? 18.795  -8.562  -4.760  1.00 19.31 ? 21  ARG R CD  1 
ATOM   137 N  NE  . ARG A 1 20  ? 19.862  -9.308  -4.050  1.00 22.28 ? 21  ARG R NE  1 
ATOM   138 C  CZ  . ARG A 1 20  ? 21.082  -8.762  -4.083  1.00 23.43 ? 21  ARG R CZ  1 
ATOM   139 N  NH1 . ARG A 1 20  ? 21.233  -7.640  -4.782  1.00 24.34 ? 21  ARG R NH1 1 
ATOM   140 N  NH2 . ARG A 1 20  ? 22.036  -9.358  -3.364  1.00 24.32 ? 21  ARG R NH2 1 
ATOM   141 N  N   . PHE A 1 21  ? 14.009  -7.108  -3.082  1.00 7.73  ? 22  PHE R N   1 
ATOM   142 C  CA  . PHE A 1 21  ? 13.562  -6.238  -1.964  1.00 7.36  ? 22  PHE R CA  1 
ATOM   143 C  C   . PHE A 1 21  ? 12.502  -6.992  -1.148  1.00 7.08  ? 22  PHE R C   1 
ATOM   144 O  O   . PHE A 1 21  ? 12.595  -7.081  0.095   1.00 6.75  ? 22  PHE R O   1 
ATOM   145 C  CB  . PHE A 1 21  ? 12.972  -4.931  -2.483  1.00 8.61  ? 22  PHE R CB  1 
ATOM   146 C  CG  . PHE A 1 21  ? 12.274  -4.199  -1.359  1.00 10.61 ? 22  PHE R CG  1 
ATOM   147 C  CD1 . PHE A 1 21  ? 10.884  -4.222  -1.238  1.00 11.78 ? 22  PHE R CD1 1 
ATOM   148 C  CD2 . PHE A 1 21  ? 13.057  -3.497  -0.450  1.00 12.13 ? 22  PHE R CD2 1 
ATOM   149 C  CE1 . PHE A 1 21  ? 10.247  -3.544  -0.196  1.00 12.55 ? 22  PHE R CE1 1 
ATOM   150 C  CE2 . PHE A 1 21  ? 12.442  -2.817  0.626   1.00 12.36 ? 22  PHE R CE2 1 
ATOM   151 C  CZ  . PHE A 1 21  ? 11.038  -2.848  0.709   1.00 12.53 ? 22  PHE R CZ  1 
ATOM   152 N  N   . VAL A 1 22  ? 11.511  -7.557  -1.835  1.00 7.36  ? 23  VAL R N   1 
ATOM   153 C  CA  . VAL A 1 22  ? 10.443  -8.302  -1.132  1.00 7.24  ? 23  VAL R CA  1 
ATOM   154 C  C   . VAL A 1 22  ? 11.001  -9.402  -0.233  1.00 6.99  ? 23  VAL R C   1 
ATOM   155 O  O   . VAL A 1 22  ? 10.576  -9.589  0.928   1.00 7.54  ? 23  VAL R O   1 
ATOM   156 C  CB  . VAL A 1 22  ? 9.372   -8.839  -2.110  1.00 7.78  ? 23  VAL R CB  1 
ATOM   157 C  CG1 . VAL A 1 22  ? 8.322   -9.694  -1.355  1.00 8.45  ? 23  VAL R CG1 1 
ATOM   158 C  CG2 . VAL A 1 22  ? 8.779   -7.686  -2.886  1.00 7.88  ? 23  VAL R CG2 1 
ATOM   159 N  N   . ASP A 1 23  ? 11.956  -10.158 -0.732  1.00 6.86  ? 24  ASP R N   1 
ATOM   160 C  CA  . ASP A 1 23  ? 12.558  -11.282 -0.003  1.00 7.50  ? 24  ASP R CA  1 
ATOM   161 C  C   . ASP A 1 23  ? 13.485  -10.790 1.120   1.00 6.36  ? 24  ASP R C   1 
ATOM   162 O  O   . ASP A 1 23  ? 13.519  -11.432 2.174   1.00 7.48  ? 24  ASP R O   1 
ATOM   163 C  CB  . ASP A 1 23  ? 13.200  -12.252 -1.008  1.00 9.04  ? 24  ASP R CB  1 
ATOM   164 C  CG  . ASP A 1 23  ? 12.130  -12.990 -1.811  1.00 10.37 ? 24  ASP R CG  1 
ATOM   165 O  OD1 . ASP A 1 23  ? 10.948  -13.031 -1.442  1.00 11.65 ? 24  ASP R OD1 1 
ATOM   166 O  OD2 . ASP A 1 23  ? 12.593  -13.537 -2.874  1.00 12.91 ? 24  ASP R OD2 1 
ATOM   167 N  N   . LEU A 1 24  ? 14.142  -9.669  0.898   1.00 6.23  ? 25  LEU R N   1 
ATOM   168 C  CA  . LEU A 1 24  ? 15.029  -9.091  1.907   1.00 7.31  ? 25  LEU R CA  1 
ATOM   169 C  C   . LEU A 1 24  ? 14.165  -8.663  3.108   1.00 6.77  ? 25  LEU R C   1 
ATOM   170 O  O   . LEU A 1 24  ? 14.533  -8.935  4.249   1.00 7.47  ? 25  LEU R O   1 
ATOM   171 C  CB  . LEU A 1 24  ? 15.801  -7.921  1.313   1.00 7.20  ? 25  LEU R CB  1 
ATOM   172 C  CG  . LEU A 1 24  ? 16.749  -7.293  2.338   1.00 8.90  ? 25  LEU R CG  1 
ATOM   173 C  CD1 . LEU A 1 24  ? 17.926  -8.235  2.591   1.00 9.77  ? 25  LEU R CD1 1 
ATOM   174 C  CD2 . LEU A 1 24  ? 17.219  -6.015  1.632   1.00 9.21  ? 25  LEU R CD2 1 
ATOM   175 N  N   . LEU A 1 25  ? 13.054  -8.002  2.774   1.00 7.21  ? 26  LEU R N   1 
ATOM   176 C  CA  . LEU A 1 25  ? 12.166  -7.516  3.863   1.00 7.23  ? 26  LEU R CA  1 
ATOM   177 C  C   . LEU A 1 25  ? 11.563  -8.678  4.612   1.00 6.96  ? 26  LEU R C   1 
ATOM   178 O  O   . LEU A 1 25  ? 11.387  -8.655  5.836   1.00 6.74  ? 26  LEU R O   1 
ATOM   179 C  CB  . LEU A 1 25  ? 11.161  -6.534  3.239   1.00 7.41  ? 26  LEU R CB  1 
ATOM   180 C  CG  . LEU A 1 25  ? 10.158  -5.969  4.253   1.00 8.58  ? 26  LEU R CG  1 
ATOM   181 C  CD1 . LEU A 1 25  ? 10.872  -5.265  5.407   1.00 8.34  ? 26  LEU R CD1 1 
ATOM   182 C  CD2 . LEU A 1 25  ? 9.206   -5.018  3.524   1.00 8.85  ? 26  LEU R CD2 1 
ATOM   183 N  N   . LYS A 1 26  ? 11.187  -9.739  3.896   1.00 6.84  ? 27  LYS R N   1 
ATOM   184 C  CA  . LYS A 1 26  ? 10.637  -10.952 4.516   1.00 7.87  ? 27  LYS R CA  1 
ATOM   185 C  C   . LYS A 1 26  ? 11.594  -11.445 5.610   1.00 8.43  ? 27  LYS R C   1 
ATOM   186 O  O   . LYS A 1 26  ? 11.204  -11.726 6.744   1.00 8.44  ? 27  LYS R O   1 
ATOM   187 C  CB  . LYS A 1 26  ? 10.461  -12.061 3.458   1.00 8.58  ? 27  LYS R CB  1 
ATOM   188 C  CG  . LYS A 1 26  ? 9.861   -13.328 4.052   1.00 10.22 ? 27  LYS R CG  1 
ATOM   189 C  CD  . LYS A 1 26  ? 9.638   -14.461 3.063   1.00 11.83 ? 27  LYS R CD  1 
ATOM   190 C  CE  . LYS A 1 26  ? 9.058   -14.065 1.735   1.00 12.97 ? 27  LYS R CE  1 
ATOM   191 N  NZ  . LYS A 1 26  ? 9.187   -15.272 0.814   1.00 14.02 ? 27  LYS R NZ  1 
ATOM   192 N  N   . ASN A 1 27  ? 12.879  -11.537 5.242   1.00 8.64  ? 28  ASN R N   1 
ATOM   193 C  CA  . ASN A 1 27  ? 13.930  -12.032 6.167   1.00 9.61  ? 28  ASN R CA  1 
ATOM   194 C  C   . ASN A 1 27  ? 14.182  -11.029 7.290   1.00 9.10  ? 28  ASN R C   1 
ATOM   195 O  O   . ASN A 1 27  ? 14.437  -11.533 8.411   1.00 9.66  ? 28  ASN R O   1 
ATOM   196 C  CB  . ASN A 1 27  ? 15.160  -12.395 5.345   1.00 12.63 ? 28  ASN R CB  1 
ATOM   197 C  CG  . ASN A 1 27  ? 14.775  -13.681 4.596   1.00 15.95 ? 28  ASN R CG  1 
ATOM   198 O  OD1 . ASN A 1 27  ? 14.951  -13.805 3.382   1.00 18.90 ? 28  ASN R OD1 1 
ATOM   199 N  ND2 . ASN A 1 27  ? 14.281  -14.652 5.340   1.00 17.81 ? 28  ASN R ND2 1 
ATOM   200 N  N   . ALA A 1 28  ? 14.052  -9.775  7.009   1.00 8.10  ? 29  ALA R N   1 
ATOM   201 C  CA  . ALA A 1 28  ? 14.243  -8.752  8.058   1.00 7.78  ? 29  ALA R CA  1 
ATOM   202 C  C   . ALA A 1 28  ? 13.151  -8.979  9.123   1.00 8.41  ? 29  ALA R C   1 
ATOM   203 O  O   . ALA A 1 28  ? 13.494  -8.925  10.328  1.00 8.41  ? 29  ALA R O   1 
ATOM   204 C  CB  . ALA A 1 28  ? 14.213  -7.364  7.437   1.00 7.23  ? 29  ALA R CB  1 
ATOM   205 N  N   . TYR A 1 29  ? 11.917  -9.200  8.679   1.00 7.86  ? 30  TYR R N   1 
ATOM   206 C  CA  . TYR A 1 29  ? 10.853  -9.414  9.692   1.00 9.53  ? 30  TYR R CA  1 
ATOM   207 C  C   . TYR A 1 29  ? 11.193  -10.631 10.564  1.00 10.92 ? 30  TYR R C   1 
ATOM   208 O  O   . TYR A 1 29  ? 10.977  -10.583 11.792  1.00 11.37 ? 30  TYR R O   1 
ATOM   209 C  CB  . TYR A 1 29  ? 9.475   -9.597  9.041   1.00 9.45  ? 30  TYR R CB  1 
ATOM   210 C  CG  . TYR A 1 29  ? 8.729   -8.302  8.764   1.00 9.08  ? 30  TYR R CG  1 
ATOM   211 C  CD1 . TYR A 1 29  ? 8.079   -7.587  9.793   1.00 9.07  ? 30  TYR R CD1 1 
ATOM   212 C  CD2 . TYR A 1 29  ? 8.583   -7.810  7.469   1.00 9.09  ? 30  TYR R CD2 1 
ATOM   213 C  CE1 . TYR A 1 29  ? 7.357   -6.439  9.506   1.00 8.99  ? 30  TYR R CE1 1 
ATOM   214 C  CE2 . TYR A 1 29  ? 7.885   -6.650  7.187   1.00 9.21  ? 30  TYR R CE2 1 
ATOM   215 C  CZ  . TYR A 1 29  ? 7.264   -5.947  8.228   1.00 9.32  ? 30  TYR R CZ  1 
ATOM   216 O  OH  . TYR A 1 29  ? 6.555   -4.835  7.887   1.00 9.46  ? 30  TYR R OH  1 
ATOM   217 N  N   . GLN A 1 30  ? 11.684  -11.679 9.939   1.00 12.02 ? 31  GLN R N   1 
ATOM   218 C  CA  . GLN A 1 30  ? 12.045  -12.910 10.659  1.00 14.30 ? 31  GLN R CA  1 
ATOM   219 C  C   . GLN A 1 30  ? 13.132  -12.650 11.699  1.00 14.40 ? 31  GLN R C   1 
ATOM   220 O  O   . GLN A 1 30  ? 13.187  -13.391 12.711  1.00 15.30 ? 31  GLN R O   1 
ATOM   221 C  CB  . GLN A 1 30  ? 12.495  -13.981 9.642   1.00 16.18 ? 31  GLN R CB  1 
ATOM   222 C  CG  . GLN A 1 30  ? 11.270  -14.388 8.827   1.00 19.24 ? 31  GLN R CG  1 
ATOM   223 C  CD  . GLN A 1 30  ? 11.469  -15.249 7.622   1.00 21.78 ? 31  GLN R CD  1 
ATOM   224 O  OE1 . GLN A 1 30  ? 10.472  -15.584 6.927   1.00 23.95 ? 31  GLN R OE1 1 
ATOM   225 N  NE2 . GLN A 1 30  ? 12.692  -15.634 7.334   1.00 22.99 ? 31  GLN R NE2 1 
ATOM   226 N  N   . ASN A 1 31  ? 13.983  -11.658 11.501  1.00 13.11 ? 32  ASN R N   1 
ATOM   227 C  CA  . ASN A 1 31  ? 15.075  -11.362 12.431  1.00 13.37 ? 32  ASN R CA  1 
ATOM   228 C  C   . ASN A 1 31  ? 14.844  -10.123 13.274  1.00 12.89 ? 32  ASN R C   1 
ATOM   229 O  O   . ASN A 1 31  ? 15.777  -9.655  13.972  1.00 12.54 ? 32  ASN R O   1 
ATOM   230 C  CB  . ASN A 1 31  ? 16.369  -11.290 11.589  1.00 14.83 ? 32  ASN R CB  1 
ATOM   231 C  CG  . ASN A 1 31  ? 16.804  -12.668 11.121  1.00 16.43 ? 32  ASN R CG  1 
ATOM   232 O  OD1 . ASN A 1 31  ? 17.215  -13.526 11.955  1.00 17.75 ? 32  ASN R OD1 1 
ATOM   233 N  ND2 . ASN A 1 31  ? 16.644  -12.953 9.827   1.00 17.29 ? 32  ASN R ND2 1 
ATOM   234 N  N   . ASP A 1 32  ? 13.638  -9.565  13.217  1.00 12.04 ? 33  ASP R N   1 
ATOM   235 C  CA  . ASP A 1 32  ? 13.322  -8.366  13.995  1.00 12.78 ? 33  ASP R CA  1 
ATOM   236 C  C   . ASP A 1 32  ? 14.161  -7.167  13.603  1.00 11.56 ? 33  ASP R C   1 
ATOM   237 O  O   . ASP A 1 32  ? 14.429  -6.265  14.415  1.00 11.59 ? 33  ASP R O   1 
ATOM   238 C  CB  . ASP A 1 32  ? 13.392  -8.686  15.506  1.00 15.37 ? 33  ASP R CB  1 
ATOM   239 C  CG  . ASP A 1 32  ? 12.037  -8.988  16.093  1.00 18.39 ? 33  ASP R CG  1 
ATOM   240 O  OD1 . ASP A 1 32  ? 11.922  -9.013  17.348  1.00 20.39 ? 33  ASP R OD1 1 
ATOM   241 O  OD2 . ASP A 1 32  ? 11.023  -9.173  15.362  1.00 19.69 ? 33  ASP R OD2 1 
ATOM   242 N  N   . LEU A 1 33  ? 14.538  -7.138  12.330  1.00 9.22  ? 34  LEU R N   1 
ATOM   243 C  CA  . LEU A 1 33  ? 15.281  -5.991  11.801  1.00 9.03  ? 34  LEU R CA  1 
ATOM   244 C  C   . LEU A 1 33  ? 14.408  -5.217  10.813  1.00 7.90  ? 34  LEU R C   1 
ATOM   245 O  O   . LEU A 1 33  ? 14.959  -4.355  10.116  1.00 7.99  ? 34  LEU R O   1 
ATOM   246 C  CB  . LEU A 1 33  ? 16.586  -6.484  11.121  1.00 9.16  ? 34  LEU R CB  1 
ATOM   247 C  CG  . LEU A 1 33  ? 17.645  -6.976  12.091  1.00 10.10 ? 34  LEU R CG  1 
ATOM   248 C  CD1 . LEU A 1 33  ? 18.764  -7.712  11.353  1.00 10.47 ? 34  LEU R CD1 1 
ATOM   249 C  CD2 . LEU A 1 33  ? 18.287  -5.794  12.834  1.00 10.75 ? 34  LEU R CD2 1 
ATOM   250 N  N   . HIS A 1 34  ? 13.106  -5.493  10.778  1.00 7.87  ? 35  HIS R N   1 
ATOM   251 C  CA  . HIS A 1 34  ? 12.256  -4.736  9.817   1.00 7.95  ? 35  HIS R CA  1 
ATOM   252 C  C   . HIS A 1 34  ? 12.244  -3.241  10.074  1.00 8.64  ? 35  HIS R C   1 
ATOM   253 O  O   . HIS A 1 34  ? 12.247  -2.544  9.063   1.00 7.69  ? 35  HIS R O   1 
ATOM   254 C  CB  . HIS A 1 34  ? 10.810  -5.291  9.875   1.00 8.45  ? 35  HIS R CB  1 
ATOM   255 C  CG  . HIS A 1 34  ? 10.342  -5.558  11.269  1.00 8.71  ? 35  HIS R CG  1 
ATOM   256 N  ND1 . HIS A 1 34  ? 9.314   -4.874  11.893  1.00 9.70  ? 35  HIS R ND1 1 
ATOM   257 C  CD2 . HIS A 1 34  ? 10.726  -6.514  12.144  1.00 7.95  ? 35  HIS R CD2 1 
ATOM   258 C  CE1 . HIS A 1 34  ? 9.136   -5.387  13.119  1.00 8.32  ? 35  HIS R CE1 1 
ATOM   259 N  NE2 . HIS A 1 34  ? 9.959   -6.401  13.271  1.00 10.51 ? 35  HIS R NE2 1 
ATOM   260 N  N   . LEU A 1 35  ? 12.165  -2.738  11.304  1.00 8.83  ? 36  LEU R N   1 
ATOM   261 C  CA  . LEU A 1 35  ? 12.115  -1.273  11.513  1.00 10.65 ? 36  LEU R CA  1 
ATOM   262 C  C   . LEU A 1 35  ? 13.362  -0.567  10.984  1.00 9.71  ? 36  LEU R C   1 
ATOM   263 O  O   . LEU A 1 35  ? 13.179  0.336   10.151  1.00 9.45  ? 36  LEU R O   1 
ATOM   264 C  CB  . LEU A 1 35  ? 11.751  -0.936  12.961  1.00 13.16 ? 36  LEU R CB  1 
ATOM   265 C  CG  . LEU A 1 35  ? 10.368  -0.401  13.297  1.00 15.23 ? 36  LEU R CG  1 
ATOM   266 C  CD1 . LEU A 1 35  ? 9.871   0.700   12.395  1.00 16.33 ? 36  LEU R CD1 1 
ATOM   267 C  CD2 . LEU A 1 35  ? 9.428   -1.608  13.167  1.00 16.41 ? 36  LEU R CD2 1 
ATOM   268 N  N   . PRO A 1 36  ? 14.566  -0.989  11.363  1.00 9.21  ? 37  PRO R N   1 
ATOM   269 C  CA  . PRO A 1 36  ? 15.767  -0.344  10.829  1.00 8.98  ? 37  PRO R CA  1 
ATOM   270 C  C   . PRO A 1 36  ? 15.837  -0.513  9.324   1.00 8.11  ? 37  PRO R C   1 
ATOM   271 O  O   . PRO A 1 36  ? 16.242  0.449   8.637   1.00 8.35  ? 37  PRO R O   1 
ATOM   272 C  CB  . PRO A 1 36  ? 16.940  -0.981  11.560  1.00 9.80  ? 37  PRO R CB  1 
ATOM   273 C  CG  . PRO A 1 36  ? 16.366  -1.890  12.569  1.00 10.62 ? 37  PRO R CG  1 
ATOM   274 C  CD  . PRO A 1 36  ? 14.858  -2.019  12.353  1.00 9.46  ? 37  PRO R CD  1 
ATOM   275 N  N   . LEU A 1 37  ? 15.430  -1.683  8.790   1.00 7.53  ? 38  LEU R N   1 
ATOM   276 C  CA  . LEU A 1 37  ? 15.504  -1.798  7.316   1.00 7.15  ? 38  LEU R CA  1 
ATOM   277 C  C   . LEU A 1 37  ? 14.596  -0.819  6.598   1.00 7.25  ? 38  LEU R C   1 
ATOM   278 O  O   . LEU A 1 37  ? 14.947  -0.174  5.588   1.00 6.87  ? 38  LEU R O   1 
ATOM   279 C  CB  . LEU A 1 37  ? 15.231  -3.259  6.859   1.00 7.36  ? 38  LEU R CB  1 
ATOM   280 C  CG  . LEU A 1 37  ? 15.383  -3.393  5.341   1.00 8.00  ? 38  LEU R CG  1 
ATOM   281 C  CD1 . LEU A 1 37  ? 16.790  -3.108  4.893   1.00 9.24  ? 38  LEU R CD1 1 
ATOM   282 C  CD2 . LEU A 1 37  ? 14.958  -4.830  5.000   1.00 9.75  ? 38  LEU R CD2 1 
ATOM   283 N  N   . LEU A 1 38  ? 13.347  -0.679  7.126   1.00 7.09  ? 39  LEU R N   1 
ATOM   284 C  CA  . LEU A 1 38  ? 12.390  0.263   6.491   1.00 7.83  ? 39  LEU R CA  1 
ATOM   285 C  C   . LEU A 1 38  ? 12.839  1.699   6.656   1.00 8.16  ? 39  LEU R C   1 
ATOM   286 O  O   . LEU A 1 38  ? 12.582  2.535   5.781   1.00 9.24  ? 39  LEU R O   1 
ATOM   287 C  CB  . LEU A 1 38  ? 10.983  -0.020  7.043   1.00 7.96  ? 39  LEU R CB  1 
ATOM   288 C  CG  . LEU A 1 38  ? 10.342  -1.353  6.623   1.00 9.11  ? 39  LEU R CG  1 
ATOM   289 C  CD1 . LEU A 1 38  ? 9.103   -1.646  7.441   1.00 10.88 ? 39  LEU R CD1 1 
ATOM   290 C  CD2 . LEU A 1 38  ? 9.957   -1.249  5.150   1.00 10.25 ? 39  LEU R CD2 1 
ATOM   291 N  N   . ASN A 1 39  ? 13.529  2.016   7.778   1.00 9.26  ? 40  ASN R N   1 
ATOM   292 C  CA  . ASN A 1 39  ? 13.997  3.384   7.984   1.00 9.94  ? 40  ASN R CA  1 
ATOM   293 C  C   . ASN A 1 39  ? 15.135  3.651   6.974   1.00 10.05 ? 40  ASN R C   1 
ATOM   294 O  O   . ASN A 1 39  ? 15.256  4.803   6.505   1.00 10.00 ? 40  ASN R O   1 
ATOM   295 C  CB  . ASN A 1 39  ? 14.371  3.605   9.436   1.00 11.99 ? 40  ASN R CB  1 
ATOM   296 C  CG  . ASN A 1 39  ? 13.164  3.783   10.360  1.00 14.20 ? 40  ASN R CG  1 
ATOM   297 O  OD1 . ASN A 1 39  ? 13.348  3.487   11.574  1.00 16.95 ? 40  ASN R OD1 1 
ATOM   298 N  ND2 . ASN A 1 39  ? 12.022  4.220   9.886   1.00 14.23 ? 40  ASN R ND2 1 
ATOM   299 N  N   . LEU A 1 40  ? 15.893  2.595   6.671   1.00 8.64  ? 41  LEU R N   1 
ATOM   300 C  CA  . LEU A 1 40  ? 16.979  2.770   5.705   1.00 9.20  ? 41  LEU R CA  1 
ATOM   301 C  C   . LEU A 1 40  ? 16.465  2.922   4.288   1.00 8.03  ? 41  LEU R C   1 
ATOM   302 O  O   . LEU A 1 40  ? 16.910  3.791   3.542   1.00 8.70  ? 41  LEU R O   1 
ATOM   303 C  CB  . LEU A 1 40  ? 17.909  1.538   5.780   1.00 9.77  ? 41  LEU R CB  1 
ATOM   304 C  CG  . LEU A 1 40  ? 19.014  1.460   4.748   1.00 11.08 ? 41  LEU R CG  1 
ATOM   305 C  CD1 . LEU A 1 40  ? 20.077  2.531   5.002   1.00 12.42 ? 41  LEU R CD1 1 
ATOM   306 C  CD2 . LEU A 1 40  ? 19.702  0.088   4.926   1.00 11.92 ? 41  LEU R CD2 1 
ATOM   307 N  N   . MET A 1 41  ? 15.527  2.054   3.910   1.00 8.31  ? 42  MET R N   1 
ATOM   308 C  CA  . MET A 1 41  ? 15.012  1.962   2.554   1.00 10.08 ? 42  MET R CA  1 
ATOM   309 C  C   . MET A 1 41  ? 14.007  2.996   2.100   1.00 9.72  ? 42  MET R C   1 
ATOM   310 O  O   . MET A 1 41  ? 13.919  3.200   0.876   1.00 10.30 ? 42  MET R O   1 
ATOM   311 C  CB  . MET A 1 41  ? 14.508  0.536   2.251   1.00 11.15 ? 42  MET R CB  1 
ATOM   312 C  CG  . MET A 1 41  ? 15.547  -0.535  2.442   1.00 13.62 ? 42  MET R CG  1 
ATOM   313 S  SD  . MET A 1 41  ? 16.960  -0.370  1.232   1.00 17.40 ? 42  MET R SD  1 
ATOM   314 C  CE  . MET A 1 41  ? 15.988  -0.224  -0.235  1.00 17.81 ? 42  MET R CE  1 
ATOM   315 N  N   . LEU A 1 42  ? 13.257  3.596   3.025   1.00 9.64  ? 43  LEU R N   1 
ATOM   316 C  CA  . LEU A 1 42  ? 12.260  4.594   2.590   1.00 9.19  ? 43  LEU R CA  1 
ATOM   317 C  C   . LEU A 1 42  ? 12.615  5.994   3.082   1.00 9.58  ? 43  LEU R C   1 
ATOM   318 O  O   . LEU A 1 42  ? 13.311  6.147   4.087   1.00 9.95  ? 43  LEU R O   1 
ATOM   319 C  CB  . LEU A 1 42  ? 10.931  4.160   3.273   1.00 10.25 ? 43  LEU R CB  1 
ATOM   320 C  CG  . LEU A 1 42  ? 10.323  2.852   2.735   1.00 10.85 ? 43  LEU R CG  1 
ATOM   321 C  CD1 . LEU A 1 42  ? 9.138   2.440   3.630   1.00 11.40 ? 43  LEU R CD1 1 
ATOM   322 C  CD2 . LEU A 1 42  ? 9.895   3.065   1.293   1.00 11.67 ? 43  LEU R CD2 1 
ATOM   323 N  N   . THR A 1 43  ? 12.082  6.997   2.414   1.00 10.83 ? 44  THR R N   1 
ATOM   324 C  CA  . THR A 1 43  ? 12.308  8.387   2.892   1.00 11.58 ? 44  THR R CA  1 
ATOM   325 C  C   . THR A 1 43  ? 11.198  8.699   3.902   1.00 12.02 ? 44  THR R C   1 
ATOM   326 O  O   . THR A 1 43  ? 10.166  8.030   3.935   1.00 11.73 ? 44  THR R O   1 
ATOM   327 C  CB  . THR A 1 43  ? 12.162  9.393   1.694   1.00 12.29 ? 44  THR R CB  1 
ATOM   328 O  OG1 . THR A 1 43  ? 10.759  9.249   1.231   1.00 12.44 ? 44  THR R OG1 1 
ATOM   329 C  CG2 . THR A 1 43  ? 13.084  9.093   0.523   1.00 12.98 ? 44  THR R CG2 1 
ATOM   330 N  N   . PRO A 1 44  ? 11.381  9.730   4.724   1.00 12.81 ? 45  PRO R N   1 
ATOM   331 C  CA  . PRO A 1 44  ? 10.363  10.138  5.689   1.00 12.77 ? 45  PRO R CA  1 
ATOM   332 C  C   . PRO A 1 44  ? 9.028   10.386  4.966   1.00 12.39 ? 45  PRO R C   1 
ATOM   333 O  O   . PRO A 1 44  ? 7.967   9.977   5.485   1.00 11.99 ? 45  PRO R O   1 
ATOM   334 C  CB  . PRO A 1 44  ? 10.938  11.449  6.291   1.00 13.18 ? 45  PRO R CB  1 
ATOM   335 C  CG  . PRO A 1 44  ? 12.409  11.226  6.155   1.00 13.78 ? 45  PRO R CG  1 
ATOM   336 C  CD  . PRO A 1 44  ? 12.618  10.563  4.783   1.00 13.21 ? 45  PRO R CD  1 
ATOM   337 N  N   . ASP A 1 45  ? 9.050   11.040  3.804   1.00 13.11 ? 46  ASP R N   1 
ATOM   338 C  CA  . ASP A 1 45  ? 7.801   11.315  3.061   1.00 14.57 ? 46  ASP R CA  1 
ATOM   339 C  C   . ASP A 1 45  ? 7.091   10.044  2.595   1.00 13.45 ? 46  ASP R C   1 
ATOM   340 O  O   . ASP A 1 45  ? 5.848   10.019  2.542   1.00 12.65 ? 46  ASP R O   1 
ATOM   341 C  CB  . ASP A 1 45  ? 7.939   12.280  1.889   1.00 17.30 ? 46  ASP R CB  1 
ATOM   342 C  CG  . ASP A 1 45  ? 8.206   13.707  2.295   1.00 20.26 ? 46  ASP R CG  1 
ATOM   343 O  OD1 . ASP A 1 45  ? 8.274   14.116  3.460   1.00 21.86 ? 46  ASP R OD1 1 
ATOM   344 O  OD2 . ASP A 1 45  ? 8.356   14.510  1.336   1.00 22.95 ? 46  ASP R OD2 1 
ATOM   345 N  N   . GLU A 1 46  ? 7.866   9.042   2.247   1.00 11.94 ? 47  GLU R N   1 
ATOM   346 C  CA  . GLU A 1 46  ? 7.261   7.767   1.788   1.00 11.16 ? 47  GLU R CA  1 
ATOM   347 C  C   . GLU A 1 46  ? 6.609   7.082   2.973   1.00 10.73 ? 47  GLU R C   1 
ATOM   348 O  O   . GLU A 1 46  ? 5.521   6.475   2.884   1.00 10.03 ? 47  GLU R O   1 
ATOM   349 C  CB  . GLU A 1 46  ? 8.309   6.905   1.112   1.00 11.74 ? 47  GLU R CB  1 
ATOM   350 C  CG  . GLU A 1 46  ? 8.706   7.367   -0.311  1.00 12.02 ? 47  GLU R CG  1 
ATOM   351 C  CD  . GLU A 1 46  ? 10.054  6.846   -0.754  1.00 13.09 ? 47  GLU R CD  1 
ATOM   352 O  OE1 . GLU A 1 46  ? 10.713  6.142   -0.014  1.00 12.99 ? 47  GLU R OE1 1 
ATOM   353 O  OE2 . GLU A 1 46  ? 10.395  7.221   -1.920  1.00 14.61 ? 47  GLU R OE2 1 
ATOM   354 N  N   . ARG A 1 47  ? 7.288   7.120   4.126   1.00 10.46 ? 48  ARG R N   1 
ATOM   355 C  CA  . ARG A 1 47  ? 6.714   6.496   5.345   1.00 10.35 ? 48  ARG R CA  1 
ATOM   356 C  C   . ARG A 1 47  ? 5.390   7.194   5.705   1.00 10.84 ? 48  ARG R C   1 
ATOM   357 O  O   . ARG A 1 47  ? 4.402   6.492   5.998   1.00 10.76 ? 48  ARG R O   1 
ATOM   358 C  CB  . ARG A 1 47  ? 7.685   6.454   6.516   1.00 11.58 ? 48  ARG R CB  1 
ATOM   359 C  CG  . ARG A 1 47  ? 8.953   5.645   6.189   1.00 12.44 ? 48  ARG R CG  1 
ATOM   360 C  CD  . ARG A 1 47  ? 9.719   5.371   7.455   1.00 13.91 ? 48  ARG R CD  1 
ATOM   361 N  NE  . ARG A 1 47  ? 10.326  6.589   8.002   1.00 15.22 ? 48  ARG R NE  1 
ATOM   362 C  CZ  . ARG A 1 47  ? 11.552  6.991   7.644   1.00 16.09 ? 48  ARG R CZ  1 
ATOM   363 N  NH1 . ARG A 1 47  ? 12.257  6.309   6.734   1.00 16.81 ? 48  ARG R NH1 1 
ATOM   364 N  NH2 . ARG A 1 47  ? 12.120  8.047   8.241   1.00 16.13 ? 48  ARG R NH2 1 
ATOM   365 N  N   . GLU A 1 48  ? 5.328   8.508   5.664   1.00 11.00 ? 49  GLU R N   1 
ATOM   366 C  CA  . GLU A 1 48  ? 4.113   9.270   5.926   1.00 11.47 ? 49  GLU R CA  1 
ATOM   367 C  C   . GLU A 1 48  ? 3.030   8.874   4.915   1.00 10.73 ? 49  GLU R C   1 
ATOM   368 O  O   . GLU A 1 48  ? 1.871   8.614   5.347   1.00 10.13 ? 49  GLU R O   1 
ATOM   369 C  CB  . GLU A 1 48  ? 4.369   10.770  5.748   1.00 14.23 ? 49  GLU R CB  1 
ATOM   370 C  CG  . GLU A 1 48  ? 3.197   11.636  6.269   1.00 17.75 ? 49  GLU R CG  1 
ATOM   371 C  CD  . GLU A 1 48  ? 3.631   13.068  6.514   1.00 20.21 ? 49  GLU R CD  1 
ATOM   372 O  OE1 . GLU A 1 48  ? 4.724   13.371  6.925   1.00 22.36 ? 49  GLU R OE1 1 
ATOM   373 O  OE2 . GLU A 1 48  ? 2.692   13.847  6.242   1.00 23.10 ? 49  GLU R OE2 1 
ATOM   374 N  N   . ALA A 1 49  ? 3.393   8.804   3.640   1.00 9.33  ? 50  ALA R N   1 
ATOM   375 C  CA  . ALA A 1 49  ? 2.414   8.420   2.599   1.00 9.39  ? 50  ALA R CA  1 
ATOM   376 C  C   . ALA A 1 49  ? 1.835   7.040   2.885   1.00 9.28  ? 50  ALA R C   1 
ATOM   377 O  O   . ALA A 1 49  ? 0.611   6.833   2.777   1.00 9.83  ? 50  ALA R O   1 
ATOM   378 C  CB  . ALA A 1 49  ? 3.035   8.411   1.191   1.00 10.00 ? 50  ALA R CB  1 
ATOM   379 N  N   . LEU A 1 50  ? 2.669   6.061   3.261   1.00 8.33  ? 51  LEU R N   1 
ATOM   380 C  CA  . LEU A 1 50  ? 2.145   4.715   3.538   1.00 8.77  ? 51  LEU R CA  1 
ATOM   381 C  C   . LEU A 1 50  ? 1.182   4.715   4.732   1.00 8.74  ? 51  LEU R C   1 
ATOM   382 O  O   . LEU A 1 50  ? 0.188   3.989   4.680   1.00 9.13  ? 51  LEU R O   1 
ATOM   383 C  CB  . LEU A 1 50  ? 3.294   3.722   3.659   1.00 10.03 ? 51  LEU R CB  1 
ATOM   384 C  CG  . LEU A 1 50  ? 3.998   3.400   2.343   1.00 11.03 ? 51  LEU R CG  1 
ATOM   385 C  CD1 . LEU A 1 50  ? 5.311   2.662   2.676   1.00 11.24 ? 51  LEU R CD1 1 
ATOM   386 C  CD2 . LEU A 1 50  ? 3.131   2.471   1.476   1.00 11.31 ? 51  LEU R CD2 1 
ATOM   387 N  N   . GLY A 1 51  ? 1.504   5.498   5.759   1.00 8.82  ? 52  GLY R N   1 
ATOM   388 C  CA  . GLY A 1 51  ? 0.592   5.550   6.921   1.00 9.12  ? 52  GLY R CA  1 
ATOM   389 C  C   . GLY A 1 51  ? -0.762  6.112   6.459   1.00 9.44  ? 52  GLY R C   1 
ATOM   390 O  O   . GLY A 1 51  ? -1.817  5.599   6.910   1.00 10.13 ? 52  GLY R O   1 
ATOM   391 N  N   . THR A 1 52  ? -0.746  7.114   5.605   1.00 9.66  ? 53  THR R N   1 
ATOM   392 C  CA  . THR A 1 52  ? -2.005  7.727   5.096   1.00 10.72 ? 53  THR R CA  1 
ATOM   393 C  C   . THR A 1 52  ? -2.793  6.779   4.217   1.00 9.97  ? 53  THR R C   1 
ATOM   394 O  O   . THR A 1 52  ? -4.032  6.677   4.293   1.00 9.90  ? 53  THR R O   1 
ATOM   395 C  CB  . THR A 1 52  ? -1.718  9.068   4.338   1.00 11.83 ? 53  THR R CB  1 
ATOM   396 O  OG1 . THR A 1 52  ? -1.136  9.914   5.391   1.00 13.55 ? 53  THR R OG1 1 
ATOM   397 C  CG2 . THR A 1 52  ? -2.990  9.684   3.741   1.00 12.62 ? 53  THR R CG2 1 
ATOM   398 N  N   . ARG A 1 53  ? -2.037  6.035   3.387   1.00 8.94  ? 54  ARG R N   1 
ATOM   399 C  CA  . ARG A 1 53  ? -2.697  5.057   2.481   1.00 8.53  ? 54  ARG R CA  1 
ATOM   400 C  C   . ARG A 1 53  ? -3.435  3.997   3.273   1.00 8.15  ? 54  ARG R C   1 
ATOM   401 O  O   . ARG A 1 53  ? -4.524  3.557   2.829   1.00 7.75  ? 54  ARG R O   1 
ATOM   402 C  CB  . ARG A 1 53  ? -1.713  4.433   1.470   1.00 8.42  ? 54  ARG R CB  1 
ATOM   403 C  CG  . ARG A 1 53  ? -1.217  5.502   0.459   1.00 8.38  ? 54  ARG R CG  1 
ATOM   404 C  CD  . ARG A 1 53  ? -0.201  4.876   -0.495  1.00 9.23  ? 54  ARG R CD  1 
ATOM   405 N  NE  . ARG A 1 53  ? 0.432   5.926   -1.313  1.00 9.82  ? 54  ARG R NE  1 
ATOM   406 C  CZ  . ARG A 1 53  ? 1.569   5.755   -1.987  1.00 10.31 ? 54  ARG R CZ  1 
ATOM   407 N  NH1 . ARG A 1 53  ? 2.193   4.569   -2.025  1.00 10.22 ? 54  ARG R NH1 1 
ATOM   408 N  NH2 . ARG A 1 53  ? 2.177   6.785   -2.612  1.00 11.06 ? 54  ARG R NH2 1 
ATOM   409 N  N   . VAL A 1 54  ? -2.889  3.517   4.394   1.00 8.57  ? 55  VAL R N   1 
ATOM   410 C  CA  . VAL A 1 54  ? -3.620  2.521   5.184   1.00 10.02 ? 55  VAL R CA  1 
ATOM   411 C  C   . VAL A 1 54  ? -4.970  3.102   5.666   1.00 9.81  ? 55  VAL R C   1 
ATOM   412 O  O   . VAL A 1 54  ? -5.982  2.386   5.605   1.00 9.30  ? 55  VAL R O   1 
ATOM   413 C  CB  . VAL A 1 54  ? -2.770  2.054   6.389   1.00 11.14 ? 55  VAL R CB  1 
ATOM   414 C  CG1 . VAL A 1 54  ? -3.620  1.157   7.264   1.00 12.38 ? 55  VAL R CG1 1 
ATOM   415 C  CG2 . VAL A 1 54  ? -1.562  1.320   5.827   1.00 11.77 ? 55  VAL R CG2 1 
ATOM   416 N  N   . ARG A 1 55  ? -4.919  4.344   6.107   1.00 10.74 ? 56  ARG R N   1 
ATOM   417 C  CA  . ARG A 1 55  ? -6.162  5.015   6.561   1.00 12.90 ? 56  ARG R CA  1 
ATOM   418 C  C   . ARG A 1 55  ? -7.195  5.094   5.425   1.00 11.55 ? 56  ARG R C   1 
ATOM   419 O  O   . ARG A 1 55  ? -8.393  4.844   5.595   1.00 9.95  ? 56  ARG R O   1 
ATOM   420 C  CB  . ARG A 1 55  ? -5.858  6.397   7.113   1.00 17.19 ? 56  ARG R CB  1 
ATOM   421 C  CG  . ARG A 1 55  ? -5.238  6.442   8.494   1.00 19.96 ? 56  ARG R CG  1 
ATOM   422 C  CD  . ARG A 1 55  ? -6.144  6.217   9.646   1.00 22.93 ? 56  ARG R CD  1 
ATOM   423 N  NE  . ARG A 1 55  ? -7.180  7.193   9.893   1.00 25.48 ? 56  ARG R NE  1 
ATOM   424 C  CZ  . ARG A 1 55  ? -7.157  8.500   10.123  1.00 27.01 ? 56  ARG R CZ  1 
ATOM   425 N  NH1 . ARG A 1 55  ? -6.078  9.291   10.169  1.00 27.99 ? 56  ARG R NH1 1 
ATOM   426 N  NH2 . ARG A 1 55  ? -8.316  9.137   10.356  1.00 27.65 ? 56  ARG R NH2 1 
ATOM   427 N  N   . ILE A 1 56  ? -6.723  5.485   4.245   1.00 9.54  ? 57  ILE R N   1 
ATOM   428 C  CA  . ILE A 1 56  ? -7.645  5.567   3.093   1.00 8.84  ? 57  ILE R CA  1 
ATOM   429 C  C   . ILE A 1 56  ? -8.248  4.197   2.839   1.00 8.93  ? 57  ILE R C   1 
ATOM   430 O  O   . ILE A 1 56  ? -9.472  4.081   2.675   1.00 9.14  ? 57  ILE R O   1 
ATOM   431 C  CB  . ILE A 1 56  ? -6.889  6.156   1.850   1.00 8.73  ? 57  ILE R CB  1 
ATOM   432 C  CG1 . ILE A 1 56  ? -6.438  7.612   2.138   1.00 9.35  ? 57  ILE R CG1 1 
ATOM   433 C  CG2 . ILE A 1 56  ? -7.724  5.997   0.538   1.00 9.22  ? 57  ILE R CG2 1 
ATOM   434 C  CD1 . ILE A 1 56  ? -5.415  8.185   1.088   1.00 10.05 ? 57  ILE R CD1 1 
ATOM   435 N  N   . VAL A 1 57  ? -7.418  3.127   2.731   1.00 8.58  ? 58  VAL R N   1 
ATOM   436 C  CA  . VAL A 1 57  ? -7.980  1.806   2.468   1.00 9.51  ? 58  VAL R CA  1 
ATOM   437 C  C   . VAL A 1 57  ? -9.007  1.424   3.546   1.00 9.29  ? 58  VAL R C   1 
ATOM   438 O  O   . VAL A 1 57  ? -10.063 0.862   3.246   1.00 9.96  ? 58  VAL R O   1 
ATOM   439 C  CB  . VAL A 1 57  ? -6.786  0.817   2.339   1.00 9.90  ? 58  VAL R CB  1 
ATOM   440 C  CG1 . VAL A 1 57  ? -7.256  -0.625  2.315   1.00 10.63 ? 58  VAL R CG1 1 
ATOM   441 C  CG2 . VAL A 1 57  ? -5.956  1.203   1.115   1.00 10.72 ? 58  VAL R CG2 1 
ATOM   442 N  N   . GLU A 1 58  ? -8.682  1.651   4.805   1.00 10.09 ? 59  GLU R N   1 
ATOM   443 C  CA  . GLU A 1 58  ? -9.619  1.319   5.894   1.00 11.74 ? 59  GLU R CA  1 
ATOM   444 C  C   . GLU A 1 58  ? -10.956 2.032   5.698   1.00 11.19 ? 59  GLU R C   1 
ATOM   445 O  O   . GLU A 1 58  ? -12.021 1.399   5.748   1.00 10.95 ? 59  GLU R O   1 
ATOM   446 C  CB  . GLU A 1 58  ? -9.034  1.817   7.213   1.00 14.25 ? 59  GLU R CB  1 
ATOM   447 C  CG  . GLU A 1 58  ? -9.996  1.504   8.375   1.00 17.85 ? 59  GLU R CG  1 
ATOM   448 C  CD  . GLU A 1 58  ? -9.256  1.876   9.642   1.00 20.86 ? 59  GLU R CD  1 
ATOM   449 O  OE1 . GLU A 1 58  ? -8.588  1.089   10.255  1.00 23.40 ? 59  GLU R OE1 1 
ATOM   450 O  OE2 . GLU A 1 58  ? -9.402  3.071   9.895   1.00 23.21 ? 59  GLU R OE2 1 
ATOM   451 N  N   . GLU A 1 59  ? -10.920 3.325   5.428   1.00 10.99 ? 60  GLU R N   1 
ATOM   452 C  CA  . GLU A 1 59  ? -12.188 4.094   5.238   1.00 11.52 ? 60  GLU R CA  1 
ATOM   453 C  C   . GLU A 1 59  ? -12.920 3.686   3.980   1.00 11.96 ? 60  GLU R C   1 
ATOM   454 O  O   . GLU A 1 59  ? -14.189 3.702   3.915   1.00 11.89 ? 60  GLU R O   1 
ATOM   455 C  CB  . GLU A 1 59  ? -11.911 5.580   5.289   1.00 12.11 ? 60  GLU R CB  1 
ATOM   456 C  CG  . GLU A 1 59  ? -11.405 6.142   6.630   1.00 12.86 ? 60  GLU R CG  1 
ATOM   457 C  CD  . GLU A 1 59  ? -12.358 5.968   7.792   1.00 14.24 ? 60  GLU R CD  1 
ATOM   458 O  OE1 . GLU A 1 59  ? -13.525 5.682   7.624   1.00 14.93 ? 60  GLU R OE1 1 
ATOM   459 O  OE2 . GLU A 1 59  ? -11.835 6.127   8.901   1.00 14.86 ? 60  GLU R OE2 1 
ATOM   460 N  N   . LEU A 1 60  ? -12.213 3.333   2.926   1.00 11.81 ? 61  LEU R N   1 
ATOM   461 C  CA  . LEU A 1 60  ? -12.898 2.864   1.700   1.00 12.61 ? 61  LEU R CA  1 
ATOM   462 C  C   . LEU A 1 60  ? -13.583 1.530   1.989   1.00 13.48 ? 61  LEU R C   1 
ATOM   463 O  O   . LEU A 1 60  ? -14.709 1.347   1.461   1.00 14.01 ? 61  LEU R O   1 
ATOM   464 C  CB  . LEU A 1 60  ? -11.882 2.730   0.545   1.00 12.54 ? 61  LEU R CB  1 
ATOM   465 C  CG  . LEU A 1 60  ? -11.363 4.043   -0.016  1.00 12.36 ? 61  LEU R CG  1 
ATOM   466 C  CD1 . LEU A 1 60  ? -10.311 3.725   -1.084  1.00 13.89 ? 61  LEU R CD1 1 
ATOM   467 C  CD2 . LEU A 1 60  ? -12.461 4.871   -0.660  1.00 13.25 ? 61  LEU R CD2 1 
ATOM   468 N  N   . LEU A 1 61  ? -12.970 0.640   2.749   1.00 13.55 ? 62  LEU R N   1 
ATOM   469 C  CA  . LEU A 1 61  ? -13.599 -0.668  3.030   1.00 13.94 ? 62  LEU R CA  1 
ATOM   470 C  C   . LEU A 1 61  ? -14.816 -0.525  3.941   1.00 15.10 ? 62  LEU R C   1 
ATOM   471 O  O   . LEU A 1 61  ? -15.790 -1.259  3.740   1.00 15.61 ? 62  LEU R O   1 
ATOM   472 C  CB  . LEU A 1 61  ? -12.584 -1.641  3.679   1.00 14.57 ? 62  LEU R CB  1 
ATOM   473 C  CG  . LEU A 1 61  ? -11.544 -2.111  2.670   1.00 15.05 ? 62  LEU R CG  1 
ATOM   474 C  CD1 . LEU A 1 61  ? -10.427 -2.891  3.389   1.00 15.43 ? 62  LEU R CD1 1 
ATOM   475 C  CD2 . LEU A 1 61  ? -12.188 -3.025  1.639   1.00 15.27 ? 62  LEU R CD2 1 
ATOM   476 N  N   . ARG A 1 62  ? -14.663 0.430   4.828   1.00 15.25 ? 63  ARG R N   1 
ATOM   477 C  CA  . ARG A 1 62  ? -15.726 0.694   5.808   1.00 16.73 ? 63  ARG R CA  1 
ATOM   478 C  C   . ARG A 1 62  ? -16.978 1.240   5.124   1.00 16.34 ? 63  ARG R C   1 
ATOM   479 O  O   . ARG A 1 62  ? -18.080 0.741   5.477   1.00 17.69 ? 63  ARG R O   1 
ATOM   480 C  CB  . ARG A 1 62  ? -15.217 1.586   6.941   1.00 16.98 ? 63  ARG R CB  1 
ATOM   481 C  CG  . ARG A 1 62  ? -16.399 1.979   7.830   1.00 17.69 ? 63  ARG R CG  1 
ATOM   482 C  CD  . ARG A 1 62  ? -15.932 2.794   8.990   1.00 19.03 ? 63  ARG R CD  1 
ATOM   483 N  NE  . ARG A 1 62  ? -15.126 1.946   9.873   1.00 19.56 ? 63  ARG R NE  1 
ATOM   484 C  CZ  . ARG A 1 62  ? -13.823 2.253   10.012  1.00 19.79 ? 63  ARG R CZ  1 
ATOM   485 N  NH1 . ARG A 1 62  ? -13.324 3.280   9.359   1.00 20.06 ? 63  ARG R NH1 1 
ATOM   486 N  NH2 . ARG A 1 62  ? -13.071 1.536   10.834  1.00 20.48 ? 63  ARG R NH2 1 
ATOM   487 N  N   . GLY A 1 63  ? -16.823 2.154   4.210   1.00 15.48 ? 64  GLY R N   1 
ATOM   488 C  CA  . GLY A 1 63  ? -17.968 2.735   3.495   1.00 15.97 ? 64  GLY R CA  1 
ATOM   489 C  C   . GLY A 1 63  ? -18.827 3.693   4.284   1.00 15.84 ? 64  GLY R C   1 
ATOM   490 O  O   . GLY A 1 63  ? -20.004 3.898   3.898   1.00 16.18 ? 64  GLY R O   1 
ATOM   491 N  N   . GLU A 1 64  ? -18.345 4.289   5.355   1.00 15.33 ? 65  GLU R N   1 
ATOM   492 C  CA  . GLU A 1 64  ? -19.130 5.255   6.150   1.00 15.15 ? 65  GLU R CA  1 
ATOM   493 C  C   . GLU A 1 64  ? -19.022 6.643   5.529   1.00 15.88 ? 65  GLU R C   1 
ATOM   494 O  O   . GLU A 1 64  ? -20.020 7.388   5.437   1.00 15.84 ? 65  GLU R O   1 
ATOM   495 C  CB  . GLU A 1 64  ? -18.670 5.306   7.596   1.00 15.06 ? 65  GLU R CB  1 
ATOM   496 C  CG  . GLU A 1 64  ? -19.045 6.479   8.497   1.00 14.97 ? 65  GLU R CG  1 
ATOM   497 C  CD  . GLU A 1 64  ? -20.514 6.751   8.690   1.00 15.13 ? 65  GLU R CD  1 
ATOM   498 O  OE1 . GLU A 1 64  ? -20.923 7.758   9.237   1.00 14.62 ? 65  GLU R OE1 1 
ATOM   499 O  OE2 . GLU A 1 64  ? -21.261 5.853   8.215   1.00 15.56 ? 65  GLU R OE2 1 
ATOM   500 N  N   . MET A 1 65  ? -17.801 7.002   5.135   1.00 16.25 ? 66  MET R N   1 
ATOM   501 C  CA  . MET A 1 65  ? -17.476 8.286   4.534   1.00 18.35 ? 66  MET R CA  1 
ATOM   502 C  C   . MET A 1 65  ? -17.505 8.265   2.999   1.00 18.31 ? 66  MET R C   1 
ATOM   503 O  O   . MET A 1 65  ? -17.089 7.274   2.367   1.00 18.24 ? 66  MET R O   1 
ATOM   504 C  CB  . MET A 1 65  ? -16.073 8.761   4.937   1.00 20.17 ? 66  MET R CB  1 
ATOM   505 C  CG  . MET A 1 65  ? -15.941 9.060   6.407   1.00 22.95 ? 66  MET R CG  1 
ATOM   506 S  SD  . MET A 1 65  ? -14.225 9.690   6.651   1.00 26.40 ? 66  MET R SD  1 
ATOM   507 C  CE  . MET A 1 65  ? -14.024 9.429   8.404   1.00 26.35 ? 66  MET R CE  1 
ATOM   508 N  N   . SER A 1 66  ? -17.966 9.397   2.467   1.00 18.21 ? 67  SER R N   1 
ATOM   509 C  CA  . SER A 1 66  ? -17.995 9.518   0.979   1.00 18.20 ? 67  SER R CA  1 
ATOM   510 C  C   . SER A 1 66  ? -16.552 9.856   0.618   1.00 18.03 ? 67  SER R C   1 
ATOM   511 O  O   . SER A 1 66  ? -15.756 10.220  1.501   1.00 17.41 ? 67  SER R O   1 
ATOM   512 C  CB  . SER A 1 66  ? -18.971 10.602  0.565   1.00 18.36 ? 67  SER R CB  1 
ATOM   513 O  OG  . SER A 1 66  ? -18.455 11.876  0.901   1.00 17.81 ? 67  SER R OG  1 
ATOM   514 N  N   . GLN A 1 67  ? -16.183 9.722   -0.647  1.00 18.85 ? 68  GLN R N   1 
ATOM   515 C  CA  . GLN A 1 67  ? -14.804 10.037  -1.063  1.00 19.36 ? 68  GLN R CA  1 
ATOM   516 C  C   . GLN A 1 67  ? -14.521 11.508  -0.812  1.00 19.74 ? 68  GLN R C   1 
ATOM   517 O  O   . GLN A 1 67  ? -13.423 11.897  -0.396  1.00 19.19 ? 68  GLN R O   1 
ATOM   518 C  CB  . GLN A 1 67  ? -14.535 9.558   -2.498  1.00 20.10 ? 68  GLN R CB  1 
ATOM   519 C  CG  . GLN A 1 67  ? -14.537 8.047   -2.560  1.00 21.01 ? 68  GLN R CG  1 
ATOM   520 C  CD  . GLN A 1 67  ? -13.991 7.413   -3.823  1.00 21.76 ? 68  GLN R CD  1 
ATOM   521 O  OE1 . GLN A 1 67  ? -14.092 6.181   -3.965  1.00 22.93 ? 68  GLN R OE1 1 
ATOM   522 N  NE2 . GLN A 1 67  ? -13.447 8.258   -4.682  1.00 21.54 ? 68  GLN R NE2 1 
ATOM   523 N  N   . ARG A 1 68  ? -15.518 12.377  -1.020  1.00 20.65 ? 69  ARG R N   1 
ATOM   524 C  CA  . ARG A 1 68  ? -15.269 13.824  -0.779  1.00 21.60 ? 69  ARG R CA  1 
ATOM   525 C  C   . ARG A 1 68  ? -15.095 14.129  0.698   1.00 21.25 ? 69  ARG R C   1 
ATOM   526 O  O   . ARG A 1 68  ? -14.254 14.961  1.094   1.00 21.29 ? 69  ARG R O   1 
ATOM   527 C  CB  . ARG A 1 68  ? -16.259 14.699  -1.500  1.00 22.37 ? 69  ARG R CB  1 
ATOM   528 C  CG  . ARG A 1 68  ? -17.627 14.835  -0.896  1.00 23.28 ? 69  ARG R CG  1 
ATOM   529 C  CD  . ARG A 1 68  ? -18.462 15.672  -1.830  1.00 24.12 ? 69  ARG R CD  1 
ATOM   530 N  NE  . ARG A 1 68  ? -19.870 15.623  -1.534  1.00 24.76 ? 69  ARG R NE  1 
ATOM   531 C  CZ  . ARG A 1 68  ? -20.680 14.570  -1.616  1.00 25.11 ? 69  ARG R CZ  1 
ATOM   532 N  NH1 . ARG A 1 68  ? -21.961 14.685  -1.296  1.00 25.47 ? 69  ARG R NH1 1 
ATOM   533 N  NH2 . ARG A 1 68  ? -20.213 13.379  -2.001  1.00 25.56 ? 69  ARG R NH2 1 
ATOM   534 N  N   . GLU A 1 69  ? -15.841 13.407  1.523   1.00 21.86 ? 70  GLU R N   1 
ATOM   535 C  CA  . GLU A 1 69  ? -15.714 13.556  2.984   1.00 21.99 ? 70  GLU R CA  1 
ATOM   536 C  C   . GLU A 1 69  ? -14.325 13.116  3.422   1.00 21.24 ? 70  GLU R C   1 
ATOM   537 O  O   . GLU A 1 69  ? -13.681 13.686  4.315   1.00 20.65 ? 70  GLU R O   1 
ATOM   538 C  CB  . GLU A 1 69  ? -16.810 12.765  3.699   1.00 22.99 ? 70  GLU R CB  1 
ATOM   539 C  CG  . GLU A 1 69  ? -16.623 12.669  5.215   1.00 25.10 ? 70  GLU R CG  1 
ATOM   540 C  CD  . GLU A 1 69  ? -17.846 12.197  5.954   1.00 26.25 ? 70  GLU R CD  1 
ATOM   541 O  OE1 . GLU A 1 69  ? -18.021 12.393  7.149   1.00 27.03 ? 70  GLU R OE1 1 
ATOM   542 O  OE2 . GLU A 1 69  ? -18.628 11.593  5.164   1.00 27.11 ? 70  GLU R OE2 1 
ATOM   543 N  N   . LEU A 1 70  ? -13.795 12.053  2.800   1.00 20.76 ? 71  LEU R N   1 
ATOM   544 C  CA  . LEU A 1 70  ? -12.447 11.551  3.123   1.00 21.37 ? 71  LEU R CA  1 
ATOM   545 C  C   . LEU A 1 70  ? -11.366 12.574  2.817   1.00 21.28 ? 71  LEU R C   1 
ATOM   546 O  O   . LEU A 1 70  ? -10.367 12.748  3.535   1.00 20.69 ? 71  LEU R O   1 
ATOM   547 C  CB  . LEU A 1 70  ? -12.239 10.265  2.325   1.00 21.71 ? 71  LEU R CB  1 
ATOM   548 C  CG  . LEU A 1 70  ? -12.152 8.929   3.008   1.00 22.56 ? 71  LEU R CG  1 
ATOM   549 C  CD1 . LEU A 1 70  ? -11.510 7.944   2.022   1.00 22.40 ? 71  LEU R CD1 1 
ATOM   550 C  CD2 . LEU A 1 70  ? -11.285 9.051   4.270   1.00 22.49 ? 71  LEU R CD2 1 
ATOM   551 N  N   . LYS A 1 71  ? -11.545 13.253  1.693   1.00 22.16 ? 72  LYS R N   1 
ATOM   552 C  CA  . LYS A 1 71  ? -10.592 14.286  1.272   1.00 23.13 ? 72  LYS R CA  1 
ATOM   553 C  C   . LYS A 1 71  ? -10.577 15.379  2.345   1.00 24.00 ? 72  LYS R C   1 
ATOM   554 O  O   . LYS A 1 71  ? -9.518  15.807  2.790   1.00 23.63 ? 72  LYS R O   1 
ATOM   555 C  CB  . LYS A 1 71  ? -10.885 14.941  -0.075  1.00 24.06 ? 72  LYS R CB  1 
ATOM   556 C  CG  . LYS A 1 71  ? -10.172 16.311  -0.214  1.00 25.08 ? 72  LYS R CG  1 
ATOM   557 C  CD  . LYS A 1 71  ? -10.601 16.930  -1.530  1.00 25.74 ? 72  LYS R CD  1 
ATOM   558 C  CE  . LYS A 1 71  ? -10.018 18.302  -1.777  1.00 26.43 ? 72  LYS R CE  1 
ATOM   559 N  NZ  . LYS A 1 71  ? -10.890 19.371  -1.237  1.00 26.99 ? 72  LYS R NZ  1 
ATOM   560 N  N   . ASN A 1 72  ? -11.776 15.794  2.734   1.00 24.79 ? 73  ASN R N   1 
ATOM   561 C  CA  . ASN A 1 72  ? -11.901 16.855  3.765   1.00 26.08 ? 73  ASN R CA  1 
ATOM   562 C  C   . ASN A 1 72  ? -11.349 16.404  5.111   1.00 26.03 ? 73  ASN R C   1 
ATOM   563 O  O   . ASN A 1 72  ? -10.645 17.183  5.773   1.00 26.63 ? 73  ASN R O   1 
ATOM   564 C  CB  . ASN A 1 72  ? -13.349 17.339  3.802   1.00 26.94 ? 73  ASN R CB  1 
ATOM   565 C  CG  . ASN A 1 72  ? -13.697 18.180  2.581   1.00 27.67 ? 73  ASN R CG  1 
ATOM   566 O  OD1 . ASN A 1 72  ? -12.947 19.137  2.296   1.00 29.09 ? 73  ASN R OD1 1 
ATOM   567 N  ND2 . ASN A 1 72  ? -14.791 17.867  1.888   1.00 27.78 ? 73  ASN R ND2 1 
ATOM   568 N  N   . GLU A 1 73  ? -11.599 15.176  5.502   1.00 25.78 ? 74  GLU R N   1 
ATOM   569 C  CA  . GLU A 1 73  ? -11.141 14.616  6.769   1.00 26.12 ? 74  GLU R CA  1 
ATOM   570 C  C   . GLU A 1 73  ? -9.662  14.320  6.905   1.00 26.37 ? 74  GLU R C   1 
ATOM   571 O  O   . GLU A 1 73  ? -9.094  14.674  7.968   1.00 26.53 ? 74  GLU R O   1 
ATOM   572 C  CB  . GLU A 1 73  ? -11.932 13.329  7.048   1.00 26.03 ? 74  GLU R CB  1 
ATOM   573 N  N   . LEU A 1 74  ? -9.057  13.673  5.927   1.00 26.36 ? 75  LEU R N   1 
ATOM   574 C  CA  . LEU A 1 74  ? -7.644  13.321  5.992   1.00 27.07 ? 75  LEU R CA  1 
ATOM   575 C  C   . LEU A 1 74  ? -6.644  14.253  5.325   1.00 27.04 ? 75  LEU R C   1 
ATOM   576 O  O   . LEU A 1 74  ? -5.446  13.943  5.481   1.00 27.65 ? 75  LEU R O   1 
ATOM   577 C  CB  . LEU A 1 74  ? -7.425  11.933  5.350   1.00 27.52 ? 75  LEU R CB  1 
ATOM   578 C  CG  . LEU A 1 74  ? -8.409  10.822  5.561   1.00 28.21 ? 75  LEU R CG  1 
ATOM   579 C  CD1 . LEU A 1 74  ? -7.869  9.530   4.937   1.00 28.38 ? 75  LEU R CD1 1 
ATOM   580 C  CD2 . LEU A 1 74  ? -8.709  10.565  7.037   1.00 28.50 ? 75  LEU R CD2 1 
ATOM   581 N  N   . GLY A 1 75  ? -7.093  15.222  4.578   1.00 26.94 ? 76  GLY R N   1 
ATOM   582 C  CA  . GLY A 1 75  ? -6.203  16.135  3.865   1.00 26.64 ? 76  GLY R CA  1 
ATOM   583 C  C   . GLY A 1 75  ? -5.717  15.580  2.538   1.00 26.35 ? 76  GLY R C   1 
ATOM   584 O  O   . GLY A 1 75  ? -5.064  16.335  1.785   1.00 27.54 ? 76  GLY R O   1 
ATOM   585 N  N   . ALA A 1 76  ? -6.024  14.351  2.195   1.00 25.21 ? 77  ALA R N   1 
ATOM   586 C  CA  . ALA A 1 76  ? -5.595  13.723  0.938   1.00 24.25 ? 77  ALA R CA  1 
ATOM   587 C  C   . ALA A 1 76  ? -6.389  14.248  -0.258  1.00 23.43 ? 77  ALA R C   1 
ATOM   588 O  O   . ALA A 1 76  ? -7.616  14.388  -0.161  1.00 23.77 ? 77  ALA R O   1 
ATOM   589 C  CB  . ALA A 1 76  ? -5.784  12.217  1.075   1.00 24.19 ? 77  ALA R CB  1 
ATOM   590 N  N   . GLY A 1 77  ? -5.714  14.513  -1.367  1.00 22.00 ? 78  GLY R N   1 
ATOM   591 C  CA  . GLY A 1 77  ? -6.432  15.023  -2.559  1.00 20.11 ? 78  GLY R CA  1 
ATOM   592 C  C   . GLY A 1 77  ? -7.258  13.900  -3.168  1.00 19.03 ? 78  GLY R C   1 
ATOM   593 O  O   . GLY A 1 77  ? -7.042  12.691  -2.950  1.00 18.23 ? 78  GLY R O   1 
ATOM   594 N  N   . ILE A 1 78  ? -8.209  14.327  -3.998  1.00 18.22 ? 79  ILE R N   1 
ATOM   595 C  CA  . ILE A 1 78  ? -9.093  13.388  -4.694  1.00 17.98 ? 79  ILE R CA  1 
ATOM   596 C  C   . ILE A 1 78  ? -8.291  12.435  -5.579  1.00 17.29 ? 79  ILE R C   1 
ATOM   597 O  O   . ILE A 1 78  ? -8.632  11.254  -5.649  1.00 17.35 ? 79  ILE R O   1 
ATOM   598 C  CB  . ILE A 1 78  ? -10.181 14.138  -5.551  1.00 18.85 ? 79  ILE R CB  1 
ATOM   599 C  CG1 . ILE A 1 78  ? -11.089 14.880  -4.543  1.00 19.50 ? 79  ILE R CG1 1 
ATOM   600 C  CG2 . ILE A 1 78  ? -10.905 13.168  -6.513  1.00 18.82 ? 79  ILE R CG2 1 
ATOM   601 C  CD1 . ILE A 1 78  ? -11.765 13.933  -3.518  1.00 20.11 ? 79  ILE R CD1 1 
ATOM   602 N  N   . ALA A 1 79  ? -7.271  12.943  -6.244  1.00 16.34 ? 80  ALA R N   1 
ATOM   603 C  CA  . ALA A 1 79  ? -6.441  12.086  -7.117  1.00 15.79 ? 80  ALA R CA  1 
ATOM   604 C  C   . ALA A 1 79  ? -5.894  10.900  -6.326  1.00 15.58 ? 80  ALA R C   1 
ATOM   605 O  O   . ALA A 1 79  ? -5.886  9.769   -6.813  1.00 15.05 ? 80  ALA R O   1 
ATOM   606 C  CB  . ALA A 1 79  ? -5.357  12.916  -7.778  1.00 16.03 ? 80  ALA R CB  1 
ATOM   607 N  N   . THR A 1 80  ? -5.449  11.166  -5.109  1.00 15.31 ? 81  THR R N   1 
ATOM   608 C  CA  . THR A 1 80  ? -4.856  10.153  -4.226  1.00 15.46 ? 81  THR R CA  1 
ATOM   609 C  C   . THR A 1 80  ? -5.895  9.105   -3.828  1.00 15.08 ? 81  THR R C   1 
ATOM   610 O  O   . THR A 1 80  ? -5.640  7.889   -3.882  1.00 14.77 ? 81  THR R O   1 
ATOM   611 C  CB  . THR A 1 80  ? -4.216  10.855  -2.957  1.00 16.08 ? 81  THR R CB  1 
ATOM   612 O  OG1 . THR A 1 80  ? -3.071  11.622  -3.461  1.00 18.04 ? 81  THR R OG1 1 
ATOM   613 C  CG2 . THR A 1 80  ? -3.885  9.863   -1.852  1.00 16.28 ? 81  THR R CG2 1 
ATOM   614 N  N   . ILE A 1 81  ? -7.048  9.638   -3.432  1.00 14.66 ? 82  ILE R N   1 
ATOM   615 C  CA  . ILE A 1 81  ? -8.131  8.732   -3.028  1.00 14.40 ? 82  ILE R CA  1 
ATOM   616 C  C   . ILE A 1 81  ? -8.595  7.826   -4.159  1.00 14.60 ? 82  ILE R C   1 
ATOM   617 O  O   . ILE A 1 81  ? -8.923  6.646   -3.978  1.00 14.53 ? 82  ILE R O   1 
ATOM   618 C  CB  . ILE A 1 81  ? -9.282  9.572   -2.359  1.00 15.03 ? 82  ILE R CB  1 
ATOM   619 C  CG1 . ILE A 1 81  ? -8.733  10.182  -1.041  1.00 15.13 ? 82  ILE R CG1 1 
ATOM   620 C  CG2 . ILE A 1 81  ? -10.517 8.692   -2.082  1.00 15.18 ? 82  ILE R CG2 1 
ATOM   621 C  CD1 . ILE A 1 81  ? -9.448  11.457  -0.536  1.00 15.93 ? 82  ILE R CD1 1 
ATOM   622 N  N   . THR A 1 82  ? -8.630  8.396   -5.367  1.00 14.73 ? 83  THR R N   1 
ATOM   623 C  CA  . THR A 1 82  ? -9.044  7.675   -6.573  1.00 15.70 ? 83  THR R CA  1 
ATOM   624 C  C   . THR A 1 82  ? -8.075  6.538   -6.904  1.00 15.18 ? 83  THR R C   1 
ATOM   625 O  O   . THR A 1 82  ? -8.584  5.463   -7.253  1.00 15.91 ? 83  THR R O   1 
ATOM   626 C  CB  . THR A 1 82  ? -9.245  8.648   -7.811  1.00 16.25 ? 83  THR R CB  1 
ATOM   627 O  OG1 . THR A 1 82  ? -10.304 9.552   -7.357  1.00 17.57 ? 83  THR R OG1 1 
ATOM   628 C  CG2 . THR A 1 82  ? -9.690  7.826   -9.027  1.00 17.31 ? 83  THR R CG2 1 
ATOM   629 N  N   . ARG A 1 83  ? -6.780  6.822   -6.771  1.00 15.52 ? 84  ARG R N   1 
ATOM   630 C  CA  . ARG A 1 83  ? -5.771  5.777   -7.022  1.00 16.20 ? 84  ARG R CA  1 
ATOM   631 C  C   . ARG A 1 83  ? -6.033  4.611   -6.064  1.00 15.45 ? 84  ARG R C   1 
ATOM   632 O  O   . ARG A 1 83  ? -6.019  3.419   -6.418  1.00 15.22 ? 84  ARG R O   1 
ATOM   633 C  CB  . ARG A 1 83  ? -4.320  6.262   -6.846  1.00 18.50 ? 84  ARG R CB  1 
ATOM   634 C  CG  . ARG A 1 83  ? -3.863  7.258   -7.912  1.00 20.62 ? 84  ARG R CG  1 
ATOM   635 C  CD  . ARG A 1 83  ? -2.393  7.564   -7.769  1.00 22.74 ? 84  ARG R CD  1 
ATOM   636 N  NE  . ARG A 1 83  ? -1.645  6.519   -8.433  1.00 24.55 ? 84  ARG R NE  1 
ATOM   637 C  CZ  . ARG A 1 83  ? -0.411  6.424   -8.898  1.00 25.30 ? 84  ARG R CZ  1 
ATOM   638 N  NH1 . ARG A 1 83  ? 0.506   7.392   -8.819  1.00 26.04 ? 84  ARG R NH1 1 
ATOM   639 N  NH2 . ARG A 1 83  ? -0.096  5.277   -9.517  1.00 25.16 ? 84  ARG R NH2 1 
ATOM   640 N  N   . GLY A 1 84  ? -6.301  4.948   -4.809  1.00 14.63 ? 85  GLY R N   1 
ATOM   641 C  CA  . GLY A 1 84  ? -6.594  3.943   -3.771  1.00 14.02 ? 85  GLY R CA  1 
ATOM   642 C  C   . GLY A 1 84  ? -7.807  3.080   -4.134  1.00 13.83 ? 85  GLY R C   1 
ATOM   643 O  O   . GLY A 1 84  ? -7.799  1.848   -4.032  1.00 13.39 ? 85  GLY R O   1 
ATOM   644 N  N   . SER A 1 85  ? -8.880  3.777   -4.483  1.00 14.44 ? 86  SER R N   1 
ATOM   645 C  CA  . SER A 1 85  ? -10.165 3.145   -4.840  1.00 15.43 ? 86  SER R CA  1 
ATOM   646 C  C   . SER A 1 85  ? -9.993  2.189   -6.020  1.00 15.33 ? 86  SER R C   1 
ATOM   647 O  O   . SER A 1 85  ? -10.427 1.034   -5.982  1.00 14.96 ? 86  SER R O   1 
ATOM   648 C  CB  . SER A 1 85  ? -11.185 4.285   -5.034  1.00 16.32 ? 86  SER R CB  1 
ATOM   649 O  OG  . SER A 1 85  ? -12.445 3.681   -5.360  1.00 17.15 ? 86  SER R OG  1 
ATOM   650 N  N   . ASN A 1 86  ? -9.296  2.685   -7.043  1.00 15.78 ? 87  ASN R N   1 
ATOM   651 C  CA  . ASN A 1 86  ? -9.036  1.887   -8.252  1.00 15.99 ? 87  ASN R CA  1 
ATOM   652 C  C   . ASN A 1 86  ? -8.150  0.686   -7.937  1.00 15.56 ? 87  ASN R C   1 
ATOM   653 O  O   . ASN A 1 86  ? -8.426  -0.408  -8.450  1.00 15.48 ? 87  ASN R O   1 
ATOM   654 C  CB  . ASN A 1 86  ? -8.455  2.750   -9.361  1.00 17.38 ? 87  ASN R CB  1 
ATOM   655 C  CG  . ASN A 1 86  ? -9.466  3.697   -9.970  1.00 18.65 ? 87  ASN R CG  1 
ATOM   656 O  OD1 . ASN A 1 86  ? -9.104  4.655   -10.655 1.00 20.40 ? 87  ASN R OD1 1 
ATOM   657 N  ND2 . ASN A 1 86  ? -10.746 3.484   -9.728  1.00 19.54 ? 87  ASN R ND2 1 
ATOM   658 N  N   . SER A 1 87  ? -7.136  0.875   -7.094  1.00 14.61 ? 88  SER R N   1 
ATOM   659 C  CA  . SER A 1 87  ? -6.253  -0.260  -6.755  1.00 15.07 ? 88  SER R CA  1 
ATOM   660 C  C   . SER A 1 87  ? -6.989  -1.291  -5.919  1.00 14.77 ? 88  SER R C   1 
ATOM   661 O  O   . SER A 1 87  ? -6.766  -2.512  -6.049  1.00 14.46 ? 88  SER R O   1 
ATOM   662 C  CB  . SER A 1 87  ? -4.980  0.220   -6.053  1.00 15.77 ? 88  SER R CB  1 
ATOM   663 O  OG  . SER A 1 87  ? -4.337  1.126   -6.939  1.00 17.06 ? 88  SER R OG  1 
ATOM   664 N  N   . LEU A 1 88  ? -7.881  -0.846  -5.052  1.00 15.28 ? 89  LEU R N   1 
ATOM   665 C  CA  . LEU A 1 88  ? -8.664  -1.757  -4.197  1.00 16.71 ? 89  LEU R CA  1 
ATOM   666 C  C   . LEU A 1 88  ? -9.590  -2.585  -5.093  1.00 17.73 ? 89  LEU R C   1 
ATOM   667 O  O   . LEU A 1 88  ? -9.656  -3.808  -4.939  1.00 17.55 ? 89  LEU R O   1 
ATOM   668 C  CB  . LEU A 1 88  ? -9.326  -0.952  -3.065  1.00 17.27 ? 89  LEU R CB  1 
ATOM   669 C  CG  . LEU A 1 88  ? -9.957  -1.757  -1.935  1.00 18.42 ? 89  LEU R CG  1 
ATOM   670 C  CD1 . LEU A 1 88  ? -8.937  -2.577  -1.163  1.00 17.72 ? 89  LEU R CD1 1 
ATOM   671 C  CD2 . LEU A 1 88  ? -10.661 -0.776  -0.999  1.00 18.18 ? 89  LEU R CD2 1 
ATOM   672 N  N   . LYS A 1 89  ? -10.216 -1.913  -6.045  1.00 18.96 ? 90  LYS R N   1 
ATOM   673 C  CA  . LYS A 1 89  ? -11.145 -2.628  -6.957  1.00 20.97 ? 90  LYS R CA  1 
ATOM   674 C  C   . LYS A 1 89  ? -10.424 -3.679  -7.765  1.00 20.63 ? 90  LYS R C   1 
ATOM   675 O  O   . LYS A 1 89  ? -11.034 -4.720  -8.096  1.00 22.04 ? 90  LYS R O   1 
ATOM   676 C  CB  . LYS A 1 89  ? -11.918 -1.632  -7.826  1.00 22.39 ? 90  LYS R CB  1 
ATOM   677 C  CG  . LYS A 1 89  ? -12.996 -0.910  -7.006  1.00 24.50 ? 90  LYS R CG  1 
ATOM   678 C  CD  . LYS A 1 89  ? -13.766 0.083   -7.856  1.00 25.94 ? 90  LYS R CD  1 
ATOM   679 C  CE  . LYS A 1 89  ? -14.598 1.056   -7.036  1.00 27.14 ? 90  LYS R CE  1 
ATOM   680 N  NZ  . LYS A 1 89  ? -15.627 1.704   -7.925  1.00 28.19 ? 90  LYS R NZ  1 
ATOM   681 N  N   . ALA A 1 90  ? -9.177  -3.489  -8.109  1.00 20.05 ? 91  ALA R N   1 
ATOM   682 C  CA  . ALA A 1 90  ? -8.322  -4.376  -8.879  1.00 19.80 ? 91  ALA R CA  1 
ATOM   683 C  C   . ALA A 1 90  ? -7.667  -5.488  -8.082  1.00 19.20 ? 91  ALA R C   1 
ATOM   684 O  O   . ALA A 1 90  ? -7.048  -6.408  -8.654  1.00 19.93 ? 91  ALA R O   1 
ATOM   685 C  CB  . ALA A 1 90  ? -7.168  -3.518  -9.454  1.00 20.51 ? 91  ALA R CB  1 
ATOM   686 N  N   . ALA A 1 91  ? -7.699  -5.418  -6.754  1.00 17.56 ? 92  ALA R N   1 
ATOM   687 C  CA  . ALA A 1 91  ? -7.013  -6.433  -5.946  1.00 16.06 ? 92  ALA R CA  1 
ATOM   688 C  C   . ALA A 1 91  ? -7.720  -7.781  -5.909  1.00 14.64 ? 92  ALA R C   1 
ATOM   689 O  O   . ALA A 1 91  ? -8.942  -7.813  -6.119  1.00 15.76 ? 92  ALA R O   1 
ATOM   690 C  CB  . ALA A 1 91  ? -6.904  -5.872  -4.505  1.00 16.43 ? 92  ALA R CB  1 
ATOM   691 N  N   . PRO A 1 92  ? -6.969  -8.811  -5.614  1.00 13.71 ? 93  PRO R N   1 
ATOM   692 C  CA  . PRO A 1 92  ? -7.535  -10.160 -5.478  1.00 13.21 ? 93  PRO R CA  1 
ATOM   693 C  C   . PRO A 1 92  ? -8.600  -10.115 -4.387  1.00 13.16 ? 93  PRO R C   1 
ATOM   694 O  O   . PRO A 1 92  ? -8.409  -9.465  -3.322  1.00 12.98 ? 93  PRO R O   1 
ATOM   695 C  CB  . PRO A 1 92  ? -6.398  -11.056 -4.957  1.00 13.74 ? 93  PRO R CB  1 
ATOM   696 C  CG  . PRO A 1 92  ? -5.165  -10.309 -5.356  1.00 13.60 ? 93  PRO R CG  1 
ATOM   697 C  CD  . PRO A 1 92  ? -5.531  -8.840  -5.371  1.00 13.18 ? 93  PRO R CD  1 
ATOM   698 N  N   . VAL A 1 93  ? -9.702  -10.810 -4.631  1.00 11.95 ? 94  VAL R N   1 
ATOM   699 C  CA  . VAL A 1 93  ? -10.779 -10.860 -3.606  1.00 13.49 ? 94  VAL R CA  1 
ATOM   700 C  C   . VAL A 1 93  ? -10.262 -11.330 -2.258  1.00 13.12 ? 94  VAL R C   1 
ATOM   701 O  O   . VAL A 1 93  ? -10.672 -10.780 -1.200  1.00 13.19 ? 94  VAL R O   1 
ATOM   702 C  CB  . VAL A 1 93  ? -11.918 -11.751 -4.202  1.00 13.99 ? 94  VAL R CB  1 
ATOM   703 C  CG1 . VAL A 1 93  ? -12.851 -12.222 -3.098  1.00 15.02 ? 94  VAL R CG1 1 
ATOM   704 C  CG2 . VAL A 1 93  ? -12.608 -10.981 -5.316  1.00 14.88 ? 94  VAL R CG2 1 
ATOM   705 N  N   . GLU A 1 94  ? -9.389  -12.315 -2.224  1.00 12.29 ? 95  GLU R N   1 
ATOM   706 C  CA  . GLU A 1 94  ? -8.839  -12.862 -0.984  1.00 13.10 ? 95  GLU R CA  1 
ATOM   707 C  C   . GLU A 1 94  ? -8.082  -11.777 -0.183  1.00 12.02 ? 95  GLU R C   1 
ATOM   708 O  O   . GLU A 1 94  ? -8.136  -11.911 1.059   1.00 12.75 ? 95  GLU R O   1 
ATOM   709 C  CB  . GLU A 1 94  ? -7.900  -14.037 -1.129  1.00 15.26 ? 95  GLU R CB  1 
ATOM   710 C  CG  . GLU A 1 94  ? -6.688  -13.883 -2.003  1.00 17.91 ? 95  GLU R CG  1 
ATOM   711 C  CD  . GLU A 1 94  ? -6.945  -14.221 -3.464  1.00 20.26 ? 95  GLU R CD  1 
ATOM   712 O  OE1 . GLU A 1 94  ? -7.963  -13.957 -4.115  1.00 21.38 ? 95  GLU R OE1 1 
ATOM   713 O  OE2 . GLU A 1 94  ? -5.938  -14.830 -3.892  1.00 22.15 ? 95  GLU R OE2 1 
ATOM   714 N  N   . LEU A 1 95  ? -7.453  -10.834 -0.858  1.00 10.83 ? 96  LEU R N   1 
ATOM   715 C  CA  . LEU A 1 95  ? -6.740  -9.747  -0.153  1.00 9.85  ? 96  LEU R CA  1 
ATOM   716 C  C   . LEU A 1 95  ? -7.807  -8.816  0.434   1.00 9.90  ? 96  LEU R C   1 
ATOM   717 O  O   . LEU A 1 95  ? -7.670  -8.418  1.607   1.00 10.18 ? 96  LEU R O   1 
ATOM   718 C  CB  . LEU A 1 95  ? -5.726  -9.003  -1.038  1.00 9.79  ? 96  LEU R CB  1 
ATOM   719 C  CG  . LEU A 1 95  ? -5.102  -7.772  -0.339  1.00 9.03  ? 96  LEU R CG  1 
ATOM   720 C  CD1 . LEU A 1 95  ? -4.102  -8.275  0.715   1.00 9.63  ? 96  LEU R CD1 1 
ATOM   721 C  CD2 . LEU A 1 95  ? -4.431  -6.811  -1.329  1.00 10.03 ? 96  LEU R CD2 1 
ATOM   722 N  N   . ARG A 1 96  ? -8.824  -8.455  -0.336  1.00 10.01 ? 97  ARG R N   1 
ATOM   723 C  CA  . ARG A 1 96  ? -9.894  -7.556  0.165   1.00 11.60 ? 97  ARG R CA  1 
ATOM   724 C  C   . ARG A 1 96  ? -10.552 -8.193  1.389   1.00 10.58 ? 97  ARG R C   1 
ATOM   725 O  O   . ARG A 1 96  ? -10.820 -7.496  2.386   1.00 10.01 ? 97  ARG R O   1 
ATOM   726 C  CB  . ARG A 1 96  ? -10.942 -7.307  -0.928  1.00 14.18 ? 97  ARG R CB  1 
ATOM   727 C  CG  . ARG A 1 96  ? -11.852 -6.091  -0.720  1.00 19.30 ? 97  ARG R CG  1 
ATOM   728 C  CD  . ARG A 1 96  ? -12.468 -5.525  -1.970  1.00 22.39 ? 97  ARG R CD  1 
ATOM   729 N  NE  . ARG A 1 96  ? -11.594 -5.516  -3.124  1.00 25.55 ? 97  ARG R NE  1 
ATOM   730 C  CZ  . ARG A 1 96  ? -11.735 -6.177  -4.282  1.00 26.99 ? 97  ARG R CZ  1 
ATOM   731 N  NH1 . ARG A 1 96  ? -12.746 -6.893  -4.772  1.00 27.93 ? 97  ARG R NH1 1 
ATOM   732 N  NH2 . ARG A 1 96  ? -10.614 -6.260  -5.019  1.00 27.72 ? 97  ARG R NH2 1 
ATOM   733 N  N   . GLN A 1 97  ? -10.870 -9.472  1.311   1.00 9.46  ? 98  GLN R N   1 
ATOM   734 C  CA  . GLN A 1 97  ? -11.527 -10.158 2.437   1.00 10.11 ? 98  GLN R CA  1 
ATOM   735 C  C   . GLN A 1 97  ? -10.646 -10.116 3.682   1.00 9.22  ? 98  GLN R C   1 
ATOM   736 O  O   . GLN A 1 97  ? -11.146 -9.865  4.791   1.00 8.60  ? 98  GLN R O   1 
ATOM   737 C  CB  . GLN A 1 97  ? -11.953 -11.585 2.086   1.00 11.55 ? 98  GLN R CB  1 
ATOM   738 C  CG  . GLN A 1 97  ? -13.061 -11.506 1.035   1.00 13.90 ? 98  GLN R CG  1 
ATOM   739 C  CD  . GLN A 1 97  ? -13.367 -12.850 0.424   1.00 15.63 ? 98  GLN R CD  1 
ATOM   740 O  OE1 . GLN A 1 97  ? -14.309 -12.942 -0.384  1.00 18.79 ? 98  GLN R OE1 1 
ATOM   741 N  NE2 . GLN A 1 97  ? -12.622 -13.873 0.708   1.00 16.47 ? 98  GLN R NE2 1 
ATOM   742 N  N   . TRP A 1 98  ? -9.349  -10.373 3.477   1.00 8.78  ? 99  TRP R N   1 
ATOM   743 C  CA  . TRP A 1 98  ? -8.408  -10.340 4.624   1.00 9.56  ? 99  TRP R CA  1 
ATOM   744 C  C   . TRP A 1 98  ? -8.323  -8.920  5.217   1.00 9.39  ? 99  TRP R C   1 
ATOM   745 O  O   . TRP A 1 98  ? -8.341  -8.799  6.473   1.00 9.07  ? 99  TRP R O   1 
ATOM   746 C  CB  . TRP A 1 98  ? -7.032  -10.834 4.172   1.00 10.00 ? 99  TRP R CB  1 
ATOM   747 C  CG  . TRP A 1 98  ? -6.015  -10.876 5.273   1.00 11.11 ? 99  TRP R CG  1 
ATOM   748 C  CD1 . TRP A 1 98  ? -5.919  -11.759 6.304   1.00 11.78 ? 99  TRP R CD1 1 
ATOM   749 C  CD2 . TRP A 1 98  ? -4.924  -9.943  5.430   1.00 11.22 ? 99  TRP R CD2 1 
ATOM   750 N  NE1 . TRP A 1 98  ? -4.817  -11.439 7.097   1.00 12.14 ? 99  TRP R NE1 1 
ATOM   751 C  CE2 . TRP A 1 98  ? -4.206  -10.343 6.571   1.00 11.30 ? 99  TRP R CE2 1 
ATOM   752 C  CE3 . TRP A 1 98  ? -4.516  -8.848  4.693   1.00 11.56 ? 99  TRP R CE3 1 
ATOM   753 C  CZ2 . TRP A 1 98  ? -3.085  -9.647  6.976   1.00 11.85 ? 99  TRP R CZ2 1 
ATOM   754 C  CZ3 . TRP A 1 98  ? -3.397  -8.133  5.082   1.00 12.42 ? 99  TRP R CZ3 1 
ATOM   755 C  CH2 . TRP A 1 98  ? -2.693  -8.564  6.205   1.00 11.54 ? 99  TRP R CH2 1 
ATOM   756 N  N   . LEU A 1 99  ? -8.247  -7.909  4.362   1.00 8.99  ? 100 LEU R N   1 
ATOM   757 C  CA  . LEU A 1 99  ? -8.174  -6.501  4.858   1.00 9.13  ? 100 LEU R CA  1 
ATOM   758 C  C   . LEU A 1 99  ? -9.440  -6.204  5.678   1.00 10.24 ? 100 LEU R C   1 
ATOM   759 O  O   . LEU A 1 99  ? -9.331  -5.588  6.752   1.00 10.77 ? 100 LEU R O   1 
ATOM   760 C  CB  . LEU A 1 99  ? -7.998  -5.551  3.666   1.00 8.24  ? 100 LEU R CB  1 
ATOM   761 C  CG  . LEU A 1 99  ? -6.580  -5.566  3.053   1.00 9.16  ? 100 LEU R CG  1 
ATOM   762 C  CD1 . LEU A 1 99  ? -6.576  -4.666  1.825   1.00 9.34  ? 100 LEU R CD1 1 
ATOM   763 C  CD2 . LEU A 1 99  ? -5.528  -5.121  4.059   1.00 10.83 ? 100 LEU R CD2 1 
ATOM   764 N  N   . GLU A 1 100 ? -10.609 -6.640  5.213   1.00 11.26 ? 101 GLU R N   1 
ATOM   765 C  CA  . GLU A 1 100 ? -11.843 -6.388  5.979   1.00 13.02 ? 101 GLU R CA  1 
ATOM   766 C  C   . GLU A 1 100 ? -11.730 -7.033  7.359   1.00 14.04 ? 101 GLU R C   1 
ATOM   767 O  O   . GLU A 1 100 ? -12.150 -6.429  8.387   1.00 15.15 ? 101 GLU R O   1 
ATOM   768 C  CB  . GLU A 1 100 ? -13.073 -6.944  5.278   1.00 14.65 ? 101 GLU R CB  1 
ATOM   769 C  CG  . GLU A 1 100 ? -13.398 -6.224  3.949   1.00 17.16 ? 101 GLU R CG  1 
ATOM   770 C  CD  . GLU A 1 100 ? -14.546 -6.804  3.159   1.00 19.59 ? 101 GLU R CD  1 
ATOM   771 O  OE1 . GLU A 1 100 ? -15.155 -6.094  2.378   1.00 22.32 ? 101 GLU R OE1 1 
ATOM   772 O  OE2 . GLU A 1 100 ? -14.851 -7.993  3.328   1.00 20.11 ? 101 GLU R OE2 1 
ATOM   773 N  N   . GLU A 1 101 ? -11.165 -8.223  7.430   1.00 13.63 ? 102 GLU R N   1 
ATOM   774 C  CA  . GLU A 1 101 ? -11.009 -8.948  8.695   1.00 14.94 ? 102 GLU R CA  1 
ATOM   775 C  C   . GLU A 1 101 ? -10.054 -8.264  9.674   1.00 14.77 ? 102 GLU R C   1 
ATOM   776 O  O   . GLU A 1 101 ? -10.318 -8.247  10.909  1.00 15.60 ? 102 GLU R O   1 
ATOM   777 C  CB  . GLU A 1 101 ? -10.522 -10.384 8.484   1.00 16.73 ? 102 GLU R CB  1 
ATOM   778 C  CG  . GLU A 1 101 ? -11.379 -11.295 7.596   1.00 19.84 ? 102 GLU R CG  1 
ATOM   779 C  CD  . GLU A 1 101 ? -10.769 -12.636 7.280   1.00 21.54 ? 102 GLU R CD  1 
ATOM   780 O  OE1 . GLU A 1 101 ? -9.609  -12.978 7.431   1.00 23.08 ? 102 GLU R OE1 1 
ATOM   781 O  OE2 . GLU A 1 101 ? -11.582 -13.452 6.798   1.00 23.56 ? 102 GLU R OE2 1 
ATOM   782 N  N   . VAL A 1 102 ? -8.951  -7.744  9.154   1.00 13.59 ? 103 VAL R N   1 
ATOM   783 C  CA  . VAL A 1 102 ? -7.960  -7.107  10.051  1.00 14.14 ? 103 VAL R CA  1 
ATOM   784 C  C   . VAL A 1 102 ? -8.161  -5.623  10.248  1.00 14.39 ? 103 VAL R C   1 
ATOM   785 O  O   . VAL A 1 102 ? -7.782  -5.179  11.373  1.00 17.04 ? 103 VAL R O   1 
ATOM   786 C  CB  . VAL A 1 102 ? -6.542  -7.491  9.557   1.00 13.37 ? 103 VAL R CB  1 
ATOM   787 C  CG1 . VAL A 1 102 ? -6.421  -8.997  9.358   1.00 13.57 ? 103 VAL R CG1 1 
ATOM   788 C  CG2 . VAL A 1 102 ? -6.182  -6.742  8.289   1.00 14.63 ? 103 VAL R CG2 1 
ATOM   789 N  N   . LEU A 1 103 ? -8.620  -4.842  9.325   1.00 14.19 ? 104 LEU R N   1 
ATOM   790 C  CA  . LEU A 1 103 ? -8.772  -3.402  9.488   1.00 15.26 ? 104 LEU R CA  1 
ATOM   791 C  C   . LEU A 1 103 ? -10.090 -2.940  10.100  1.00 16.62 ? 104 LEU R C   1 
ATOM   792 O  O   . LEU A 1 103 ? -10.063 -1.797  10.651  1.00 17.65 ? 104 LEU R O   1 
ATOM   793 C  CB  . LEU A 1 103 ? -8.524  -2.710  8.136   1.00 15.24 ? 104 LEU R CB  1 
ATOM   794 C  CG  . LEU A 1 103 ? -7.147  -2.757  7.502   1.00 15.20 ? 104 LEU R CG  1 
ATOM   795 C  CD1 . LEU A 1 103 ? -7.122  -1.981  6.189   1.00 15.29 ? 104 LEU R CD1 1 
ATOM   796 C  CD2 . LEU A 1 103 ? -6.070  -2.187  8.422   1.00 15.37 ? 104 LEU R CD2 1 
ATOM   797 N  N   . LEU A 1 104 ? -11.137 -3.719  9.968   1.00 16.64 ? 105 LEU R N   1 
ATOM   798 C  CA  . LEU A 1 104 ? -12.460 -3.330  10.510  1.00 17.54 ? 105 LEU R CA  1 
ATOM   799 C  C   . LEU A 1 104 ? -12.634 -4.040  11.860  1.00 18.80 ? 105 LEU R C   1 
ATOM   800 O  O   . LEU A 1 104 ? -12.162 -5.154  12.078  1.00 18.27 ? 105 LEU R O   1 
ATOM   801 C  CB  . LEU A 1 104 ? -13.541 -3.669  9.503   1.00 17.15 ? 105 LEU R CB  1 
ATOM   802 C  CG  . LEU A 1 104 ? -13.382 -3.073  8.101   1.00 17.26 ? 105 LEU R CG  1 
ATOM   803 C  CD1 . LEU A 1 104 ? -14.609 -3.427  7.279   1.00 17.61 ? 105 LEU R CD1 1 
ATOM   804 C  CD2 . LEU A 1 104 ? -13.176 -1.563  8.192   1.00 17.68 ? 105 LEU R CD2 1 
ATOM   805 N  N   . LYS A 1 105 ? -13.330 -3.329  12.750  1.00 20.11 ? 106 LYS R N   1 
ATOM   806 C  CA  . LYS A 1 105 ? -13.561 -3.887  14.099  1.00 22.72 ? 106 LYS R CA  1 
ATOM   807 C  C   . LYS A 1 105 ? -14.744 -4.829  13.999  1.00 24.17 ? 106 LYS R C   1 
ATOM   808 O  O   . LYS A 1 105 ? -15.673 -4.636  13.196  1.00 24.17 ? 106 LYS R O   1 
ATOM   809 C  CB  . LYS A 1 105 ? -13.773 -2.771  15.113  1.00 23.60 ? 106 LYS R CB  1 
ATOM   810 C  CG  . LYS A 1 105 ? -12.621 -1.737  15.050  1.00 25.26 ? 106 LYS R CG  1 
ATOM   811 C  CD  . LYS A 1 105 ? -11.387 -2.266  15.774  1.00 26.24 ? 106 LYS R CD  1 
ATOM   812 C  CE  . LYS A 1 105 ? -10.511 -1.082  16.166  1.00 27.34 ? 106 LYS R CE  1 
ATOM   813 N  NZ  . LYS A 1 105 ? -9.940  -1.259  17.528  1.00 28.53 ? 106 LYS R NZ  1 
ATOM   814 N  N   . SER A 1 106 ? -14.684 -5.848  14.822  1.00 26.30 ? 107 SER R N   1 
ATOM   815 C  CA  . SER A 1 106 ? -15.724 -6.892  14.858  1.00 28.61 ? 107 SER R CA  1 
ATOM   816 C  C   . SER A 1 106 ? -17.069 -6.245  15.150  1.00 29.66 ? 107 SER R C   1 
ATOM   817 O  O   . SER A 1 106 ? -17.045 -5.370  16.043  1.00 30.35 ? 107 SER R O   1 
ATOM   818 C  CB  . SER A 1 106 ? -15.290 -7.871  15.951  1.00 29.05 ? 107 SER R CB  1 
ATOM   819 O  OG  . SER A 1 106 ? -16.238 -8.896  16.126  1.00 29.99 ? 107 SER R OG  1 
ATOM   820 N  N   . ASP A 1 107 ? -18.161 -6.576  14.479  1.00 30.77 ? 108 ASP R N   1 
ATOM   821 C  CA  . ASP A 1 107 ? -19.434 -5.913  14.882  1.00 32.02 ? 108 ASP R CA  1 
ATOM   822 C  C   . ASP A 1 107 ? -20.659 -6.487  14.168  1.00 32.39 ? 108 ASP R C   1 
ATOM   823 O  O   . ASP A 1 107 ? -21.496 -5.631  13.833  1.00 32.95 ? 108 ASP R O   1 
ATOM   824 C  CB  . ASP A 1 107 ? -19.436 -4.402  14.919  1.00 32.34 ? 108 ASP R CB  1 
ATOM   825 C  CG  . ASP A 1 107 ? -18.671 -3.601  13.917  1.00 32.57 ? 108 ASP R CG  1 
ATOM   826 O  OD1 . ASP A 1 107 ? -18.886 -3.778  12.694  1.00 33.06 ? 108 ASP R OD1 1 
ATOM   827 O  OD2 . ASP A 1 107 ? -17.853 -2.785  14.442  1.00 32.72 ? 108 ASP R OD2 1 
ATOM   828 O  OXT . ASP A 1 107 ? -20.718 -7.717  14.058  1.00 33.10 ? 108 ASP R OXT 1 
HETATM 829 NA NA  . NA  B 2 .   ? -15.514 5.179   5.797   1.00 19.37 ? 601 NA  R NA  1 
HETATM 830 S  S   . SO4 C 3 .   ? -16.086 -0.830  11.795  1.00 20.64 ? 602 SO4 R S   1 
HETATM 831 O  O1  . SO4 C 3 .   ? -16.312 -2.304  11.602  1.00 20.50 ? 602 SO4 R O1  1 
HETATM 832 O  O2  . SO4 C 3 .   ? -14.607 -0.592  12.078  1.00 19.21 ? 602 SO4 R O2  1 
HETATM 833 O  O3  . SO4 C 3 .   ? -16.931 -0.406  13.002  1.00 21.14 ? 602 SO4 R O3  1 
HETATM 834 O  O4  . SO4 C 3 .   ? -16.608 -0.093  10.594  1.00 20.39 ? 602 SO4 R O4  1 
HETATM 835 N  N   . TRP D 4 .   ? -1.106  0.805   -6.019  1.00 11.13 ? 1   TRP R N   1 
HETATM 836 C  CA  . TRP D 4 .   ? -1.479  2.239   -5.936  1.00 12.92 ? 1   TRP R CA  1 
HETATM 837 C  C   . TRP D 4 .   ? -1.272  2.921   -7.295  1.00 14.69 ? 1   TRP R C   1 
HETATM 838 O  O   . TRP D 4 .   ? -0.471  2.404   -8.099  1.00 15.97 ? 1   TRP R O   1 
HETATM 839 C  CB  . TRP D 4 .   ? -0.692  2.986   -4.849  1.00 12.35 ? 1   TRP R CB  1 
HETATM 840 C  CG  . TRP D 4 .   ? -1.452  4.120   -4.238  1.00 12.75 ? 1   TRP R CG  1 
HETATM 841 C  CD1 . TRP D 4 .   ? -1.346  5.450   -4.544  1.00 12.94 ? 1   TRP R CD1 1 
HETATM 842 C  CD2 . TRP D 4 .   ? -2.439  4.025   -3.193  1.00 11.81 ? 1   TRP R CD2 1 
HETATM 843 N  NE1 . TRP D 4 .   ? -2.209  6.195   -3.777  1.00 12.87 ? 1   TRP R NE1 1 
HETATM 844 C  CE2 . TRP D 4 .   ? -2.898  5.361   -2.947  1.00 12.35 ? 1   TRP R CE2 1 
HETATM 845 C  CE3 . TRP D 4 .   ? -2.975  2.965   -2.494  1.00 11.61 ? 1   TRP R CE3 1 
HETATM 846 C  CZ2 . TRP D 4 .   ? -3.861  5.615   -1.974  1.00 11.96 ? 1   TRP R CZ2 1 
HETATM 847 C  CZ3 . TRP D 4 .   ? -3.939  3.223   -1.516  1.00 11.87 ? 1   TRP R CZ3 1 
HETATM 848 C  CH2 . TRP D 4 .   ? -4.368  4.539   -1.300  1.00 11.17 ? 1   TRP R CH2 1 
HETATM 849 O  OXT . TRP D 4 .   ? -1.957  3.918   -7.512  1.00 16.83 ? 1   TRP R OXT 1 
HETATM 850 O  O   . HOH E 5 .   ? -4.544  -12.269 10.450  1.00 30.87 ? 201 HOH R O   1 
HETATM 851 O  O   . HOH E 5 .   ? 2.793   8.071   9.204   1.00 20.16 ? 202 HOH R O   1 
HETATM 852 O  O   . HOH E 5 .   ? 1.184   11.616  2.121   1.00 35.08 ? 203 HOH R O   1 
HETATM 853 O  O   . HOH E 5 .   ? -14.005 -8.134  -2.428  1.00 53.17 ? 204 HOH R O   1 
HETATM 854 O  O   . HOH E 5 .   ? -8.185  17.458  -4.600  1.00 19.63 ? 205 HOH R O   1 
HETATM 855 O  O   . HOH E 5 .   ? 11.366  -16.460 -2.746  1.00 23.74 ? 206 HOH R O   1 
HETATM 856 O  O   . HOH E 5 .   ? 10.350  2.122   10.240  1.00 46.31 ? 207 HOH R O   1 
HETATM 857 O  O   . HOH E 5 .   ? 12.507  -4.009  14.006  1.00 14.26 ? 208 HOH R O   1 
HETATM 858 O  O   . HOH E 5 .   ? 11.277  12.726  2.406   1.00 29.24 ? 209 HOH R O   1 
HETATM 859 O  O   . HOH E 5 .   ? 11.665  -1.100  -20.666 1.00 18.38 ? 210 HOH R O   1 
HETATM 860 O  O   . HOH E 5 .   ? 9.751   1.191   -20.889 1.00 15.96 ? 211 HOH R O   1 
HETATM 861 O  O   . HOH E 5 .   ? 8.700   -3.358  -15.319 1.00 31.61 ? 212 HOH R O   1 
HETATM 862 O  O   . HOH E 5 .   ? 15.097  -11.871 -6.937  1.00 21.39 ? 213 HOH R O   1 
HETATM 863 O  O   . HOH E 5 .   ? 14.662  -12.866 -4.378  1.00 24.28 ? 214 HOH R O   1 
HETATM 864 O  O   . HOH E 5 .   ? 16.904  -10.759 -1.037  1.00 21.88 ? 215 HOH R O   1 
HETATM 865 O  O   . HOH E 5 .   ? 17.160  -5.305  -6.015  1.00 17.21 ? 216 HOH R O   1 
HETATM 866 O  O   . HOH E 5 .   ? 6.248   -11.612 9.172   1.00 21.87 ? 217 HOH R O   1 
HETATM 867 O  O   . HOH E 5 .   ? 7.061   -11.736 11.897  1.00 27.79 ? 218 HOH R O   1 
HETATM 868 O  O   . HOH E 5 .   ? 8.645   -9.646  13.009  1.00 23.01 ? 219 HOH R O   1 
HETATM 869 O  O   . HOH E 5 .   ? 18.168  2.295   9.693   1.00 16.44 ? 220 HOH R O   1 
HETATM 870 O  O   . HOH E 5 .   ? 19.110  4.498   8.331   1.00 19.89 ? 221 HOH R O   1 
HETATM 871 O  O   . HOH E 5 .   ? 16.883  2.889   12.433  1.00 21.73 ? 222 HOH R O   1 
HETATM 872 O  O   . HOH E 5 .   ? 17.689  7.111   6.709   1.00 32.55 ? 223 HOH R O   1 
HETATM 873 O  O   . HOH E 5 .   ? 14.925  8.073   6.740   1.00 22.10 ? 224 HOH R O   1 
HETATM 874 O  O   . HOH E 5 .   ? 0.716   9.215   8.078   1.00 21.29 ? 225 HOH R O   1 
HETATM 875 O  O   . HOH E 5 .   ? -15.417 6.365   9.490   1.00 26.76 ? 226 HOH R O   1 
HETATM 876 O  O   . HOH E 5 .   ? -2.894  14.136  -1.831  1.00 39.28 ? 227 HOH R O   1 
HETATM 877 O  O   . HOH E 5 .   ? -4.016  13.866  -4.825  1.00 37.79 ? 228 HOH R O   1 
HETATM 878 O  O   . HOH E 5 .   ? -6.958  15.875  -6.646  1.00 25.27 ? 229 HOH R O   1 
HETATM 879 O  O   . HOH E 5 .   ? -10.377 -0.054  12.737  1.00 34.38 ? 230 HOH R O   1 
HETATM 880 O  O   . HOH E 5 .   ? -2.480  16.451  -3.028  1.00 42.78 ? 231 HOH R O   1 
HETATM 881 O  O   . HOH E 5 .   ? -13.523 -10.093 13.480  1.00 49.98 ? 232 HOH R O   1 
HETATM 882 O  O   . HOH E 5 .   ? -12.967 -7.372  11.860  1.00 35.72 ? 233 HOH R O   1 
HETATM 883 O  O   . HOH E 5 .   ? 19.323  -6.820  -6.798  1.00 24.53 ? 234 HOH R O   1 
HETATM 884 O  O   . HOH E 5 .   ? 12.390  -12.582 -10.999 1.00 30.70 ? 235 HOH R O   1 
HETATM 885 O  O   . HOH E 5 .   ? 18.522  -2.814  15.502  1.00 41.59 ? 236 HOH R O   1 
HETATM 886 O  O   . HOH E 5 .   ? 15.848  -3.683  15.841  1.00 47.55 ? 237 HOH R O   1 
HETATM 887 O  O   . HOH E 5 .   ? 14.090  -1.989  16.163  1.00 27.11 ? 238 HOH R O   1 
HETATM 888 O  O   . HOH E 5 .   ? -15.669 5.105   2.115   1.00 36.32 ? 239 HOH R O   1 
HETATM 889 O  O   . HOH E 5 .   ? -18.309 8.796   -2.673  1.00 27.32 ? 240 HOH R O   1 
HETATM 890 O  O   . HOH E 5 .   ? -20.855 9.760   6.409   1.00 29.21 ? 241 HOH R O   1 
HETATM 891 O  O   . HOH E 5 .   ? 13.047  -11.925 -13.608 1.00 27.59 ? 242 HOH R O   1 
HETATM 892 O  O   . HOH E 5 .   ? -0.371  8.787   -1.554  1.00 23.09 ? 243 HOH R O   1 
HETATM 893 O  O   . HOH E 5 .   ? 4.069   12.159  2.039   1.00 26.56 ? 244 HOH R O   1 
HETATM 894 O  O   . HOH E 5 .   ? 6.549   14.903  5.921   1.00 53.17 ? 245 HOH R O   1 
HETATM 895 O  O   . HOH E 5 .   ? 20.114  -7.947  -8.879  1.00 43.91 ? 246 HOH R O   1 
HETATM 896 O  O   . HOH E 5 .   ? -9.410  -14.288 -6.795  1.00 32.62 ? 247 HOH R O   1 
HETATM 897 O  O   . HOH E 5 .   ? -8.676  3.368   12.863  1.00 36.23 ? 248 HOH R O   1 
HETATM 898 O  O   . HOH E 5 .   ? -15.501 4.220   -2.609  1.00 48.44 ? 249 HOH R O   1 
HETATM 899 O  O   . HOH E 5 .   ? -19.111 -1.303  3.484   1.00 43.59 ? 250 HOH R O   1 
HETATM 900 O  O   . HOH E 5 .   ? 10.023  -11.598 -14.718 1.00 37.53 ? 251 HOH R O   1 
HETATM 901 O  O   . HOH E 5 .   ? -16.093 3.276   0.260   1.00 30.33 ? 252 HOH R O   1 
HETATM 902 O  O   . HOH E 5 .   ? -8.657  -14.131 2.651   1.00 31.35 ? 253 HOH R O   1 
HETATM 903 O  O   . HOH E 5 .   ? -10.252 -6.494  13.386  1.00 33.65 ? 254 HOH R O   1 
HETATM 904 O  O   . HOH E 5 .   ? 14.311  -17.342 9.803   1.00 41.30 ? 255 HOH R O   1 
HETATM 905 O  O   . HOH E 5 .   ? 8.763   -6.827  16.276  1.00 36.41 ? 256 HOH R O   1 
HETATM 906 O  O   . HOH E 5 .   ? 11.148  -4.805  16.108  1.00 28.37 ? 257 HOH R O   1 
HETATM 907 O  O   . HOH E 5 .   ? 7.598   -9.286  15.369  1.00 36.80 ? 258 HOH R O   1 
HETATM 908 O  O   . HOH E 5 .   ? 12.133  -16.033 0.140   1.00 33.05 ? 259 HOH R O   1 
HETATM 909 O  O   . HOH E 5 .   ? 16.827  -12.286 1.482   1.00 34.59 ? 260 HOH R O   1 
HETATM 910 O  O   . HOH E 5 .   ? 16.898  -12.796 -2.974  1.00 42.13 ? 261 HOH R O   1 
HETATM 911 O  O   . HOH E 5 .   ? 9.172   -9.862  -16.148 1.00 31.62 ? 262 HOH R O   1 
HETATM 912 O  O   . HOH E 5 .   ? 7.668   -8.232  -15.115 1.00 44.79 ? 263 HOH R O   1 
HETATM 913 O  O   . HOH E 5 .   ? -18.964 -5.818  12.180  1.00 48.93 ? 264 HOH R O   1 
HETATM 914 O  O   . HOH E 5 .   ? 19.029  -6.418  -18.275 1.00 33.03 ? 265 HOH R O   1 
HETATM 915 O  O   . HOH E 5 .   ? -6.042  -10.012 -9.245  1.00 49.43 ? 266 HOH R O   1 
HETATM 916 O  O   . HOH E 5 .   ? 17.754  -14.454 -8.339  1.00 48.86 ? 267 HOH R O   1 
HETATM 917 O  O   . HOH E 5 .   ? 14.122  -13.716 -9.215  1.00 42.33 ? 268 HOH R O   1 
HETATM 918 O  O   . HOH E 5 .   ? -1.050  9.106   0.971   1.00 34.29 ? 269 HOH R O   1 
HETATM 919 O  O   . HOH E 5 .   ? 16.747  -5.800  -23.966 1.00 33.25 ? 270 HOH R O   1 
HETATM 920 O  O   . HOH E 5 .   ? 6.977   -7.461  -18.249 1.00 36.36 ? 271 HOH R O   1 
HETATM 921 O  O   . HOH E 5 .   ? 5.973   16.977  6.449   1.00 42.70 ? 272 HOH R O   1 
HETATM 922 O  O   . HOH E 5 .   ? 5.265   5.853   -0.073  1.00 34.36 ? 273 HOH R O   1 
HETATM 923 O  O   . HOH E 5 .   ? -20.897 13.287  1.876   1.00 44.69 ? 274 HOH R O   1 
HETATM 924 O  O   . HOH E 5 .   ? -19.720 4.887   0.365   1.00 35.44 ? 275 HOH R O   1 
HETATM 925 O  O   . HOH E 5 .   ? 8.675   -3.218  -17.350 1.00 40.55 ? 276 HOH R O   1 
HETATM 926 O  O   . HOH E 5 .   ? 0.583   11.454  4.180   1.00 39.73 ? 277 HOH R O   1 
HETATM 927 O  O   . HOH E 5 .   ? -9.108  -0.479  -11.053 1.00 35.97 ? 278 HOH R O   1 
HETATM 928 O  O   . HOH E 5 .   ? -10.624 6.909   -12.338 1.00 48.04 ? 401 HOH R O   1 
HETATM 929 O  O   . HOH E 5 .   ? -0.901  9.142   -4.217  1.00 23.35 ? 402 HOH R O   1 
HETATM 930 O  O   . HOH E 5 .   ? 0.527   9.673   -2.931  1.00 40.77 ? 403 HOH R O   1 
HETATM 931 O  O   . HOH E 5 .   ? 10.217  10.858  -1.034  1.00 30.60 ? 404 HOH R O   1 
HETATM 932 O  O   . HOH E 5 .   ? 5.306   8.132   -1.430  1.00 35.02 ? 405 HOH R O   1 
HETATM 933 O  O   . HOH E 5 .   ? -2.147  11.173  -6.588  1.00 36.71 ? 406 HOH R O   1 
HETATM 934 O  O   . HOH E 5 .   ? 11.708  -16.100 -4.314  1.00 33.49 ? 407 HOH R O   1 
# 
loop_
_pdbx_poly_seq_scheme.asym_id 
_pdbx_poly_seq_scheme.entity_id 
_pdbx_poly_seq_scheme.seq_id 
_pdbx_poly_seq_scheme.mon_id 
_pdbx_poly_seq_scheme.ndb_seq_num 
_pdbx_poly_seq_scheme.pdb_seq_num 
_pdbx_poly_seq_scheme.auth_seq_num 
_pdbx_poly_seq_scheme.pdb_mon_id 
_pdbx_poly_seq_scheme.auth_mon_id 
_pdbx_poly_seq_scheme.pdb_strand_id 
_pdbx_poly_seq_scheme.pdb_ins_code 
_pdbx_poly_seq_scheme.hetero 
A 1 1   ALA 1   2   ?   ?   ?   R . n 
A 1 2   GLN 2   3   ?   ?   ?   R . n 
A 1 3   GLN 3   4   ?   ?   ?   R . n 
A 1 4   SER 4   5   5   SER SER R . n 
A 1 5   PRO 5   6   6   PRO PRO R . n 
A 1 6   TYR 6   7   7   TYR TYR R . n 
A 1 7   SER 7   8   8   SER SER R . n 
A 1 8   ALA 8   9   9   ALA ALA R . n 
A 1 9   ALA 9   10  10  ALA ALA R . n 
A 1 10  MET 10  11  11  MET MET R . n 
A 1 11  ALA 11  12  12  ALA ALA R . n 
A 1 12  GLU 12  13  13  GLU GLU R . n 
A 1 13  GLN 13  14  14  GLN GLN R . n 
A 1 14  ARG 14  15  15  ARG ARG R . n 
A 1 15  HIS 15  16  16  HIS HIS R . n 
A 1 16  GLN 16  17  17  GLN GLN R . n 
A 1 17  GLU 17  18  18  GLU GLU R . n 
A 1 18  TRP 18  19  19  TRP TRP R . n 
A 1 19  LEU 19  20  20  LEU LEU R . n 
A 1 20  ARG 20  21  21  ARG ARG R . n 
A 1 21  PHE 21  22  22  PHE PHE R . n 
A 1 22  VAL 22  23  23  VAL VAL R . n 
A 1 23  ASP 23  24  24  ASP ASP R . n 
A 1 24  LEU 24  25  25  LEU LEU R . n 
A 1 25  LEU 25  26  26  LEU LEU R . n 
A 1 26  LYS 26  27  27  LYS LYS R . n 
A 1 27  ASN 27  28  28  ASN ASN R . n 
A 1 28  ALA 28  29  29  ALA ALA R . n 
A 1 29  TYR 29  30  30  TYR TYR R . n 
A 1 30  GLN 30  31  31  GLN GLN R . n 
A 1 31  ASN 31  32  32  ASN ASN R . n 
A 1 32  ASP 32  33  33  ASP ASP R . n 
A 1 33  LEU 33  34  34  LEU LEU R . n 
A 1 34  HIS 34  35  35  HIS HIS R . n 
A 1 35  LEU 35  36  36  LEU LEU R . n 
A 1 36  PRO 36  37  37  PRO PRO R . n 
A 1 37  LEU 37  38  38  LEU LEU R . n 
A 1 38  LEU 38  39  39  LEU LEU R . n 
A 1 39  ASN 39  40  40  ASN ASN R . n 
A 1 40  LEU 40  41  41  LEU LEU R . n 
A 1 41  MET 41  42  42  MET MET R . n 
A 1 42  LEU 42  43  43  LEU LEU R . n 
A 1 43  THR 43  44  44  THR THR R . n 
A 1 44  PRO 44  45  45  PRO PRO R . n 
A 1 45  ASP 45  46  46  ASP ASP R . n 
A 1 46  GLU 46  47  47  GLU GLU R . n 
A 1 47  ARG 47  48  48  ARG ARG R . n 
A 1 48  GLU 48  49  49  GLU GLU R . n 
A 1 49  ALA 49  50  50  ALA ALA R . n 
A 1 50  LEU 50  51  51  LEU LEU R . n 
A 1 51  GLY 51  52  52  GLY GLY R . n 
A 1 52  THR 52  53  53  THR THR R . n 
A 1 53  ARG 53  54  54  ARG ARG R . n 
A 1 54  VAL 54  55  55  VAL VAL R . n 
A 1 55  ARG 55  56  56  ARG ARG R . n 
A 1 56  ILE 56  57  57  ILE ILE R . n 
A 1 57  VAL 57  58  58  VAL VAL R . n 
A 1 58  GLU 58  59  59  GLU GLU R . n 
A 1 59  GLU 59  60  60  GLU GLU R . n 
A 1 60  LEU 60  61  61  LEU LEU R . n 
A 1 61  LEU 61  62  62  LEU LEU R . n 
A 1 62  ARG 62  63  63  ARG ARG R . n 
A 1 63  GLY 63  64  64  GLY GLY R . n 
A 1 64  GLU 64  65  65  GLU GLU R . n 
A 1 65  MET 65  66  66  MET MET R . n 
A 1 66  SER 66  67  67  SER SER R . n 
A 1 67  GLN 67  68  68  GLN GLN R . n 
A 1 68  ARG 68  69  69  ARG ARG R . n 
A 1 69  GLU 69  70  70  GLU GLU R . n 
A 1 70  LEU 70  71  71  LEU LEU R . n 
A 1 71  LYS 71  72  72  LYS LYS R . n 
A 1 72  ASN 72  73  73  ASN ASN R . n 
A 1 73  GLU 73  74  74  GLU GLU R . n 
A 1 74  LEU 74  75  75  LEU LEU R . n 
A 1 75  GLY 75  76  76  GLY GLY R . n 
A 1 76  ALA 76  77  77  ALA ALA R . n 
A 1 77  GLY 77  78  78  GLY GLY R . n 
A 1 78  ILE 78  79  79  ILE ILE R . n 
A 1 79  ALA 79  80  80  ALA ALA R . n 
A 1 80  THR 80  81  81  THR THR R . n 
A 1 81  ILE 81  82  82  ILE ILE R . n 
A 1 82  THR 82  83  83  THR THR R . n 
A 1 83  ARG 83  84  84  ARG ARG R . n 
A 1 84  GLY 84  85  85  GLY GLY R . n 
A 1 85  SER 85  86  86  SER SER R . n 
A 1 86  ASN 86  87  87  ASN ASN R . n 
A 1 87  SER 87  88  88  SER SER R . n 
A 1 88  LEU 88  89  89  LEU LEU R . n 
A 1 89  LYS 89  90  90  LYS LYS R . n 
A 1 90  ALA 90  91  91  ALA ALA R . n 
A 1 91  ALA 91  92  92  ALA ALA R . n 
A 1 92  PRO 92  93  93  PRO PRO R . n 
A 1 93  VAL 93  94  94  VAL VAL R . n 
A 1 94  GLU 94  95  95  GLU GLU R . n 
A 1 95  LEU 95  96  96  LEU LEU R . n 
A 1 96  ARG 96  97  97  ARG ARG R . n 
A 1 97  GLN 97  98  98  GLN GLN R . n 
A 1 98  TRP 98  99  99  TRP TRP R . n 
A 1 99  LEU 99  100 100 LEU LEU R . n 
A 1 100 GLU 100 101 101 GLU GLU R . n 
A 1 101 GLU 101 102 102 GLU GLU R . n 
A 1 102 VAL 102 103 103 VAL VAL R . n 
A 1 103 LEU 103 104 104 LEU LEU R . n 
A 1 104 LEU 104 105 105 LEU LEU R . n 
A 1 105 LYS 105 106 106 LYS LYS R . n 
A 1 106 SER 106 107 107 SER SER R . n 
A 1 107 ASP 107 108 108 ASP ASP R . n 
# 
loop_
_pdbx_nonpoly_scheme.asym_id 
_pdbx_nonpoly_scheme.entity_id 
_pdbx_nonpoly_scheme.mon_id 
_pdbx_nonpoly_scheme.ndb_seq_num 
_pdbx_nonpoly_scheme.pdb_seq_num 
_pdbx_nonpoly_scheme.auth_seq_num 
_pdbx_nonpoly_scheme.pdb_mon_id 
_pdbx_nonpoly_scheme.auth_mon_id 
_pdbx_nonpoly_scheme.pdb_strand_id 
_pdbx_nonpoly_scheme.pdb_ins_code 
B 2 NA  1  601 601 NA  NA  R . 
C 3 SO4 1  602 602 SO4 SO4 R . 
D 4 TRP 1  1   1   TRP TRP R . 
E 5 HOH 1  201 201 HOH HOH R . 
E 5 HOH 2  202 202 HOH HOH R . 
E 5 HOH 3  203 203 HOH HOH R . 
E 5 HOH 4  204 204 HOH HOH R . 
E 5 HOH 5  205 205 HOH HOH R . 
E 5 HOH 6  206 206 HOH HOH R . 
E 5 HOH 7  207 207 HOH HOH R . 
E 5 HOH 8  208 208 HOH HOH R . 
E 5 HOH 9  209 209 HOH HOH R . 
E 5 HOH 10 210 210 HOH HOH R . 
E 5 HOH 11 211 211 HOH HOH R . 
E 5 HOH 12 212 212 HOH HOH R . 
E 5 HOH 13 213 213 HOH HOH R . 
E 5 HOH 14 214 214 HOH HOH R . 
E 5 HOH 15 215 215 HOH HOH R . 
E 5 HOH 16 216 216 HOH HOH R . 
E 5 HOH 17 217 217 HOH HOH R . 
E 5 HOH 18 218 218 HOH HOH R . 
E 5 HOH 19 219 219 HOH HOH R . 
E 5 HOH 20 220 220 HOH HOH R . 
E 5 HOH 21 221 221 HOH HOH R . 
E 5 HOH 22 222 222 HOH HOH R . 
E 5 HOH 23 223 223 HOH HOH R . 
E 5 HOH 24 224 224 HOH HOH R . 
E 5 HOH 25 225 225 HOH HOH R . 
E 5 HOH 26 226 226 HOH HOH R . 
E 5 HOH 27 227 227 HOH HOH R . 
E 5 HOH 28 228 228 HOH HOH R . 
E 5 HOH 29 229 229 HOH HOH R . 
E 5 HOH 30 230 230 HOH HOH R . 
E 5 HOH 31 231 231 HOH HOH R . 
E 5 HOH 32 232 232 HOH HOH R . 
E 5 HOH 33 233 233 HOH HOH R . 
E 5 HOH 34 234 234 HOH HOH R . 
E 5 HOH 35 235 235 HOH HOH R . 
E 5 HOH 36 236 236 HOH HOH R . 
E 5 HOH 37 237 237 HOH HOH R . 
E 5 HOH 38 238 238 HOH HOH R . 
E 5 HOH 39 239 239 HOH HOH R . 
E 5 HOH 40 240 240 HOH HOH R . 
E 5 HOH 41 241 241 HOH HOH R . 
E 5 HOH 42 242 242 HOH HOH R . 
E 5 HOH 43 243 243 HOH HOH R . 
E 5 HOH 44 244 244 HOH HOH R . 
E 5 HOH 45 245 245 HOH HOH R . 
E 5 HOH 46 246 246 HOH HOH R . 
E 5 HOH 47 247 247 HOH HOH R . 
E 5 HOH 48 248 248 HOH HOH R . 
E 5 HOH 49 249 249 HOH HOH R . 
E 5 HOH 50 250 250 HOH HOH R . 
E 5 HOH 51 251 251 HOH HOH R . 
E 5 HOH 52 252 252 HOH HOH R . 
E 5 HOH 53 253 253 HOH HOH R . 
E 5 HOH 54 254 254 HOH HOH R . 
E 5 HOH 55 255 255 HOH HOH R . 
E 5 HOH 56 256 256 HOH HOH R . 
E 5 HOH 57 257 257 HOH HOH R . 
E 5 HOH 58 258 258 HOH HOH R . 
E 5 HOH 59 259 259 HOH HOH R . 
E 5 HOH 60 260 260 HOH HOH R . 
E 5 HOH 61 261 261 HOH HOH R . 
E 5 HOH 62 262 262 HOH HOH R . 
E 5 HOH 63 263 263 HOH HOH R . 
E 5 HOH 64 264 264 HOH HOH R . 
E 5 HOH 65 265 265 HOH HOH R . 
E 5 HOH 66 266 266 HOH HOH R . 
E 5 HOH 67 267 267 HOH HOH R . 
E 5 HOH 68 268 268 HOH HOH R . 
E 5 HOH 69 269 269 HOH HOH R . 
E 5 HOH 70 270 270 HOH HOH R . 
E 5 HOH 71 271 271 HOH HOH R . 
E 5 HOH 72 272 272 HOH HOH R . 
E 5 HOH 73 273 273 HOH HOH R . 
E 5 HOH 74 274 274 HOH HOH R . 
E 5 HOH 75 275 275 HOH HOH R . 
E 5 HOH 76 276 276 HOH HOH R . 
E 5 HOH 77 277 277 HOH HOH R . 
E 5 HOH 78 278 278 HOH HOH R . 
E 5 HOH 79 401 401 HOH HOH R . 
E 5 HOH 80 402 402 HOH HOH R . 
E 5 HOH 81 403 403 HOH HOH R . 
E 5 HOH 82 404 404 HOH HOH R . 
E 5 HOH 83 405 405 HOH HOH R . 
E 5 HOH 84 406 406 HOH HOH R . 
E 5 HOH 85 407 407 HOH HOH R . 
# 
_pdbx_struct_assembly.id                   1 
_pdbx_struct_assembly.details              author_and_software_defined_assembly 
_pdbx_struct_assembly.method_details       PISA,PQS 
_pdbx_struct_assembly.oligomeric_details   dimeric 
_pdbx_struct_assembly.oligomeric_count     2 
# 
_pdbx_struct_assembly_gen.assembly_id       1 
_pdbx_struct_assembly_gen.oper_expression   1,2 
_pdbx_struct_assembly_gen.asym_id_list      A,B,C,D,E 
# 
loop_
_pdbx_struct_assembly_prop.biol_id 
_pdbx_struct_assembly_prop.type 
_pdbx_struct_assembly_prop.value 
_pdbx_struct_assembly_prop.details 
1 'ABSA (A^2)' 5090  ? 
1 MORE         -87   ? 
1 'SSA (A^2)'  12120 ? 
# 
loop_
_pdbx_struct_oper_list.id 
_pdbx_struct_oper_list.type 
_pdbx_struct_oper_list.name 
_pdbx_struct_oper_list.symmetry_operation 
_pdbx_struct_oper_list.matrix[1][1] 
_pdbx_struct_oper_list.matrix[1][2] 
_pdbx_struct_oper_list.matrix[1][3] 
_pdbx_struct_oper_list.vector[1] 
_pdbx_struct_oper_list.matrix[2][1] 
_pdbx_struct_oper_list.matrix[2][2] 
_pdbx_struct_oper_list.matrix[2][3] 
_pdbx_struct_oper_list.vector[2] 
_pdbx_struct_oper_list.matrix[3][1] 
_pdbx_struct_oper_list.matrix[3][2] 
_pdbx_struct_oper_list.matrix[3][3] 
_pdbx_struct_oper_list.vector[3] 
1 'identity operation'         1_555 x,y,z   1.0000000000  0.0000000000 0.0000000000  0.0000000000  0.0000000000 1.0000000000 0.0000000000  0.0000000000 0.0000000000  0.0000000000  1.0000000000  0.0000000000 
2 'crystal symmetry operation' 2_555 -x,-y,z -0.9997197601 0.0204400741 -0.0119417224 15.0580660728 0.0204400741 0.4908532188 -0.8710024804 0.8698953874 -0.0119417224 -0.8710024804 -0.4911334588 1.8423303725 
# 
loop_
_pdbx_struct_conn_angle.id 
_pdbx_struct_conn_angle.ptnr1_label_atom_id 
_pdbx_struct_conn_angle.ptnr1_label_alt_id 
_pdbx_struct_conn_angle.ptnr1_label_asym_id 
_pdbx_struct_conn_angle.ptnr1_label_comp_id 
_pdbx_struct_conn_angle.ptnr1_label_seq_id 
_pdbx_struct_conn_angle.ptnr1_auth_atom_id 
_pdbx_struct_conn_angle.ptnr1_auth_asym_id 
_pdbx_struct_conn_angle.ptnr1_auth_comp_id 
_pdbx_struct_conn_angle.ptnr1_auth_seq_id 
_pdbx_struct_conn_angle.ptnr1_PDB_ins_code 
_pdbx_struct_conn_angle.ptnr1_symmetry 
_pdbx_struct_conn_angle.ptnr2_label_atom_id 
_pdbx_struct_conn_angle.ptnr2_label_alt_id 
_pdbx_struct_conn_angle.ptnr2_label_asym_id 
_pdbx_struct_conn_angle.ptnr2_label_comp_id 
_pdbx_struct_conn_angle.ptnr2_label_seq_id 
_pdbx_struct_conn_angle.ptnr2_auth_atom_id 
_pdbx_struct_conn_angle.ptnr2_auth_asym_id 
_pdbx_struct_conn_angle.ptnr2_auth_comp_id 
_pdbx_struct_conn_angle.ptnr2_auth_seq_id 
_pdbx_struct_conn_angle.ptnr2_PDB_ins_code 
_pdbx_struct_conn_angle.ptnr2_symmetry 
_pdbx_struct_conn_angle.ptnr3_label_atom_id 
_pdbx_struct_conn_angle.ptnr3_label_alt_id 
_pdbx_struct_conn_angle.ptnr3_label_asym_id 
_pdbx_struct_conn_angle.ptnr3_label_comp_id 
_pdbx_struct_conn_angle.ptnr3_label_seq_id 
_pdbx_struct_conn_angle.ptnr3_auth_atom_id 
_pdbx_struct_conn_angle.ptnr3_auth_asym_id 
_pdbx_struct_conn_angle.ptnr3_auth_comp_id 
_pdbx_struct_conn_angle.ptnr3_auth_seq_id 
_pdbx_struct_conn_angle.ptnr3_PDB_ins_code 
_pdbx_struct_conn_angle.ptnr3_symmetry 
_pdbx_struct_conn_angle.value 
_pdbx_struct_conn_angle.value_esd 
1 O   ? A GLU 59 ? R GLU 60 ? 1_555 NA ? B NA . ? R NA 601 ? 1_555 OE1 ? A GLU 59 ? R GLU 60 ? 1_555 101.9 ? 
2 O   ? A GLU 59 ? R GLU 60 ? 1_555 NA ? B NA . ? R NA 601 ? 1_555 N   ? A MET 65 ? R MET 66 ? 1_555 123.1 ? 
3 OE1 ? A GLU 59 ? R GLU 60 ? 1_555 NA ? B NA . ? R NA 601 ? 1_555 N   ? A MET 65 ? R MET 66 ? 1_555 126.0 ? 
# 
loop_
_pdbx_audit_revision_history.ordinal 
_pdbx_audit_revision_history.data_content_type 
_pdbx_audit_revision_history.major_revision 
_pdbx_audit_revision_history.minor_revision 
_pdbx_audit_revision_history.revision_date 
1 'Structure model' 1 0 2007-03-06 
2 'Structure model' 1 1 2008-05-01 
3 'Structure model' 1 2 2011-07-13 
4 'Structure model' 1 3 2023-08-30 
# 
_pdbx_audit_revision_details.ordinal             1 
_pdbx_audit_revision_details.revision_ordinal    1 
_pdbx_audit_revision_details.data_content_type   'Structure model' 
_pdbx_audit_revision_details.provider            repository 
_pdbx_audit_revision_details.type                'Initial release' 
_pdbx_audit_revision_details.description         ? 
_pdbx_audit_revision_details.details             ? 
# 
loop_
_pdbx_audit_revision_group.ordinal 
_pdbx_audit_revision_group.revision_ordinal 
_pdbx_audit_revision_group.data_content_type 
_pdbx_audit_revision_group.group 
1 2 'Structure model' 'Version format compliance' 
2 3 'Structure model' 'Derived calculations'      
3 3 'Structure model' 'Version format compliance' 
4 4 'Structure model' 'Data collection'           
5 4 'Structure model' 'Database references'       
6 4 'Structure model' 'Refinement description'    
# 
loop_
_pdbx_audit_revision_category.ordinal 
_pdbx_audit_revision_category.revision_ordinal 
_pdbx_audit_revision_category.data_content_type 
_pdbx_audit_revision_category.category 
1 4 'Structure model' chem_comp_atom                
2 4 'Structure model' chem_comp_bond                
3 4 'Structure model' database_2                    
4 4 'Structure model' pdbx_initial_refinement_model 
# 
loop_
_pdbx_audit_revision_item.ordinal 
_pdbx_audit_revision_item.revision_ordinal 
_pdbx_audit_revision_item.data_content_type 
_pdbx_audit_revision_item.item 
1 4 'Structure model' '_database_2.pdbx_DOI'                
2 4 'Structure model' '_database_2.pdbx_database_accession' 
# 
loop_
_software.name 
_software.classification 
_software.version 
_software.citation_id 
_software.pdbx_ordinal 
PROFFT    refinement       . ? 1 
DENZO     'data reduction' . ? 2 
SCALEPACK 'data scaling'   . ? 3 
MERLOT    phasing          . ? 4 
# 
loop_
_pdbx_validate_close_contact.id 
_pdbx_validate_close_contact.PDB_model_num 
_pdbx_validate_close_contact.auth_atom_id_1 
_pdbx_validate_close_contact.auth_asym_id_1 
_pdbx_validate_close_contact.auth_comp_id_1 
_pdbx_validate_close_contact.auth_seq_id_1 
_pdbx_validate_close_contact.PDB_ins_code_1 
_pdbx_validate_close_contact.label_alt_id_1 
_pdbx_validate_close_contact.auth_atom_id_2 
_pdbx_validate_close_contact.auth_asym_id_2 
_pdbx_validate_close_contact.auth_comp_id_2 
_pdbx_validate_close_contact.auth_seq_id_2 
_pdbx_validate_close_contact.PDB_ins_code_2 
_pdbx_validate_close_contact.label_alt_id_2 
_pdbx_validate_close_contact.dist 
1 1 O   R HOH 206 ? ? O R HOH 407 ? ? 1.64 
2 1 O   R HOH 243 ? ? O R HOH 403 ? ? 1.87 
3 1 O   R HOH 402 ? ? O R HOH 403 ? ? 1.99 
4 1 O   R HOH 212 ? ? O R HOH 276 ? ? 2.04 
5 1 OD1 R ASP 108 ? ? O R HOH 264 ? ? 2.11 
6 1 O   R HOH 203 ? ? O R HOH 277 ? ? 2.15 
# 
_pdbx_validate_symm_contact.id                1 
_pdbx_validate_symm_contact.PDB_model_num     1 
_pdbx_validate_symm_contact.auth_atom_id_1    O 
_pdbx_validate_symm_contact.auth_asym_id_1    R 
_pdbx_validate_symm_contact.auth_comp_id_1    HOH 
_pdbx_validate_symm_contact.auth_seq_id_1     272 
_pdbx_validate_symm_contact.PDB_ins_code_1    ? 
_pdbx_validate_symm_contact.label_alt_id_1    ? 
_pdbx_validate_symm_contact.site_symmetry_1   1_555 
_pdbx_validate_symm_contact.auth_atom_id_2    O 
_pdbx_validate_symm_contact.auth_asym_id_2    R 
_pdbx_validate_symm_contact.auth_comp_id_2    HOH 
_pdbx_validate_symm_contact.auth_seq_id_2     274 
_pdbx_validate_symm_contact.PDB_ins_code_2    ? 
_pdbx_validate_symm_contact.label_alt_id_2    ? 
_pdbx_validate_symm_contact.site_symmetry_2   4_546 
_pdbx_validate_symm_contact.dist              1.89 
# 
loop_
_pdbx_validate_rmsd_angle.id 
_pdbx_validate_rmsd_angle.PDB_model_num 
_pdbx_validate_rmsd_angle.auth_atom_id_1 
_pdbx_validate_rmsd_angle.auth_asym_id_1 
_pdbx_validate_rmsd_angle.auth_comp_id_1 
_pdbx_validate_rmsd_angle.auth_seq_id_1 
_pdbx_validate_rmsd_angle.PDB_ins_code_1 
_pdbx_validate_rmsd_angle.label_alt_id_1 
_pdbx_validate_rmsd_angle.auth_atom_id_2 
_pdbx_validate_rmsd_angle.auth_asym_id_2 
_pdbx_validate_rmsd_angle.auth_comp_id_2 
_pdbx_validate_rmsd_angle.auth_seq_id_2 
_pdbx_validate_rmsd_angle.PDB_ins_code_2 
_pdbx_validate_rmsd_angle.label_alt_id_2 
_pdbx_validate_rmsd_angle.auth_atom_id_3 
_pdbx_validate_rmsd_angle.auth_asym_id_3 
_pdbx_validate_rmsd_angle.auth_comp_id_3 
_pdbx_validate_rmsd_angle.auth_seq_id_3 
_pdbx_validate_rmsd_angle.PDB_ins_code_3 
_pdbx_validate_rmsd_angle.label_alt_id_3 
_pdbx_validate_rmsd_angle.angle_value 
_pdbx_validate_rmsd_angle.angle_target_value 
_pdbx_validate_rmsd_angle.angle_deviation 
_pdbx_validate_rmsd_angle.angle_standard_deviation 
_pdbx_validate_rmsd_angle.linker_flag 
1  1 NE R ARG 21 ? ? CZ R ARG 21 ? ? NH2 R ARG 21 ? ? 117.18 120.30 -3.12 0.50 N 
2  1 CB R ASP 24 ? ? CG R ASP 24 ? ? OD2 R ASP 24 ? ? 112.89 118.30 -5.41 0.90 N 
3  1 CB R ASP 46 ? ? CG R ASP 46 ? ? OD1 R ASP 46 ? ? 125.22 118.30 6.92  0.90 N 
4  1 CD R ARG 56 ? ? NE R ARG 56 ? ? CZ  R ARG 56 ? ? 132.98 123.60 9.38  1.40 N 
5  1 NE R ARG 56 ? ? CZ R ARG 56 ? ? NH1 R ARG 56 ? ? 127.01 120.30 6.71  0.50 N 
6  1 CD R ARG 84 ? ? NE R ARG 84 ? ? CZ  R ARG 84 ? ? 134.11 123.60 10.51 1.40 N 
7  1 NE R ARG 84 ? ? CZ R ARG 84 ? ? NH1 R ARG 84 ? ? 124.58 120.30 4.28  0.50 N 
8  1 NE R ARG 84 ? ? CZ R ARG 84 ? ? NH2 R ARG 84 ? ? 116.30 120.30 -4.00 0.50 N 
9  1 NE R ARG 97 ? ? CZ R ARG 97 ? ? NH1 R ARG 97 ? ? 131.47 120.30 11.17 0.50 N 
10 1 NE R ARG 97 ? ? CZ R ARG 97 ? ? NH2 R ARG 97 ? ? 114.61 120.30 -5.69 0.50 N 
# 
loop_
_pdbx_unobs_or_zero_occ_atoms.id 
_pdbx_unobs_or_zero_occ_atoms.PDB_model_num 
_pdbx_unobs_or_zero_occ_atoms.polymer_flag 
_pdbx_unobs_or_zero_occ_atoms.occupancy_flag 
_pdbx_unobs_or_zero_occ_atoms.auth_asym_id 
_pdbx_unobs_or_zero_occ_atoms.auth_comp_id 
_pdbx_unobs_or_zero_occ_atoms.auth_seq_id 
_pdbx_unobs_or_zero_occ_atoms.PDB_ins_code 
_pdbx_unobs_or_zero_occ_atoms.auth_atom_id 
_pdbx_unobs_or_zero_occ_atoms.label_alt_id 
_pdbx_unobs_or_zero_occ_atoms.label_asym_id 
_pdbx_unobs_or_zero_occ_atoms.label_comp_id 
_pdbx_unobs_or_zero_occ_atoms.label_seq_id 
_pdbx_unobs_or_zero_occ_atoms.label_atom_id 
1 1 Y 1 R SER 8  ? OG  ? A SER 7  OG  
2 1 Y 1 R MET 11 ? CG  ? A MET 10 CG  
3 1 Y 1 R MET 11 ? SD  ? A MET 10 SD  
4 1 Y 1 R MET 11 ? CE  ? A MET 10 CE  
5 1 Y 1 R GLU 74 ? CG  ? A GLU 73 CG  
6 1 Y 1 R GLU 74 ? CD  ? A GLU 73 CD  
7 1 Y 1 R GLU 74 ? OE1 ? A GLU 73 OE1 
8 1 Y 1 R GLU 74 ? OE2 ? A GLU 73 OE2 
# 
loop_
_pdbx_unobs_or_zero_occ_residues.id 
_pdbx_unobs_or_zero_occ_residues.PDB_model_num 
_pdbx_unobs_or_zero_occ_residues.polymer_flag 
_pdbx_unobs_or_zero_occ_residues.occupancy_flag 
_pdbx_unobs_or_zero_occ_residues.auth_asym_id 
_pdbx_unobs_or_zero_occ_residues.auth_comp_id 
_pdbx_unobs_or_zero_occ_residues.auth_seq_id 
_pdbx_unobs_or_zero_occ_residues.PDB_ins_code 
_pdbx_unobs_or_zero_occ_residues.label_asym_id 
_pdbx_unobs_or_zero_occ_residues.label_comp_id 
_pdbx_unobs_or_zero_occ_residues.label_seq_id 
1 1 Y 1 R ALA 2 ? A ALA 1 
2 1 Y 1 R GLN 3 ? A GLN 2 
3 1 Y 1 R GLN 4 ? A GLN 3 
# 
loop_
_chem_comp_atom.comp_id 
_chem_comp_atom.atom_id 
_chem_comp_atom.type_symbol 
_chem_comp_atom.pdbx_aromatic_flag 
_chem_comp_atom.pdbx_stereo_config 
_chem_comp_atom.pdbx_ordinal 
ALA N    N  N N 1   
ALA CA   C  N S 2   
ALA C    C  N N 3   
ALA O    O  N N 4   
ALA CB   C  N N 5   
ALA OXT  O  N N 6   
ALA H    H  N N 7   
ALA H2   H  N N 8   
ALA HA   H  N N 9   
ALA HB1  H  N N 10  
ALA HB2  H  N N 11  
ALA HB3  H  N N 12  
ALA HXT  H  N N 13  
ARG N    N  N N 14  
ARG CA   C  N S 15  
ARG C    C  N N 16  
ARG O    O  N N 17  
ARG CB   C  N N 18  
ARG CG   C  N N 19  
ARG CD   C  N N 20  
ARG NE   N  N N 21  
ARG CZ   C  N N 22  
ARG NH1  N  N N 23  
ARG NH2  N  N N 24  
ARG OXT  O  N N 25  
ARG H    H  N N 26  
ARG H2   H  N N 27  
ARG HA   H  N N 28  
ARG HB2  H  N N 29  
ARG HB3  H  N N 30  
ARG HG2  H  N N 31  
ARG HG3  H  N N 32  
ARG HD2  H  N N 33  
ARG HD3  H  N N 34  
ARG HE   H  N N 35  
ARG HH11 H  N N 36  
ARG HH12 H  N N 37  
ARG HH21 H  N N 38  
ARG HH22 H  N N 39  
ARG HXT  H  N N 40  
ASN N    N  N N 41  
ASN CA   C  N S 42  
ASN C    C  N N 43  
ASN O    O  N N 44  
ASN CB   C  N N 45  
ASN CG   C  N N 46  
ASN OD1  O  N N 47  
ASN ND2  N  N N 48  
ASN OXT  O  N N 49  
ASN H    H  N N 50  
ASN H2   H  N N 51  
ASN HA   H  N N 52  
ASN HB2  H  N N 53  
ASN HB3  H  N N 54  
ASN HD21 H  N N 55  
ASN HD22 H  N N 56  
ASN HXT  H  N N 57  
ASP N    N  N N 58  
ASP CA   C  N S 59  
ASP C    C  N N 60  
ASP O    O  N N 61  
ASP CB   C  N N 62  
ASP CG   C  N N 63  
ASP OD1  O  N N 64  
ASP OD2  O  N N 65  
ASP OXT  O  N N 66  
ASP H    H  N N 67  
ASP H2   H  N N 68  
ASP HA   H  N N 69  
ASP HB2  H  N N 70  
ASP HB3  H  N N 71  
ASP HD2  H  N N 72  
ASP HXT  H  N N 73  
GLN N    N  N N 74  
GLN CA   C  N S 75  
GLN C    C  N N 76  
GLN O    O  N N 77  
GLN CB   C  N N 78  
GLN CG   C  N N 79  
GLN CD   C  N N 80  
GLN OE1  O  N N 81  
GLN NE2  N  N N 82  
GLN OXT  O  N N 83  
GLN H    H  N N 84  
GLN H2   H  N N 85  
GLN HA   H  N N 86  
GLN HB2  H  N N 87  
GLN HB3  H  N N 88  
GLN HG2  H  N N 89  
GLN HG3  H  N N 90  
GLN HE21 H  N N 91  
GLN HE22 H  N N 92  
GLN HXT  H  N N 93  
GLU N    N  N N 94  
GLU CA   C  N S 95  
GLU C    C  N N 96  
GLU O    O  N N 97  
GLU CB   C  N N 98  
GLU CG   C  N N 99  
GLU CD   C  N N 100 
GLU OE1  O  N N 101 
GLU OE2  O  N N 102 
GLU OXT  O  N N 103 
GLU H    H  N N 104 
GLU H2   H  N N 105 
GLU HA   H  N N 106 
GLU HB2  H  N N 107 
GLU HB3  H  N N 108 
GLU HG2  H  N N 109 
GLU HG3  H  N N 110 
GLU HE2  H  N N 111 
GLU HXT  H  N N 112 
GLY N    N  N N 113 
GLY CA   C  N N 114 
GLY C    C  N N 115 
GLY O    O  N N 116 
GLY OXT  O  N N 117 
GLY H    H  N N 118 
GLY H2   H  N N 119 
GLY HA2  H  N N 120 
GLY HA3  H  N N 121 
GLY HXT  H  N N 122 
HIS N    N  N N 123 
HIS CA   C  N S 124 
HIS C    C  N N 125 
HIS O    O  N N 126 
HIS CB   C  N N 127 
HIS CG   C  Y N 128 
HIS ND1  N  Y N 129 
HIS CD2  C  Y N 130 
HIS CE1  C  Y N 131 
HIS NE2  N  Y N 132 
HIS OXT  O  N N 133 
HIS H    H  N N 134 
HIS H2   H  N N 135 
HIS HA   H  N N 136 
HIS HB2  H  N N 137 
HIS HB3  H  N N 138 
HIS HD1  H  N N 139 
HIS HD2  H  N N 140 
HIS HE1  H  N N 141 
HIS HE2  H  N N 142 
HIS HXT  H  N N 143 
HOH O    O  N N 144 
HOH H1   H  N N 145 
HOH H2   H  N N 146 
ILE N    N  N N 147 
ILE CA   C  N S 148 
ILE C    C  N N 149 
ILE O    O  N N 150 
ILE CB   C  N S 151 
ILE CG1  C  N N 152 
ILE CG2  C  N N 153 
ILE CD1  C  N N 154 
ILE OXT  O  N N 155 
ILE H    H  N N 156 
ILE H2   H  N N 157 
ILE HA   H  N N 158 
ILE HB   H  N N 159 
ILE HG12 H  N N 160 
ILE HG13 H  N N 161 
ILE HG21 H  N N 162 
ILE HG22 H  N N 163 
ILE HG23 H  N N 164 
ILE HD11 H  N N 165 
ILE HD12 H  N N 166 
ILE HD13 H  N N 167 
ILE HXT  H  N N 168 
LEU N    N  N N 169 
LEU CA   C  N S 170 
LEU C    C  N N 171 
LEU O    O  N N 172 
LEU CB   C  N N 173 
LEU CG   C  N N 174 
LEU CD1  C  N N 175 
LEU CD2  C  N N 176 
LEU OXT  O  N N 177 
LEU H    H  N N 178 
LEU H2   H  N N 179 
LEU HA   H  N N 180 
LEU HB2  H  N N 181 
LEU HB3  H  N N 182 
LEU HG   H  N N 183 
LEU HD11 H  N N 184 
LEU HD12 H  N N 185 
LEU HD13 H  N N 186 
LEU HD21 H  N N 187 
LEU HD22 H  N N 188 
LEU HD23 H  N N 189 
LEU HXT  H  N N 190 
LYS N    N  N N 191 
LYS CA   C  N S 192 
LYS C    C  N N 193 
LYS O    O  N N 194 
LYS CB   C  N N 195 
LYS CG   C  N N 196 
LYS CD   C  N N 197 
LYS CE   C  N N 198 
LYS NZ   N  N N 199 
LYS OXT  O  N N 200 
LYS H    H  N N 201 
LYS H2   H  N N 202 
LYS HA   H  N N 203 
LYS HB2  H  N N 204 
LYS HB3  H  N N 205 
LYS HG2  H  N N 206 
LYS HG3  H  N N 207 
LYS HD2  H  N N 208 
LYS HD3  H  N N 209 
LYS HE2  H  N N 210 
LYS HE3  H  N N 211 
LYS HZ1  H  N N 212 
LYS HZ2  H  N N 213 
LYS HZ3  H  N N 214 
LYS HXT  H  N N 215 
MET N    N  N N 216 
MET CA   C  N S 217 
MET C    C  N N 218 
MET O    O  N N 219 
MET CB   C  N N 220 
MET CG   C  N N 221 
MET SD   S  N N 222 
MET CE   C  N N 223 
MET OXT  O  N N 224 
MET H    H  N N 225 
MET H2   H  N N 226 
MET HA   H  N N 227 
MET HB2  H  N N 228 
MET HB3  H  N N 229 
MET HG2  H  N N 230 
MET HG3  H  N N 231 
MET HE1  H  N N 232 
MET HE2  H  N N 233 
MET HE3  H  N N 234 
MET HXT  H  N N 235 
NA  NA   NA N N 236 
PHE N    N  N N 237 
PHE CA   C  N S 238 
PHE C    C  N N 239 
PHE O    O  N N 240 
PHE CB   C  N N 241 
PHE CG   C  Y N 242 
PHE CD1  C  Y N 243 
PHE CD2  C  Y N 244 
PHE CE1  C  Y N 245 
PHE CE2  C  Y N 246 
PHE CZ   C  Y N 247 
PHE OXT  O  N N 248 
PHE H    H  N N 249 
PHE H2   H  N N 250 
PHE HA   H  N N 251 
PHE HB2  H  N N 252 
PHE HB3  H  N N 253 
PHE HD1  H  N N 254 
PHE HD2  H  N N 255 
PHE HE1  H  N N 256 
PHE HE2  H  N N 257 
PHE HZ   H  N N 258 
PHE HXT  H  N N 259 
PRO N    N  N N 260 
PRO CA   C  N S 261 
PRO C    C  N N 262 
PRO O    O  N N 263 
PRO CB   C  N N 264 
PRO CG   C  N N 265 
PRO CD   C  N N 266 
PRO OXT  O  N N 267 
PRO H    H  N N 268 
PRO HA   H  N N 269 
PRO HB2  H  N N 270 
PRO HB3  H  N N 271 
PRO HG2  H  N N 272 
PRO HG3  H  N N 273 
PRO HD2  H  N N 274 
PRO HD3  H  N N 275 
PRO HXT  H  N N 276 
SER N    N  N N 277 
SER CA   C  N S 278 
SER C    C  N N 279 
SER O    O  N N 280 
SER CB   C  N N 281 
SER OG   O  N N 282 
SER OXT  O  N N 283 
SER H    H  N N 284 
SER H2   H  N N 285 
SER HA   H  N N 286 
SER HB2  H  N N 287 
SER HB3  H  N N 288 
SER HG   H  N N 289 
SER HXT  H  N N 290 
SO4 S    S  N N 291 
SO4 O1   O  N N 292 
SO4 O2   O  N N 293 
SO4 O3   O  N N 294 
SO4 O4   O  N N 295 
THR N    N  N N 296 
THR CA   C  N S 297 
THR C    C  N N 298 
THR O    O  N N 299 
THR CB   C  N R 300 
THR OG1  O  N N 301 
THR CG2  C  N N 302 
THR OXT  O  N N 303 
THR H    H  N N 304 
THR H2   H  N N 305 
THR HA   H  N N 306 
THR HB   H  N N 307 
THR HG1  H  N N 308 
THR HG21 H  N N 309 
THR HG22 H  N N 310 
THR HG23 H  N N 311 
THR HXT  H  N N 312 
TRP N    N  N N 313 
TRP CA   C  N S 314 
TRP C    C  N N 315 
TRP O    O  N N 316 
TRP CB   C  N N 317 
TRP CG   C  Y N 318 
TRP CD1  C  Y N 319 
TRP CD2  C  Y N 320 
TRP NE1  N  Y N 321 
TRP CE2  C  Y N 322 
TRP CE3  C  Y N 323 
TRP CZ2  C  Y N 324 
TRP CZ3  C  Y N 325 
TRP CH2  C  Y N 326 
TRP OXT  O  N N 327 
TRP H    H  N N 328 
TRP H2   H  N N 329 
TRP HA   H  N N 330 
TRP HB2  H  N N 331 
TRP HB3  H  N N 332 
TRP HD1  H  N N 333 
TRP HE1  H  N N 334 
TRP HE3  H  N N 335 
TRP HZ2  H  N N 336 
TRP HZ3  H  N N 337 
TRP HH2  H  N N 338 
TRP HXT  H  N N 339 
TYR N    N  N N 340 
TYR CA   C  N S 341 
TYR C    C  N N 342 
TYR O    O  N N 343 
TYR CB   C  N N 344 
TYR CG   C  Y N 345 
TYR CD1  C  Y N 346 
TYR CD2  C  Y N 347 
TYR CE1  C  Y N 348 
TYR CE2  C  Y N 349 
TYR CZ   C  Y N 350 
TYR OH   O  N N 351 
TYR OXT  O  N N 352 
TYR H    H  N N 353 
TYR H2   H  N N 354 
TYR HA   H  N N 355 
TYR HB2  H  N N 356 
TYR HB3  H  N N 357 
TYR HD1  H  N N 358 
TYR HD2  H  N N 359 
TYR HE1  H  N N 360 
TYR HE2  H  N N 361 
TYR HH   H  N N 362 
TYR HXT  H  N N 363 
VAL N    N  N N 364 
VAL CA   C  N S 365 
VAL C    C  N N 366 
VAL O    O  N N 367 
VAL CB   C  N N 368 
VAL CG1  C  N N 369 
VAL CG2  C  N N 370 
VAL OXT  O  N N 371 
VAL H    H  N N 372 
VAL H2   H  N N 373 
VAL HA   H  N N 374 
VAL HB   H  N N 375 
VAL HG11 H  N N 376 
VAL HG12 H  N N 377 
VAL HG13 H  N N 378 
VAL HG21 H  N N 379 
VAL HG22 H  N N 380 
VAL HG23 H  N N 381 
VAL HXT  H  N N 382 
# 
loop_
_chem_comp_bond.comp_id 
_chem_comp_bond.atom_id_1 
_chem_comp_bond.atom_id_2 
_chem_comp_bond.value_order 
_chem_comp_bond.pdbx_aromatic_flag 
_chem_comp_bond.pdbx_stereo_config 
_chem_comp_bond.pdbx_ordinal 
ALA N   CA   sing N N 1   
ALA N   H    sing N N 2   
ALA N   H2   sing N N 3   
ALA CA  C    sing N N 4   
ALA CA  CB   sing N N 5   
ALA CA  HA   sing N N 6   
ALA C   O    doub N N 7   
ALA C   OXT  sing N N 8   
ALA CB  HB1  sing N N 9   
ALA CB  HB2  sing N N 10  
ALA CB  HB3  sing N N 11  
ALA OXT HXT  sing N N 12  
ARG N   CA   sing N N 13  
ARG N   H    sing N N 14  
ARG N   H2   sing N N 15  
ARG CA  C    sing N N 16  
ARG CA  CB   sing N N 17  
ARG CA  HA   sing N N 18  
ARG C   O    doub N N 19  
ARG C   OXT  sing N N 20  
ARG CB  CG   sing N N 21  
ARG CB  HB2  sing N N 22  
ARG CB  HB3  sing N N 23  
ARG CG  CD   sing N N 24  
ARG CG  HG2  sing N N 25  
ARG CG  HG3  sing N N 26  
ARG CD  NE   sing N N 27  
ARG CD  HD2  sing N N 28  
ARG CD  HD3  sing N N 29  
ARG NE  CZ   sing N N 30  
ARG NE  HE   sing N N 31  
ARG CZ  NH1  sing N N 32  
ARG CZ  NH2  doub N N 33  
ARG NH1 HH11 sing N N 34  
ARG NH1 HH12 sing N N 35  
ARG NH2 HH21 sing N N 36  
ARG NH2 HH22 sing N N 37  
ARG OXT HXT  sing N N 38  
ASN N   CA   sing N N 39  
ASN N   H    sing N N 40  
ASN N   H2   sing N N 41  
ASN CA  C    sing N N 42  
ASN CA  CB   sing N N 43  
ASN CA  HA   sing N N 44  
ASN C   O    doub N N 45  
ASN C   OXT  sing N N 46  
ASN CB  CG   sing N N 47  
ASN CB  HB2  sing N N 48  
ASN CB  HB3  sing N N 49  
ASN CG  OD1  doub N N 50  
ASN CG  ND2  sing N N 51  
ASN ND2 HD21 sing N N 52  
ASN ND2 HD22 sing N N 53  
ASN OXT HXT  sing N N 54  
ASP N   CA   sing N N 55  
ASP N   H    sing N N 56  
ASP N   H2   sing N N 57  
ASP CA  C    sing N N 58  
ASP CA  CB   sing N N 59  
ASP CA  HA   sing N N 60  
ASP C   O    doub N N 61  
ASP C   OXT  sing N N 62  
ASP CB  CG   sing N N 63  
ASP CB  HB2  sing N N 64  
ASP CB  HB3  sing N N 65  
ASP CG  OD1  doub N N 66  
ASP CG  OD2  sing N N 67  
ASP OD2 HD2  sing N N 68  
ASP OXT HXT  sing N N 69  
GLN N   CA   sing N N 70  
GLN N   H    sing N N 71  
GLN N   H2   sing N N 72  
GLN CA  C    sing N N 73  
GLN CA  CB   sing N N 74  
GLN CA  HA   sing N N 75  
GLN C   O    doub N N 76  
GLN C   OXT  sing N N 77  
GLN CB  CG   sing N N 78  
GLN CB  HB2  sing N N 79  
GLN CB  HB3  sing N N 80  
GLN CG  CD   sing N N 81  
GLN CG  HG2  sing N N 82  
GLN CG  HG3  sing N N 83  
GLN CD  OE1  doub N N 84  
GLN CD  NE2  sing N N 85  
GLN NE2 HE21 sing N N 86  
GLN NE2 HE22 sing N N 87  
GLN OXT HXT  sing N N 88  
GLU N   CA   sing N N 89  
GLU N   H    sing N N 90  
GLU N   H2   sing N N 91  
GLU CA  C    sing N N 92  
GLU CA  CB   sing N N 93  
GLU CA  HA   sing N N 94  
GLU C   O    doub N N 95  
GLU C   OXT  sing N N 96  
GLU CB  CG   sing N N 97  
GLU CB  HB2  sing N N 98  
GLU CB  HB3  sing N N 99  
GLU CG  CD   sing N N 100 
GLU CG  HG2  sing N N 101 
GLU CG  HG3  sing N N 102 
GLU CD  OE1  doub N N 103 
GLU CD  OE2  sing N N 104 
GLU OE2 HE2  sing N N 105 
GLU OXT HXT  sing N N 106 
GLY N   CA   sing N N 107 
GLY N   H    sing N N 108 
GLY N   H2   sing N N 109 
GLY CA  C    sing N N 110 
GLY CA  HA2  sing N N 111 
GLY CA  HA3  sing N N 112 
GLY C   O    doub N N 113 
GLY C   OXT  sing N N 114 
GLY OXT HXT  sing N N 115 
HIS N   CA   sing N N 116 
HIS N   H    sing N N 117 
HIS N   H2   sing N N 118 
HIS CA  C    sing N N 119 
HIS CA  CB   sing N N 120 
HIS CA  HA   sing N N 121 
HIS C   O    doub N N 122 
HIS C   OXT  sing N N 123 
HIS CB  CG   sing N N 124 
HIS CB  HB2  sing N N 125 
HIS CB  HB3  sing N N 126 
HIS CG  ND1  sing Y N 127 
HIS CG  CD2  doub Y N 128 
HIS ND1 CE1  doub Y N 129 
HIS ND1 HD1  sing N N 130 
HIS CD2 NE2  sing Y N 131 
HIS CD2 HD2  sing N N 132 
HIS CE1 NE2  sing Y N 133 
HIS CE1 HE1  sing N N 134 
HIS NE2 HE2  sing N N 135 
HIS OXT HXT  sing N N 136 
HOH O   H1   sing N N 137 
HOH O   H2   sing N N 138 
ILE N   CA   sing N N 139 
ILE N   H    sing N N 140 
ILE N   H2   sing N N 141 
ILE CA  C    sing N N 142 
ILE CA  CB   sing N N 143 
ILE CA  HA   sing N N 144 
ILE C   O    doub N N 145 
ILE C   OXT  sing N N 146 
ILE CB  CG1  sing N N 147 
ILE CB  CG2  sing N N 148 
ILE CB  HB   sing N N 149 
ILE CG1 CD1  sing N N 150 
ILE CG1 HG12 sing N N 151 
ILE CG1 HG13 sing N N 152 
ILE CG2 HG21 sing N N 153 
ILE CG2 HG22 sing N N 154 
ILE CG2 HG23 sing N N 155 
ILE CD1 HD11 sing N N 156 
ILE CD1 HD12 sing N N 157 
ILE CD1 HD13 sing N N 158 
ILE OXT HXT  sing N N 159 
LEU N   CA   sing N N 160 
LEU N   H    sing N N 161 
LEU N   H2   sing N N 162 
LEU CA  C    sing N N 163 
LEU CA  CB   sing N N 164 
LEU CA  HA   sing N N 165 
LEU C   O    doub N N 166 
LEU C   OXT  sing N N 167 
LEU CB  CG   sing N N 168 
LEU CB  HB2  sing N N 169 
LEU CB  HB3  sing N N 170 
LEU CG  CD1  sing N N 171 
LEU CG  CD2  sing N N 172 
LEU CG  HG   sing N N 173 
LEU CD1 HD11 sing N N 174 
LEU CD1 HD12 sing N N 175 
LEU CD1 HD13 sing N N 176 
LEU CD2 HD21 sing N N 177 
LEU CD2 HD22 sing N N 178 
LEU CD2 HD23 sing N N 179 
LEU OXT HXT  sing N N 180 
LYS N   CA   sing N N 181 
LYS N   H    sing N N 182 
LYS N   H2   sing N N 183 
LYS CA  C    sing N N 184 
LYS CA  CB   sing N N 185 
LYS CA  HA   sing N N 186 
LYS C   O    doub N N 187 
LYS C   OXT  sing N N 188 
LYS CB  CG   sing N N 189 
LYS CB  HB2  sing N N 190 
LYS CB  HB3  sing N N 191 
LYS CG  CD   sing N N 192 
LYS CG  HG2  sing N N 193 
LYS CG  HG3  sing N N 194 
LYS CD  CE   sing N N 195 
LYS CD  HD2  sing N N 196 
LYS CD  HD3  sing N N 197 
LYS CE  NZ   sing N N 198 
LYS CE  HE2  sing N N 199 
LYS CE  HE3  sing N N 200 
LYS NZ  HZ1  sing N N 201 
LYS NZ  HZ2  sing N N 202 
LYS NZ  HZ3  sing N N 203 
LYS OXT HXT  sing N N 204 
MET N   CA   sing N N 205 
MET N   H    sing N N 206 
MET N   H2   sing N N 207 
MET CA  C    sing N N 208 
MET CA  CB   sing N N 209 
MET CA  HA   sing N N 210 
MET C   O    doub N N 211 
MET C   OXT  sing N N 212 
MET CB  CG   sing N N 213 
MET CB  HB2  sing N N 214 
MET CB  HB3  sing N N 215 
MET CG  SD   sing N N 216 
MET CG  HG2  sing N N 217 
MET CG  HG3  sing N N 218 
MET SD  CE   sing N N 219 
MET CE  HE1  sing N N 220 
MET CE  HE2  sing N N 221 
MET CE  HE3  sing N N 222 
MET OXT HXT  sing N N 223 
PHE N   CA   sing N N 224 
PHE N   H    sing N N 225 
PHE N   H2   sing N N 226 
PHE CA  C    sing N N 227 
PHE CA  CB   sing N N 228 
PHE CA  HA   sing N N 229 
PHE C   O    doub N N 230 
PHE C   OXT  sing N N 231 
PHE CB  CG   sing N N 232 
PHE CB  HB2  sing N N 233 
PHE CB  HB3  sing N N 234 
PHE CG  CD1  doub Y N 235 
PHE CG  CD2  sing Y N 236 
PHE CD1 CE1  sing Y N 237 
PHE CD1 HD1  sing N N 238 
PHE CD2 CE2  doub Y N 239 
PHE CD2 HD2  sing N N 240 
PHE CE1 CZ   doub Y N 241 
PHE CE1 HE1  sing N N 242 
PHE CE2 CZ   sing Y N 243 
PHE CE2 HE2  sing N N 244 
PHE CZ  HZ   sing N N 245 
PHE OXT HXT  sing N N 246 
PRO N   CA   sing N N 247 
PRO N   CD   sing N N 248 
PRO N   H    sing N N 249 
PRO CA  C    sing N N 250 
PRO CA  CB   sing N N 251 
PRO CA  HA   sing N N 252 
PRO C   O    doub N N 253 
PRO C   OXT  sing N N 254 
PRO CB  CG   sing N N 255 
PRO CB  HB2  sing N N 256 
PRO CB  HB3  sing N N 257 
PRO CG  CD   sing N N 258 
PRO CG  HG2  sing N N 259 
PRO CG  HG3  sing N N 260 
PRO CD  HD2  sing N N 261 
PRO CD  HD3  sing N N 262 
PRO OXT HXT  sing N N 263 
SER N   CA   sing N N 264 
SER N   H    sing N N 265 
SER N   H2   sing N N 266 
SER CA  C    sing N N 267 
SER CA  CB   sing N N 268 
SER CA  HA   sing N N 269 
SER C   O    doub N N 270 
SER C   OXT  sing N N 271 
SER CB  OG   sing N N 272 
SER CB  HB2  sing N N 273 
SER CB  HB3  sing N N 274 
SER OG  HG   sing N N 275 
SER OXT HXT  sing N N 276 
SO4 S   O1   doub N N 277 
SO4 S   O2   doub N N 278 
SO4 S   O3   sing N N 279 
SO4 S   O4   sing N N 280 
THR N   CA   sing N N 281 
THR N   H    sing N N 282 
THR N   H2   sing N N 283 
THR CA  C    sing N N 284 
THR CA  CB   sing N N 285 
THR CA  HA   sing N N 286 
THR C   O    doub N N 287 
THR C   OXT  sing N N 288 
THR CB  OG1  sing N N 289 
THR CB  CG2  sing N N 290 
THR CB  HB   sing N N 291 
THR OG1 HG1  sing N N 292 
THR CG2 HG21 sing N N 293 
THR CG2 HG22 sing N N 294 
THR CG2 HG23 sing N N 295 
THR OXT HXT  sing N N 296 
TRP N   CA   sing N N 297 
TRP N   H    sing N N 298 
TRP N   H2   sing N N 299 
TRP CA  C    sing N N 300 
TRP CA  CB   sing N N 301 
TRP CA  HA   sing N N 302 
TRP C   O    doub N N 303 
TRP C   OXT  sing N N 304 
TRP CB  CG   sing N N 305 
TRP CB  HB2  sing N N 306 
TRP CB  HB3  sing N N 307 
TRP CG  CD1  doub Y N 308 
TRP CG  CD2  sing Y N 309 
TRP CD1 NE1  sing Y N 310 
TRP CD1 HD1  sing N N 311 
TRP CD2 CE2  doub Y N 312 
TRP CD2 CE3  sing Y N 313 
TRP NE1 CE2  sing Y N 314 
TRP NE1 HE1  sing N N 315 
TRP CE2 CZ2  sing Y N 316 
TRP CE3 CZ3  doub Y N 317 
TRP CE3 HE3  sing N N 318 
TRP CZ2 CH2  doub Y N 319 
TRP CZ2 HZ2  sing N N 320 
TRP CZ3 CH2  sing Y N 321 
TRP CZ3 HZ3  sing N N 322 
TRP CH2 HH2  sing N N 323 
TRP OXT HXT  sing N N 324 
TYR N   CA   sing N N 325 
TYR N   H    sing N N 326 
TYR N   H2   sing N N 327 
TYR CA  C    sing N N 328 
TYR CA  CB   sing N N 329 
TYR CA  HA   sing N N 330 
TYR C   O    doub N N 331 
TYR C   OXT  sing N N 332 
TYR CB  CG   sing N N 333 
TYR CB  HB2  sing N N 334 
TYR CB  HB3  sing N N 335 
TYR CG  CD1  doub Y N 336 
TYR CG  CD2  sing Y N 337 
TYR CD1 CE1  sing Y N 338 
TYR CD1 HD1  sing N N 339 
TYR CD2 CE2  doub Y N 340 
TYR CD2 HD2  sing N N 341 
TYR CE1 CZ   doub Y N 342 
TYR CE1 HE1  sing N N 343 
TYR CE2 CZ   sing Y N 344 
TYR CE2 HE2  sing N N 345 
TYR CZ  OH   sing N N 346 
TYR OH  HH   sing N N 347 
TYR OXT HXT  sing N N 348 
VAL N   CA   sing N N 349 
VAL N   H    sing N N 350 
VAL N   H2   sing N N 351 
VAL CA  C    sing N N 352 
VAL CA  CB   sing N N 353 
VAL CA  HA   sing N N 354 
VAL C   O    doub N N 355 
VAL C   OXT  sing N N 356 
VAL CB  CG1  sing N N 357 
VAL CB  CG2  sing N N 358 
VAL CB  HB   sing N N 359 
VAL CG1 HG11 sing N N 360 
VAL CG1 HG12 sing N N 361 
VAL CG1 HG13 sing N N 362 
VAL CG2 HG21 sing N N 363 
VAL CG2 HG22 sing N N 364 
VAL CG2 HG23 sing N N 365 
VAL OXT HXT  sing N N 366 
# 
loop_
_pdbx_entity_nonpoly.entity_id 
_pdbx_entity_nonpoly.name 
_pdbx_entity_nonpoly.comp_id 
2 'SODIUM ION'  NA  
3 'SULFATE ION' SO4 
4 TRYPTOPHAN    TRP 
5 water         HOH 
# 
_pdbx_initial_refinement_model.id               1 
_pdbx_initial_refinement_model.entity_id_list   ? 
_pdbx_initial_refinement_model.type             'experimental model' 
_pdbx_initial_refinement_model.source_name      PDB 
_pdbx_initial_refinement_model.accession_code   1WRP 
_pdbx_initial_refinement_model.details          '1wrp dimer' 
# 
